data_7TN4
# 
_entry.id   7TN4 
# 
_audit_conform.dict_name       mmcif_pdbx.dic 
_audit_conform.dict_version    5.380 
_audit_conform.dict_location   http://mmcif.pdb.org/dictionaries/ascii/mmcif_pdbx.dic 
# 
loop_
_database_2.database_id 
_database_2.database_code 
_database_2.pdbx_database_accession 
_database_2.pdbx_DOI 
PDB   7TN4         pdb_00007tn4 10.2210/pdb7tn4/pdb 
WWPDB D_1000262532 ?            ?                   
# 
_pdbx_database_status.status_code                     REL 
_pdbx_database_status.status_code_sf                  REL 
_pdbx_database_status.status_code_mr                  ? 
_pdbx_database_status.entry_id                        7TN4 
_pdbx_database_status.recvd_initial_deposition_date   2022-01-20 
_pdbx_database_status.SG_entry                        N 
_pdbx_database_status.deposit_site                    RCSB 
_pdbx_database_status.process_site                    RCSB 
_pdbx_database_status.status_code_cs                  ? 
_pdbx_database_status.status_code_nmr_data            ? 
_pdbx_database_status.methods_development_category    ? 
_pdbx_database_status.pdb_format_compatible           Y 
# 
loop_
_audit_author.name 
_audit_author.pdbx_ordinal 
_audit_author.identifier_ORCID 
'Zong, G.'     1 0000-0001-6019-5741 
'Wang, H.'     2 0000-0003-2701-7155 
'Shears, S.B.' 3 0000-0001-7309-8916 
# 
_citation.abstract                  ? 
_citation.abstract_id_CAS           ? 
_citation.book_id_ISBN              ? 
_citation.book_publisher            ? 
_citation.book_publisher_city       ? 
_citation.book_title                ? 
_citation.coordinate_linkage        ? 
_citation.country                   US 
_citation.database_id_Medline       ? 
_citation.details                   ? 
_citation.id                        primary 
_citation.journal_abbrev            'Faseb J.' 
_citation.journal_id_ASTM           FAJOEC 
_citation.journal_id_CSD            2074 
_citation.journal_id_ISSN           1530-6860 
_citation.journal_full              ? 
_citation.journal_issue             ? 
_citation.journal_volume            36 
_citation.language                  ? 
_citation.page_first                e22380 
_citation.page_last                 e22380 
_citation.title                     'Structural and catalytic analyses of the InsP 6 kinase activities of higher plant ITPKs.' 
_citation.year                      2022 
_citation.database_id_CSD           ? 
_citation.pdbx_database_id_DOI      10.1096/fj.202200393R 
_citation.pdbx_database_id_PubMed   35635723 
_citation.pdbx_database_id_patent   ? 
_citation.unpublished_flag          ? 
# 
loop_
_citation_author.citation_id 
_citation_author.name 
_citation_author.ordinal 
_citation_author.identifier_ORCID 
primary 'Zong, G.'     1 ? 
primary 'Shears, S.B.' 2 ? 
primary 'Wang, H.'     3 ? 
# 
_cell.angle_alpha                  90.000 
_cell.angle_alpha_esd              ? 
_cell.angle_beta                   90.000 
_cell.angle_beta_esd               ? 
_cell.angle_gamma                  90.000 
_cell.angle_gamma_esd              ? 
_cell.entry_id                     7TN4 
_cell.details                      ? 
_cell.formula_units_Z              ? 
_cell.length_a                     45.149 
_cell.length_a_esd                 ? 
_cell.length_b                     59.743 
_cell.length_b_esd                 ? 
_cell.length_c                     62.769 
_cell.length_c_esd                 ? 
_cell.volume                       ? 
_cell.volume_esd                   ? 
_cell.Z_PDB                        4 
_cell.reciprocal_angle_alpha       ? 
_cell.reciprocal_angle_beta        ? 
_cell.reciprocal_angle_gamma       ? 
_cell.reciprocal_angle_alpha_esd   ? 
_cell.reciprocal_angle_beta_esd    ? 
_cell.reciprocal_angle_gamma_esd   ? 
_cell.reciprocal_length_a          ? 
_cell.reciprocal_length_b          ? 
_cell.reciprocal_length_c          ? 
_cell.reciprocal_length_a_esd      ? 
_cell.reciprocal_length_b_esd      ? 
_cell.reciprocal_length_c_esd      ? 
_cell.pdbx_unique_axis             ? 
# 
_symmetry.entry_id                         7TN4 
_symmetry.cell_setting                     ? 
_symmetry.Int_Tables_number                19 
_symmetry.space_group_name_Hall            ? 
_symmetry.space_group_name_H-M             'P 21 21 21' 
_symmetry.pdbx_full_space_group_name_H-M   ? 
# 
loop_
_entity.id 
_entity.type 
_entity.src_method 
_entity.pdbx_description 
_entity.formula_weight 
_entity.pdbx_number_of_molecules 
_entity.pdbx_ec 
_entity.pdbx_mutation 
_entity.pdbx_fragment 
_entity.details 
1 polymer     man 'Diphosphoinositol polyphosphate phosphohydrolase 1'                                             19496.975 1   
3.6.1.52,3.6.1.- ? ? ? 
2 non-polymer syn 'MAGNESIUM ION'                                                                                  24.305    3   ? 
? ? ? 
3 non-polymer syn 'CHLORIDE ION'                                                                                   35.453    2   ? 
? ? ? 
4 non-polymer syn 'FLUORIDE ION'                                                                                   18.998    1   ? 
? ? ? 
5 non-polymer syn '(1R,2S,3R,4R,5S,6S)-4-hydroxy-2,3,5,6-tetrakis(phosphonooxy)cyclohexyl trihydrogen diphosphate' 660.035   1   ? 
? ? ? 
6 water       nat water                                                                                            18.015    134 ? 
? ? ? 
# 
_entity_name_com.entity_id   1 
_entity_name_com.name        
;DIPP-1,Diadenosine 5',5'''-P1,P6-hexaphosphate hydrolase 1,Nucleoside diphosphate-linked moiety X motif 3,Nudix motif 3
;
# 
_entity_poly.entity_id                      1 
_entity_poly.type                           'polypeptide(L)' 
_entity_poly.nstd_linkage                   no 
_entity_poly.nstd_monomer                   no 
_entity_poly.pdbx_seq_one_letter_code       
;MMKLKSNQTRTYDGDGYKKRAACLCFRSESEEEVLLVSSSRHPDRWIVPGGGMEPEEEPSVAAVREVCEEAGVKGTLGRL
VGIFENQERKHRTYVYVLIVTEVLEDWEDSVNIGRKREWFKIEDAIKVLQYHKPVQASYFETLRQGYSANNGTPVVATTY
SVSAQSSMSGIR
;
_entity_poly.pdbx_seq_one_letter_code_can   
;MMKLKSNQTRTYDGDGYKKRAACLCFRSESEEEVLLVSSSRHPDRWIVPGGGMEPEEEPSVAAVREVCEEAGVKGTLGRL
VGIFENQERKHRTYVYVLIVTEVLEDWEDSVNIGRKREWFKIEDAIKVLQYHKPVQASYFETLRQGYSANNGTPVVATTY
SVSAQSSMSGIR
;
_entity_poly.pdbx_strand_id                 A 
_entity_poly.pdbx_target_identifier         ? 
# 
loop_
_entity_poly_seq.entity_id 
_entity_poly_seq.num 
_entity_poly_seq.mon_id 
_entity_poly_seq.hetero 
1 1   MET n 
1 2   MET n 
1 3   LYS n 
1 4   LEU n 
1 5   LYS n 
1 6   SER n 
1 7   ASN n 
1 8   GLN n 
1 9   THR n 
1 10  ARG n 
1 11  THR n 
1 12  TYR n 
1 13  ASP n 
1 14  GLY n 
1 15  ASP n 
1 16  GLY n 
1 17  TYR n 
1 18  LYS n 
1 19  LYS n 
1 20  ARG n 
1 21  ALA n 
1 22  ALA n 
1 23  CYS n 
1 24  LEU n 
1 25  CYS n 
1 26  PHE n 
1 27  ARG n 
1 28  SER n 
1 29  GLU n 
1 30  SER n 
1 31  GLU n 
1 32  GLU n 
1 33  GLU n 
1 34  VAL n 
1 35  LEU n 
1 36  LEU n 
1 37  VAL n 
1 38  SER n 
1 39  SER n 
1 40  SER n 
1 41  ARG n 
1 42  HIS n 
1 43  PRO n 
1 44  ASP n 
1 45  ARG n 
1 46  TRP n 
1 47  ILE n 
1 48  VAL n 
1 49  PRO n 
1 50  GLY n 
1 51  GLY n 
1 52  GLY n 
1 53  MET n 
1 54  GLU n 
1 55  PRO n 
1 56  GLU n 
1 57  GLU n 
1 58  GLU n 
1 59  PRO n 
1 60  SER n 
1 61  VAL n 
1 62  ALA n 
1 63  ALA n 
1 64  VAL n 
1 65  ARG n 
1 66  GLU n 
1 67  VAL n 
1 68  CYS n 
1 69  GLU n 
1 70  GLU n 
1 71  ALA n 
1 72  GLY n 
1 73  VAL n 
1 74  LYS n 
1 75  GLY n 
1 76  THR n 
1 77  LEU n 
1 78  GLY n 
1 79  ARG n 
1 80  LEU n 
1 81  VAL n 
1 82  GLY n 
1 83  ILE n 
1 84  PHE n 
1 85  GLU n 
1 86  ASN n 
1 87  GLN n 
1 88  GLU n 
1 89  ARG n 
1 90  LYS n 
1 91  HIS n 
1 92  ARG n 
1 93  THR n 
1 94  TYR n 
1 95  VAL n 
1 96  TYR n 
1 97  VAL n 
1 98  LEU n 
1 99  ILE n 
1 100 VAL n 
1 101 THR n 
1 102 GLU n 
1 103 VAL n 
1 104 LEU n 
1 105 GLU n 
1 106 ASP n 
1 107 TRP n 
1 108 GLU n 
1 109 ASP n 
1 110 SER n 
1 111 VAL n 
1 112 ASN n 
1 113 ILE n 
1 114 GLY n 
1 115 ARG n 
1 116 LYS n 
1 117 ARG n 
1 118 GLU n 
1 119 TRP n 
1 120 PHE n 
1 121 LYS n 
1 122 ILE n 
1 123 GLU n 
1 124 ASP n 
1 125 ALA n 
1 126 ILE n 
1 127 LYS n 
1 128 VAL n 
1 129 LEU n 
1 130 GLN n 
1 131 TYR n 
1 132 HIS n 
1 133 LYS n 
1 134 PRO n 
1 135 VAL n 
1 136 GLN n 
1 137 ALA n 
1 138 SER n 
1 139 TYR n 
1 140 PHE n 
1 141 GLU n 
1 142 THR n 
1 143 LEU n 
1 144 ARG n 
1 145 GLN n 
1 146 GLY n 
1 147 TYR n 
1 148 SER n 
1 149 ALA n 
1 150 ASN n 
1 151 ASN n 
1 152 GLY n 
1 153 THR n 
1 154 PRO n 
1 155 VAL n 
1 156 VAL n 
1 157 ALA n 
1 158 THR n 
1 159 THR n 
1 160 TYR n 
1 161 SER n 
1 162 VAL n 
1 163 SER n 
1 164 ALA n 
1 165 GLN n 
1 166 SER n 
1 167 SER n 
1 168 MET n 
1 169 SER n 
1 170 GLY n 
1 171 ILE n 
1 172 ARG n 
# 
_entity_src_gen.entity_id                          1 
_entity_src_gen.pdbx_src_id                        1 
_entity_src_gen.pdbx_alt_source_flag               sample 
_entity_src_gen.pdbx_seq_type                      'Biological sequence' 
_entity_src_gen.pdbx_beg_seq_num                   1 
_entity_src_gen.pdbx_end_seq_num                   172 
_entity_src_gen.gene_src_common_name               human 
_entity_src_gen.gene_src_genus                     ? 
_entity_src_gen.pdbx_gene_src_gene                 'NUDT3, DIPP, DIPP1' 
_entity_src_gen.gene_src_species                   ? 
_entity_src_gen.gene_src_strain                    ? 
_entity_src_gen.gene_src_tissue                    ? 
_entity_src_gen.gene_src_tissue_fraction           ? 
_entity_src_gen.gene_src_details                   ? 
_entity_src_gen.pdbx_gene_src_fragment             ? 
_entity_src_gen.pdbx_gene_src_scientific_name      'Homo sapiens' 
_entity_src_gen.pdbx_gene_src_ncbi_taxonomy_id     9606 
_entity_src_gen.pdbx_gene_src_variant              ? 
_entity_src_gen.pdbx_gene_src_cell_line            ? 
_entity_src_gen.pdbx_gene_src_atcc                 ? 
_entity_src_gen.pdbx_gene_src_organ                ? 
_entity_src_gen.pdbx_gene_src_organelle            ? 
_entity_src_gen.pdbx_gene_src_cell                 ? 
_entity_src_gen.pdbx_gene_src_cellular_location    ? 
_entity_src_gen.host_org_common_name               ? 
_entity_src_gen.pdbx_host_org_scientific_name      'Escherichia coli' 
_entity_src_gen.pdbx_host_org_ncbi_taxonomy_id     562 
_entity_src_gen.host_org_genus                     ? 
_entity_src_gen.pdbx_host_org_gene                 ? 
_entity_src_gen.pdbx_host_org_organ                ? 
_entity_src_gen.host_org_species                   ? 
_entity_src_gen.pdbx_host_org_tissue               ? 
_entity_src_gen.pdbx_host_org_tissue_fraction      ? 
_entity_src_gen.pdbx_host_org_strain               ? 
_entity_src_gen.pdbx_host_org_variant              ? 
_entity_src_gen.pdbx_host_org_cell_line            ? 
_entity_src_gen.pdbx_host_org_atcc                 ? 
_entity_src_gen.pdbx_host_org_culture_collection   ? 
_entity_src_gen.pdbx_host_org_cell                 ? 
_entity_src_gen.pdbx_host_org_organelle            ? 
_entity_src_gen.pdbx_host_org_cellular_location    ? 
_entity_src_gen.pdbx_host_org_vector_type          ? 
_entity_src_gen.pdbx_host_org_vector               ? 
_entity_src_gen.host_org_details                   ? 
_entity_src_gen.expression_system_id               ? 
_entity_src_gen.plasmid_name                       ? 
_entity_src_gen.plasmid_details                    ? 
_entity_src_gen.pdbx_description                   ? 
# 
_struct_ref.id                         1 
_struct_ref.db_name                    UNP 
_struct_ref.db_code                    NUDT3_HUMAN 
_struct_ref.pdbx_db_accession          O95989 
_struct_ref.pdbx_db_isoform            ? 
_struct_ref.entity_id                  1 
_struct_ref.pdbx_seq_one_letter_code   
;MMKLKSNQTRTYDGDGYKKRAACLCFRSESEEEVLLVSSSRHPDRWIVPGGGMEPEEEPSVAAVREVCEEAGVKGTLGRL
VGIFENQERKHRTYVYVLIVTEVLEDWEDSVNIGRKREWFKIEDAIKVLQYHKPVQASYFETLRQGYSANNGTPVVATTY
SVSAQSSMSGIR
;
_struct_ref.pdbx_align_begin           1 
# 
_struct_ref_seq.align_id                      1 
_struct_ref_seq.ref_id                        1 
_struct_ref_seq.pdbx_PDB_id_code              7TN4 
_struct_ref_seq.pdbx_strand_id                A 
_struct_ref_seq.seq_align_beg                 1 
_struct_ref_seq.pdbx_seq_align_beg_ins_code   ? 
_struct_ref_seq.seq_align_end                 172 
_struct_ref_seq.pdbx_seq_align_end_ins_code   ? 
_struct_ref_seq.pdbx_db_accession             O95989 
_struct_ref_seq.db_align_beg                  1 
_struct_ref_seq.pdbx_db_align_beg_ins_code    ? 
_struct_ref_seq.db_align_end                  172 
_struct_ref_seq.pdbx_db_align_end_ins_code    ? 
_struct_ref_seq.pdbx_auth_seq_align_beg       1 
_struct_ref_seq.pdbx_auth_seq_align_end       172 
# 
loop_
_chem_comp.id 
_chem_comp.type 
_chem_comp.mon_nstd_flag 
_chem_comp.name 
_chem_comp.pdbx_synonyms 
_chem_comp.formula 
_chem_comp.formula_weight 
ALA 'L-peptide linking' y ALANINE                                                                                          ? 
'C3 H7 N O2'     89.093  
ARG 'L-peptide linking' y ARGININE                                                                                         ? 
'C6 H15 N4 O2 1' 175.209 
ASN 'L-peptide linking' y ASPARAGINE                                                                                       ? 
'C4 H8 N2 O3'    132.118 
ASP 'L-peptide linking' y 'ASPARTIC ACID'                                                                                  ? 
'C4 H7 N O4'     133.103 
CL  non-polymer         . 'CHLORIDE ION'                                                                                   ? 
'Cl -1'          35.453  
CYS 'L-peptide linking' y CYSTEINE                                                                                         ? 
'C3 H7 N O2 S'   121.158 
F   non-polymer         . 'FLUORIDE ION'                                                                                   ? 
'F -1'           18.998  
GLN 'L-peptide linking' y GLUTAMINE                                                                                        ? 
'C5 H10 N2 O3'   146.144 
GLU 'L-peptide linking' y 'GLUTAMIC ACID'                                                                                  ? 
'C5 H9 N O4'     147.129 
GLY 'peptide linking'   y GLYCINE                                                                                          ? 
'C2 H5 N O2'     75.067  
HIS 'L-peptide linking' y HISTIDINE                                                                                        ? 
'C6 H10 N3 O2 1' 156.162 
HOH non-polymer         . WATER                                                                                            ? 
'H2 O'           18.015  
ILE 'L-peptide linking' y ISOLEUCINE                                                                                       ? 
'C6 H13 N O2'    131.173 
LEU 'L-peptide linking' y LEUCINE                                                                                          ? 
'C6 H13 N O2'    131.173 
LYS 'L-peptide linking' y LYSINE                                                                                           ? 
'C6 H15 N2 O2 1' 147.195 
MET 'L-peptide linking' y METHIONINE                                                                                       ? 
'C5 H11 N O2 S'  149.211 
MG  non-polymer         . 'MAGNESIUM ION'                                                                                  ? 
'Mg 2'           24.305  
PHE 'L-peptide linking' y PHENYLALANINE                                                                                    ? 
'C9 H11 N O2'    165.189 
PRO 'L-peptide linking' y PROLINE                                                                                          ? 
'C5 H9 N O2'     115.130 
SER 'L-peptide linking' y SERINE                                                                                           ? 
'C3 H7 N O3'     105.093 
THR 'L-peptide linking' y THREONINE                                                                                        ? 
'C4 H9 N O3'     119.119 
TRP 'L-peptide linking' y TRYPTOPHAN                                                                                       ? 
'C11 H12 N2 O2'  204.225 
TYR 'L-peptide linking' y TYROSINE                                                                                         ? 
'C9 H11 N O3'    181.189 
VAL 'L-peptide linking' y VALINE                                                                                           ? 
'C5 H11 N O2'    117.146 
ZM2 non-polymer         . '(1R,2S,3R,4R,5S,6S)-4-hydroxy-2,3,5,6-tetrakis(phosphonooxy)cyclohexyl trihydrogen diphosphate' ? 
'C6 H18 O24 P6'  660.035 
# 
_exptl.absorpt_coefficient_mu     ? 
_exptl.absorpt_correction_T_max   ? 
_exptl.absorpt_correction_T_min   ? 
_exptl.absorpt_correction_type    ? 
_exptl.absorpt_process_details    ? 
_exptl.entry_id                   7TN4 
_exptl.crystals_number            1 
_exptl.details                    ? 
_exptl.method                     'X-RAY DIFFRACTION' 
_exptl.method_details             ? 
# 
_exptl_crystal.colour                      ? 
_exptl_crystal.density_diffrn              ? 
_exptl_crystal.density_Matthews            2.17 
_exptl_crystal.density_method              ? 
_exptl_crystal.density_percent_sol         43.34 
_exptl_crystal.description                 ? 
_exptl_crystal.F_000                       ? 
_exptl_crystal.id                          1 
_exptl_crystal.preparation                 ? 
_exptl_crystal.size_max                    ? 
_exptl_crystal.size_mid                    ? 
_exptl_crystal.size_min                    ? 
_exptl_crystal.size_rad                    ? 
_exptl_crystal.colour_lustre               ? 
_exptl_crystal.colour_modifier             ? 
_exptl_crystal.colour_primary              ? 
_exptl_crystal.density_meas                ? 
_exptl_crystal.density_meas_esd            ? 
_exptl_crystal.density_meas_gt             ? 
_exptl_crystal.density_meas_lt             ? 
_exptl_crystal.density_meas_temp           ? 
_exptl_crystal.density_meas_temp_esd       ? 
_exptl_crystal.density_meas_temp_gt        ? 
_exptl_crystal.density_meas_temp_lt        ? 
_exptl_crystal.pdbx_crystal_image_url      ? 
_exptl_crystal.pdbx_crystal_image_format   ? 
_exptl_crystal.pdbx_mosaicity              ? 
_exptl_crystal.pdbx_mosaicity_esd          ? 
# 
_exptl_crystal_grow.apparatus       ? 
_exptl_crystal_grow.atmosphere      ? 
_exptl_crystal_grow.crystal_id      1 
_exptl_crystal_grow.details         ? 
_exptl_crystal_grow.method          'VAPOR DIFFUSION, HANGING DROP' 
_exptl_crystal_grow.method_ref      ? 
_exptl_crystal_grow.pH              5.0 
_exptl_crystal_grow.pressure        ? 
_exptl_crystal_grow.pressure_esd    ? 
_exptl_crystal_grow.seeding         ? 
_exptl_crystal_grow.seeding_ref     ? 
_exptl_crystal_grow.temp            293 
_exptl_crystal_grow.temp_details    ? 
_exptl_crystal_grow.temp_esd        ? 
_exptl_crystal_grow.time            ? 
_exptl_crystal_grow.pdbx_details    
;10% w/v PEG8000, 10% v/v isopropanol, 200 mM lithium sulfate, 100 mM sodium acetate, pH 5.0, 5 mM IP6, soaked in 200 mM lithium chloride, 20% w/v PEG8000, 20% v/v isopropanol, 100 mM sodium acetate, pH 5.0, 20 mM magnesium chloride, 100 mM sodium fluoride in presence of ZmITPK1 reaction solution with 1,2,3,4,5-IP5
;
_exptl_crystal_grow.pdbx_pH_range   4-5 
# 
_diffrn.ambient_environment              ? 
_diffrn.ambient_temp                     100 
_diffrn.ambient_temp_details             ? 
_diffrn.ambient_temp_esd                 ? 
_diffrn.crystal_id                       1 
_diffrn.crystal_support                  ? 
_diffrn.crystal_treatment                ? 
_diffrn.details                          ? 
_diffrn.id                               1 
_diffrn.ambient_pressure                 ? 
_diffrn.ambient_pressure_esd             ? 
_diffrn.ambient_pressure_gt              ? 
_diffrn.ambient_pressure_lt              ? 
_diffrn.ambient_temp_gt                  ? 
_diffrn.ambient_temp_lt                  ? 
_diffrn.pdbx_serial_crystal_experiment   N 
# 
_diffrn_detector.details                      ? 
_diffrn_detector.detector                     PIXEL 
_diffrn_detector.diffrn_id                    1 
_diffrn_detector.type                         'DECTRIS EIGER X 16M' 
_diffrn_detector.area_resol_mean              ? 
_diffrn_detector.dtime                        ? 
_diffrn_detector.pdbx_frames_total            ? 
_diffrn_detector.pdbx_collection_time_total   ? 
_diffrn_detector.pdbx_collection_date         2021-02-26 
_diffrn_detector.pdbx_frequency               ? 
# 
_diffrn_radiation.collimation                      ? 
_diffrn_radiation.diffrn_id                        1 
_diffrn_radiation.filter_edge                      ? 
_diffrn_radiation.inhomogeneity                    ? 
_diffrn_radiation.monochromator                    ? 
_diffrn_radiation.polarisn_norm                    ? 
_diffrn_radiation.polarisn_ratio                   ? 
_diffrn_radiation.probe                            ? 
_diffrn_radiation.type                             ? 
_diffrn_radiation.xray_symbol                      ? 
_diffrn_radiation.wavelength_id                    1 
_diffrn_radiation.pdbx_monochromatic_or_laue_m_l   M 
_diffrn_radiation.pdbx_wavelength_list             ? 
_diffrn_radiation.pdbx_wavelength                  ? 
_diffrn_radiation.pdbx_diffrn_protocol             'SINGLE WAVELENGTH' 
_diffrn_radiation.pdbx_analyzer                    ? 
_diffrn_radiation.pdbx_scattering_type             x-ray 
# 
_diffrn_radiation_wavelength.id           1 
_diffrn_radiation_wavelength.wavelength   1.0 
_diffrn_radiation_wavelength.wt           1.0 
# 
_diffrn_source.current                     ? 
_diffrn_source.details                     ? 
_diffrn_source.diffrn_id                   1 
_diffrn_source.power                       ? 
_diffrn_source.size                        ? 
_diffrn_source.source                      SYNCHROTRON 
_diffrn_source.target                      ? 
_diffrn_source.type                        'APS BEAMLINE 22-ID' 
_diffrn_source.voltage                     ? 
_diffrn_source.take-off_angle              ? 
_diffrn_source.pdbx_wavelength_list        1.0 
_diffrn_source.pdbx_wavelength             ? 
_diffrn_source.pdbx_synchrotron_beamline   22-ID 
_diffrn_source.pdbx_synchrotron_site       APS 
# 
_reflns.B_iso_Wilson_estimate                          ? 
_reflns.entry_id                                       7TN4 
_reflns.data_reduction_details                         ? 
_reflns.data_reduction_method                          ? 
_reflns.d_resolution_high                              1.850 
_reflns.d_resolution_low                               50.000 
_reflns.details                                        ? 
_reflns.limit_h_max                                    ? 
_reflns.limit_h_min                                    ? 
_reflns.limit_k_max                                    ? 
_reflns.limit_k_min                                    ? 
_reflns.limit_l_max                                    ? 
_reflns.limit_l_min                                    ? 
_reflns.number_all                                     ? 
_reflns.number_obs                                     14853 
_reflns.observed_criterion                             ? 
_reflns.observed_criterion_F_max                       ? 
_reflns.observed_criterion_F_min                       ? 
_reflns.observed_criterion_I_max                       ? 
_reflns.observed_criterion_I_min                       ? 
_reflns.observed_criterion_sigma_F                     ? 
_reflns.observed_criterion_sigma_I                     ? 
_reflns.percent_possible_obs                           99.500 
_reflns.R_free_details                                 ? 
_reflns.Rmerge_F_all                                   ? 
_reflns.Rmerge_F_obs                                   ? 
_reflns.Friedel_coverage                               ? 
_reflns.number_gt                                      ? 
_reflns.threshold_expression                           ? 
_reflns.pdbx_redundancy                                11.100 
_reflns.pdbx_Rmerge_I_obs                              0.116 
_reflns.pdbx_Rmerge_I_all                              ? 
_reflns.pdbx_Rsym_value                                ? 
_reflns.pdbx_netI_over_av_sigmaI                       ? 
_reflns.pdbx_netI_over_sigmaI                          8.400 
_reflns.pdbx_res_netI_over_av_sigmaI_2                 ? 
_reflns.pdbx_res_netI_over_sigmaI_2                    ? 
_reflns.pdbx_chi_squared                               0.920 
_reflns.pdbx_scaling_rejects                           ? 
_reflns.pdbx_d_res_high_opt                            ? 
_reflns.pdbx_d_res_low_opt                             ? 
_reflns.pdbx_d_res_opt_method                          ? 
_reflns.phase_calculation_details                      ? 
_reflns.pdbx_Rrim_I_all                                0.122 
_reflns.pdbx_Rpim_I_all                                0.036 
_reflns.pdbx_d_opt                                     ? 
_reflns.pdbx_number_measured_all                       165071 
_reflns.pdbx_diffrn_id                                 1 
_reflns.pdbx_ordinal                                   1 
_reflns.pdbx_CC_half                                   ? 
_reflns.pdbx_CC_star                                   ? 
_reflns.pdbx_R_split                                   ? 
_reflns.pdbx_aniso_diffraction_limit_axis_1_ortho[1]   ? 
_reflns.pdbx_aniso_diffraction_limit_axis_1_ortho[2]   ? 
_reflns.pdbx_aniso_diffraction_limit_axis_1_ortho[3]   ? 
_reflns.pdbx_aniso_diffraction_limit_axis_2_ortho[1]   ? 
_reflns.pdbx_aniso_diffraction_limit_axis_2_ortho[2]   ? 
_reflns.pdbx_aniso_diffraction_limit_axis_2_ortho[3]   ? 
_reflns.pdbx_aniso_diffraction_limit_axis_3_ortho[1]   ? 
_reflns.pdbx_aniso_diffraction_limit_axis_3_ortho[2]   ? 
_reflns.pdbx_aniso_diffraction_limit_axis_3_ortho[3]   ? 
_reflns.pdbx_aniso_diffraction_limit_1                 ? 
_reflns.pdbx_aniso_diffraction_limit_2                 ? 
_reflns.pdbx_aniso_diffraction_limit_3                 ? 
_reflns.pdbx_aniso_B_tensor_eigenvector_1_ortho[1]     ? 
_reflns.pdbx_aniso_B_tensor_eigenvector_1_ortho[2]     ? 
_reflns.pdbx_aniso_B_tensor_eigenvector_1_ortho[3]     ? 
_reflns.pdbx_aniso_B_tensor_eigenvector_2_ortho[1]     ? 
_reflns.pdbx_aniso_B_tensor_eigenvector_2_ortho[2]     ? 
_reflns.pdbx_aniso_B_tensor_eigenvector_2_ortho[3]     ? 
_reflns.pdbx_aniso_B_tensor_eigenvector_3_ortho[1]     ? 
_reflns.pdbx_aniso_B_tensor_eigenvector_3_ortho[2]     ? 
_reflns.pdbx_aniso_B_tensor_eigenvector_3_ortho[3]     ? 
_reflns.pdbx_aniso_B_tensor_eigenvalue_1               ? 
_reflns.pdbx_aniso_B_tensor_eigenvalue_2               ? 
_reflns.pdbx_aniso_B_tensor_eigenvalue_3               ? 
_reflns.pdbx_orthogonalization_convention              ? 
_reflns.pdbx_percent_possible_ellipsoidal              ? 
_reflns.pdbx_percent_possible_spherical                ? 
_reflns.pdbx_percent_possible_ellipsoidal_anomalous    ? 
_reflns.pdbx_percent_possible_spherical_anomalous      ? 
_reflns.pdbx_redundancy_anomalous                      ? 
_reflns.pdbx_CC_half_anomalous                         ? 
_reflns.pdbx_absDiff_over_sigma_anomalous              ? 
_reflns.pdbx_percent_possible_anomalous                ? 
_reflns.pdbx_observed_signal_threshold                 ? 
_reflns.pdbx_signal_type                               ? 
_reflns.pdbx_signal_details                            ? 
_reflns.pdbx_signal_software_id                        ? 
# 
loop_
_reflns_shell.d_res_high 
_reflns_shell.d_res_low 
_reflns_shell.meanI_over_sigI_all 
_reflns_shell.meanI_over_sigI_obs 
_reflns_shell.number_measured_all 
_reflns_shell.number_measured_obs 
_reflns_shell.number_possible 
_reflns_shell.number_unique_all 
_reflns_shell.number_unique_obs 
_reflns_shell.percent_possible_all 
_reflns_shell.percent_possible_obs 
_reflns_shell.Rmerge_F_all 
_reflns_shell.Rmerge_F_obs 
_reflns_shell.Rmerge_I_all 
_reflns_shell.Rmerge_I_obs 
_reflns_shell.meanI_over_sigI_gt 
_reflns_shell.meanI_over_uI_all 
_reflns_shell.meanI_over_uI_gt 
_reflns_shell.number_measured_gt 
_reflns_shell.number_unique_gt 
_reflns_shell.percent_possible_gt 
_reflns_shell.Rmerge_F_gt 
_reflns_shell.Rmerge_I_gt 
_reflns_shell.pdbx_redundancy 
_reflns_shell.pdbx_Rsym_value 
_reflns_shell.pdbx_chi_squared 
_reflns_shell.pdbx_netI_over_sigmaI_all 
_reflns_shell.pdbx_netI_over_sigmaI_obs 
_reflns_shell.pdbx_Rrim_I_all 
_reflns_shell.pdbx_Rpim_I_all 
_reflns_shell.pdbx_rejects 
_reflns_shell.pdbx_ordinal 
_reflns_shell.pdbx_diffrn_id 
_reflns_shell.pdbx_CC_half 
_reflns_shell.pdbx_CC_star 
_reflns_shell.pdbx_R_split 
_reflns_shell.pdbx_percent_possible_ellipsoidal 
_reflns_shell.pdbx_percent_possible_spherical 
_reflns_shell.pdbx_percent_possible_ellipsoidal_anomalous 
_reflns_shell.pdbx_percent_possible_spherical_anomalous 
_reflns_shell.pdbx_redundancy_anomalous 
_reflns_shell.pdbx_CC_half_anomalous 
_reflns_shell.pdbx_absDiff_over_sigma_anomalous 
_reflns_shell.pdbx_percent_possible_anomalous 
1.850 1.880  ? ? ? ? ? ? 726 98.400  ? ? ? ? 0.380 ? ? ? ? ? ? ? ? 9.900  ? 0.872 ? ? 0.399 0.122 ? 1  1 0.982 ? ? ? ? ? ? ? ? ? ? 
1.880 1.920  ? ? ? ? ? ? 728 99.900  ? ? ? ? 0.353 ? ? ? ? ? ? ? ? 9.900  ? 0.927 ? ? 0.371 0.114 ? 2  1 0.980 ? ? ? ? ? ? ? ? ? ? 
1.920 1.950  ? ? ? ? ? ? 729 99.300  ? ? ? ? 0.304 ? ? ? ? ? ? ? ? 10.000 ? 0.927 ? ? 0.320 0.098 ? 3  1 0.982 ? ? ? ? ? ? ? ? ? ? 
1.950 1.990  ? ? ? ? ? ? 716 99.300  ? ? ? ? 0.288 ? ? ? ? ? ? ? ? 10.200 ? 0.926 ? ? 0.303 0.093 ? 4  1 0.968 ? ? ? ? ? ? ? ? ? ? 
1.990 2.040  ? ? ? ? ? ? 725 99.300  ? ? ? ? 0.264 ? ? ? ? ? ? ? ? 9.900  ? 0.996 ? ? 0.278 0.086 ? 5  1 0.989 ? ? ? ? ? ? ? ? ? ? 
2.040 2.080  ? ? ? ? ? ? 729 99.900  ? ? ? ? 0.242 ? ? ? ? ? ? ? ? 9.100  ? 0.980 ? ? 0.256 0.082 ? 6  1 0.988 ? ? ? ? ? ? ? ? ? ? 
2.080 2.140  ? ? ? ? ? ? 727 98.400  ? ? ? ? 0.228 ? ? ? ? ? ? ? ? 8.700  ? 0.946 ? ? 0.242 0.080 ? 7  1 0.956 ? ? ? ? ? ? ? ? ? ? 
2.140 2.190  ? ? ? ? ? ? 729 100.000 ? ? ? ? 0.211 ? ? ? ? ? ? ? ? 11.200 ? 0.926 ? ? 0.222 0.065 ? 8  1 0.993 ? ? ? ? ? ? ? ? ? ? 
2.190 2.260  ? ? ? ? ? ? 742 100.000 ? ? ? ? 0.187 ? ? ? ? ? ? ? ? 12.300 ? 1.001 ? ? 0.195 0.056 ? 9  1 0.991 ? ? ? ? ? ? ? ? ? ? 
2.260 2.330  ? ? ? ? ? ? 744 100.000 ? ? ? ? 0.164 ? ? ? ? ? ? ? ? 12.800 ? 0.972 ? ? 0.171 0.049 ? 10 1 0.995 ? ? ? ? ? ? ? ? ? ? 
2.330 2.410  ? ? ? ? ? ? 728 100.000 ? ? ? ? 0.154 ? ? ? ? ? ? ? ? 12.800 ? 0.948 ? ? 0.161 0.046 ? 11 1 0.994 ? ? ? ? ? ? ? ? ? ? 
2.410 2.510  ? ? ? ? ? ? 737 100.000 ? ? ? ? 0.151 ? ? ? ? ? ? ? ? 12.700 ? 0.914 ? ? 0.158 0.045 ? 12 1 0.996 ? ? ? ? ? ? ? ? ? ? 
2.510 2.630  ? ? ? ? ? ? 747 100.000 ? ? ? ? 0.140 ? ? ? ? ? ? ? ? 12.600 ? 0.927 ? ? 0.146 0.041 ? 13 1 0.990 ? ? ? ? ? ? ? ? ? ? 
2.630 2.760  ? ? ? ? ? ? 739 100.000 ? ? ? ? 0.127 ? ? ? ? ? ? ? ? 12.400 ? 0.896 ? ? 0.132 0.037 ? 14 1 0.995 ? ? ? ? ? ? ? ? ? ? 
2.760 2.940  ? ? ? ? ? ? 737 100.000 ? ? ? ? 0.117 ? ? ? ? ? ? ? ? 12.100 ? 0.910 ? ? 0.122 0.035 ? 15 1 0.995 ? ? ? ? ? ? ? ? ? ? 
2.940 3.160  ? ? ? ? ? ? 758 100.000 ? ? ? ? 0.103 ? ? ? ? ? ? ? ? 11.600 ? 0.862 ? ? 0.108 0.032 ? 16 1 0.992 ? ? ? ? ? ? ? ? ? ? 
3.160 3.480  ? ? ? ? ? ? 755 99.200  ? ? ? ? 0.097 ? ? ? ? ? ? ? ? 11.400 ? 0.905 ? ? 0.101 0.030 ? 17 1 0.995 ? ? ? ? ? ? ? ? ? ? 
3.480 3.990  ? ? ? ? ? ? 740 97.400  ? ? ? ? 0.100 ? ? ? ? ? ? ? ? 9.100  ? 0.957 ? ? 0.106 0.033 ? 18 1 0.993 ? ? ? ? ? ? ? ? ? ? 
3.990 5.020  ? ? ? ? ? ? 781 100.000 ? ? ? ? 0.092 ? ? ? ? ? ? ? ? 11.700 ? 0.848 ? ? 0.096 0.027 ? 19 1 0.994 ? ? ? ? ? ? ? ? ? ? 
5.020 50.000 ? ? ? ? ? ? 836 99.500  ? ? ? ? 0.105 ? ? ? ? ? ? ? ? 11.700 ? 0.814 ? ? 0.110 0.033 ? 20 1 0.987 ? ? ? ? ? ? ? ? ? ? 
# 
_refine.aniso_B[1][1]                            0.4600 
_refine.aniso_B[1][2]                            0.0000 
_refine.aniso_B[1][3]                            0.0000 
_refine.aniso_B[2][2]                            0.0400 
_refine.aniso_B[2][3]                            -0.0000 
_refine.aniso_B[3][3]                            -0.5000 
_refine.B_iso_max                                58.600 
_refine.B_iso_mean                               19.4490 
_refine.B_iso_min                                9.330 
_refine.correlation_coeff_Fo_to_Fc               0.9430 
_refine.correlation_coeff_Fo_to_Fc_free          0.9210 
_refine.details                                  
'HYDROGENS HAVE BEEN ADDED IN THE RIDING POSITIONS U VALUES      : REFINED INDIVIDUALLY' 
_refine.diff_density_max                         ? 
_refine.diff_density_max_esd                     ? 
_refine.diff_density_min                         ? 
_refine.diff_density_min_esd                     ? 
_refine.diff_density_rms                         ? 
_refine.diff_density_rms_esd                     ? 
_refine.entry_id                                 7TN4 
_refine.pdbx_refine_id                           'X-RAY DIFFRACTION' 
_refine.ls_abs_structure_details                 ? 
_refine.ls_abs_structure_Flack                   ? 
_refine.ls_abs_structure_Flack_esd               ? 
_refine.ls_abs_structure_Rogers                  ? 
_refine.ls_abs_structure_Rogers_esd              ? 
_refine.ls_d_res_high                            1.8500 
_refine.ls_d_res_low                             31.4000 
_refine.ls_extinction_coef                       ? 
_refine.ls_extinction_coef_esd                   ? 
_refine.ls_extinction_expression                 ? 
_refine.ls_extinction_method                     ? 
_refine.ls_goodness_of_fit_all                   ? 
_refine.ls_goodness_of_fit_all_esd               ? 
_refine.ls_goodness_of_fit_obs                   ? 
_refine.ls_goodness_of_fit_obs_esd               ? 
_refine.ls_hydrogen_treatment                    ? 
_refine.ls_matrix_type                           ? 
_refine.ls_number_constraints                    ? 
_refine.ls_number_parameters                     ? 
_refine.ls_number_reflns_all                     ? 
_refine.ls_number_reflns_obs                     12918 
_refine.ls_number_reflns_R_free                  658 
_refine.ls_number_reflns_R_work                  ? 
_refine.ls_number_restraints                     ? 
_refine.ls_percent_reflns_obs                    90.5800 
_refine.ls_percent_reflns_R_free                 4.8000 
_refine.ls_R_factor_all                          ? 
_refine.ls_R_factor_obs                          0.1841 
_refine.ls_R_factor_R_free                       0.2173 
_refine.ls_R_factor_R_free_error                 ? 
_refine.ls_R_factor_R_free_error_details         ? 
_refine.ls_R_factor_R_work                       0.1825 
_refine.ls_R_Fsqd_factor_obs                     ? 
_refine.ls_R_I_factor_obs                        ? 
_refine.ls_redundancy_reflns_all                 ? 
_refine.ls_redundancy_reflns_obs                 ? 
_refine.ls_restrained_S_all                      ? 
_refine.ls_restrained_S_obs                      ? 
_refine.ls_shift_over_esd_max                    ? 
_refine.ls_shift_over_esd_mean                   ? 
_refine.ls_structure_factor_coef                 ? 
_refine.ls_weighting_details                     ? 
_refine.ls_weighting_scheme                      ? 
_refine.ls_wR_factor_all                         ? 
_refine.ls_wR_factor_obs                         ? 
_refine.ls_wR_factor_R_free                      ? 
_refine.ls_wR_factor_R_work                      ? 
_refine.occupancy_max                            ? 
_refine.occupancy_min                            ? 
_refine.solvent_model_details                    MASK 
_refine.solvent_model_param_bsol                 ? 
_refine.solvent_model_param_ksol                 ? 
_refine.pdbx_R_complete                          ? 
_refine.ls_R_factor_gt                           ? 
_refine.ls_goodness_of_fit_gt                    ? 
_refine.ls_goodness_of_fit_ref                   ? 
_refine.ls_shift_over_su_max                     ? 
_refine.ls_shift_over_su_max_lt                  ? 
_refine.ls_shift_over_su_mean                    ? 
_refine.ls_shift_over_su_mean_lt                 ? 
_refine.pdbx_ls_sigma_I                          ? 
_refine.pdbx_ls_sigma_F                          0.000 
_refine.pdbx_ls_sigma_Fsqd                       ? 
_refine.pdbx_data_cutoff_high_absF               ? 
_refine.pdbx_data_cutoff_high_rms_absF           ? 
_refine.pdbx_data_cutoff_low_absF                ? 
_refine.pdbx_isotropic_thermal_model             ? 
_refine.pdbx_ls_cross_valid_method               THROUGHOUT 
_refine.pdbx_method_to_determine_struct          'MOLECULAR REPLACEMENT' 
_refine.pdbx_starting_model                      'PDB entry 6wo7' 
_refine.pdbx_stereochemistry_target_values       'MAXIMUM LIKELIHOOD' 
_refine.pdbx_R_Free_selection_details            RANDOM 
_refine.pdbx_stereochem_target_val_spec_case     ? 
_refine.pdbx_overall_ESU_R                       0.1440 
_refine.pdbx_overall_ESU_R_Free                  0.1330 
_refine.pdbx_solvent_vdw_probe_radii             1.2000 
_refine.pdbx_solvent_ion_probe_radii             0.8000 
_refine.pdbx_solvent_shrinkage_radii             0.8000 
_refine.pdbx_real_space_R                        ? 
_refine.pdbx_density_correlation                 ? 
_refine.pdbx_pd_number_of_powder_patterns        ? 
_refine.pdbx_pd_number_of_points                 ? 
_refine.pdbx_pd_meas_number_of_points            ? 
_refine.pdbx_pd_proc_ls_prof_R_factor            ? 
_refine.pdbx_pd_proc_ls_prof_wR_factor           ? 
_refine.pdbx_pd_Marquardt_correlation_coeff      ? 
_refine.pdbx_pd_Fsqrd_R_factor                   ? 
_refine.pdbx_pd_ls_matrix_band_width             ? 
_refine.pdbx_overall_phase_error                 ? 
_refine.pdbx_overall_SU_R_free_Cruickshank_DPI   ? 
_refine.pdbx_overall_SU_R_free_Blow_DPI          ? 
_refine.pdbx_overall_SU_R_Blow_DPI               ? 
_refine.pdbx_TLS_residual_ADP_flag               ? 
_refine.pdbx_diffrn_id                           1 
_refine.overall_SU_B                             2.4320 
_refine.overall_SU_ML                            0.0750 
_refine.overall_SU_R_Cruickshank_DPI             ? 
_refine.overall_SU_R_free                        ? 
_refine.overall_FOM_free_R_set                   ? 
_refine.overall_FOM_work_R_set                   ? 
_refine.pdbx_average_fsc_overall                 ? 
_refine.pdbx_average_fsc_work                    ? 
_refine.pdbx_average_fsc_free                    ? 
# 
_refine_hist.pdbx_refine_id                   'X-RAY DIFFRACTION' 
_refine_hist.cycle_id                         final 
_refine_hist.details                          ? 
_refine_hist.d_res_high                       1.8500 
_refine_hist.d_res_low                        31.4000 
_refine_hist.number_atoms_solvent             134 
_refine_hist.number_atoms_total               1262 
_refine_hist.number_reflns_all                ? 
_refine_hist.number_reflns_obs                ? 
_refine_hist.number_reflns_R_free             ? 
_refine_hist.number_reflns_R_work             ? 
_refine_hist.R_factor_all                     ? 
_refine_hist.R_factor_obs                     ? 
_refine_hist.R_factor_R_free                  ? 
_refine_hist.R_factor_R_work                  ? 
_refine_hist.pdbx_number_residues_total       134 
_refine_hist.pdbx_B_iso_mean_ligand           24.64 
_refine_hist.pdbx_B_iso_mean_solvent          27.75 
_refine_hist.pdbx_number_atoms_protein        1086 
_refine_hist.pdbx_number_atoms_nucleic_acid   0 
_refine_hist.pdbx_number_atoms_ligand         42 
_refine_hist.pdbx_number_atoms_lipid          ? 
_refine_hist.pdbx_number_atoms_carb           ? 
_refine_hist.pdbx_pseudo_atom_details         ? 
# 
loop_
_refine_ls_restr.pdbx_refine_id 
_refine_ls_restr.criterion 
_refine_ls_restr.dev_ideal 
_refine_ls_restr.dev_ideal_target 
_refine_ls_restr.number 
_refine_ls_restr.rejects 
_refine_ls_restr.type 
_refine_ls_restr.weight 
_refine_ls_restr.pdbx_restraint_function 
'X-RAY DIFFRACTION' ? 0.015  0.013  1166 ? r_bond_refined_d       ? ? 
'X-RAY DIFFRACTION' ? 0.001  0.018  1058 ? r_bond_other_d         ? ? 
'X-RAY DIFFRACTION' ? 1.936  1.692  1593 ? r_angle_refined_deg    ? ? 
'X-RAY DIFFRACTION' ? 1.436  1.595  2458 ? r_angle_other_deg      ? ? 
'X-RAY DIFFRACTION' ? 7.470  5.000  141  ? r_dihedral_angle_1_deg ? ? 
'X-RAY DIFFRACTION' ? 28.690 21.176 68   ? r_dihedral_angle_2_deg ? ? 
'X-RAY DIFFRACTION' ? 12.980 15.000 203  ? r_dihedral_angle_3_deg ? ? 
'X-RAY DIFFRACTION' ? 21.930 15.000 11   ? r_dihedral_angle_4_deg ? ? 
'X-RAY DIFFRACTION' ? 0.142  0.200  152  ? r_chiral_restr         ? ? 
'X-RAY DIFFRACTION' ? 0.010  0.020  1274 ? r_gen_planes_refined   ? ? 
'X-RAY DIFFRACTION' ? 0.001  0.020  255  ? r_gen_planes_other     ? ? 
# 
_refine_ls_shell.pdbx_refine_id                   'X-RAY DIFFRACTION' 
_refine_ls_shell.d_res_high                       1.8530 
_refine_ls_shell.d_res_low                        1.9010 
_refine_ls_shell.number_reflns_all                708 
_refine_ls_shell.number_reflns_obs                ? 
_refine_ls_shell.number_reflns_R_free             28 
_refine_ls_shell.number_reflns_R_work             680 
_refine_ls_shell.percent_reflns_obs               65.1300 
_refine_ls_shell.percent_reflns_R_free            ? 
_refine_ls_shell.R_factor_all                     ? 
_refine_ls_shell.R_factor_obs                     ? 
_refine_ls_shell.R_factor_R_free                  0.2280 
_refine_ls_shell.R_factor_R_free_error            0.0000 
_refine_ls_shell.R_factor_R_work                  0.1920 
_refine_ls_shell.redundancy_reflns_all            ? 
_refine_ls_shell.redundancy_reflns_obs            ? 
_refine_ls_shell.wR_factor_all                    ? 
_refine_ls_shell.wR_factor_obs                    ? 
_refine_ls_shell.wR_factor_R_free                 ? 
_refine_ls_shell.wR_factor_R_work                 ? 
_refine_ls_shell.pdbx_R_complete                  ? 
_refine_ls_shell.pdbx_total_number_of_bins_used   20 
_refine_ls_shell.pdbx_phase_error                 ? 
_refine_ls_shell.pdbx_fsc_work                    ? 
_refine_ls_shell.pdbx_fsc_free                    ? 
# 
_struct.entry_id                     7TN4 
_struct.title                        
;Diphosphoinositol polyphosphate phosphohydrolase 1 (DIPP1/NUDT3) in complex with 3-diphosphoinositol 1,2,4,5-tetrakisphosphate (3-PP-IP4), Mg and Fluoride ion
;
_struct.pdbx_model_details           ? 
_struct.pdbx_formula_weight          ? 
_struct.pdbx_formula_weight_method   ? 
_struct.pdbx_model_type_details      ? 
_struct.pdbx_CASP_flag               N 
# 
_struct_keywords.entry_id        7TN4 
_struct_keywords.text            'Phosphatase, inositol pyrophosphate, signal transduction, NUDT3, HYDROLASE' 
_struct_keywords.pdbx_keywords   HYDROLASE 
# 
loop_
_struct_asym.id 
_struct_asym.pdbx_blank_PDB_chainid_flag 
_struct_asym.pdbx_modified 
_struct_asym.entity_id 
_struct_asym.details 
A N N 1 ? 
B N N 2 ? 
C N N 2 ? 
D N N 2 ? 
E N N 3 ? 
F N N 3 ? 
G N N 4 ? 
H N N 5 ? 
I N N 6 ? 
# 
loop_
_struct_conf.conf_type_id 
_struct_conf.id 
_struct_conf.pdbx_PDB_helix_id 
_struct_conf.beg_label_comp_id 
_struct_conf.beg_label_asym_id 
_struct_conf.beg_label_seq_id 
_struct_conf.pdbx_beg_PDB_ins_code 
_struct_conf.end_label_comp_id 
_struct_conf.end_label_asym_id 
_struct_conf.end_label_seq_id 
_struct_conf.pdbx_end_PDB_ins_code 
_struct_conf.beg_auth_comp_id 
_struct_conf.beg_auth_asym_id 
_struct_conf.beg_auth_seq_id 
_struct_conf.end_auth_comp_id 
_struct_conf.end_auth_asym_id 
_struct_conf.end_auth_seq_id 
_struct_conf.pdbx_PDB_helix_class 
_struct_conf.details 
_struct_conf.pdbx_PDB_helix_length 
HELX_P HELX_P1 AA1 GLU A 58  ? GLY A 72  ? GLU A 58  GLY A 72  1 ? 15 
HELX_P HELX_P2 AA2 TRP A 107 ? GLY A 114 ? TRP A 107 GLY A 114 1 ? 8  
HELX_P HELX_P3 AA3 ILE A 122 ? GLN A 130 ? ILE A 122 GLN A 130 1 ? 9  
HELX_P HELX_P4 AA4 LYS A 133 ? TYR A 139 ? LYS A 133 TYR A 139 1 ? 7  
# 
_struct_conf_type.id          HELX_P 
_struct_conf_type.criteria    ? 
_struct_conf_type.reference   ? 
# 
loop_
_struct_conn.id 
_struct_conn.conn_type_id 
_struct_conn.pdbx_leaving_atom_flag 
_struct_conn.pdbx_PDB_id 
_struct_conn.ptnr1_label_asym_id 
_struct_conn.ptnr1_label_comp_id 
_struct_conn.ptnr1_label_seq_id 
_struct_conn.ptnr1_label_atom_id 
_struct_conn.pdbx_ptnr1_label_alt_id 
_struct_conn.pdbx_ptnr1_PDB_ins_code 
_struct_conn.pdbx_ptnr1_standard_comp_id 
_struct_conn.ptnr1_symmetry 
_struct_conn.ptnr2_label_asym_id 
_struct_conn.ptnr2_label_comp_id 
_struct_conn.ptnr2_label_seq_id 
_struct_conn.ptnr2_label_atom_id 
_struct_conn.pdbx_ptnr2_label_alt_id 
_struct_conn.pdbx_ptnr2_PDB_ins_code 
_struct_conn.ptnr1_auth_asym_id 
_struct_conn.ptnr1_auth_comp_id 
_struct_conn.ptnr1_auth_seq_id 
_struct_conn.ptnr2_auth_asym_id 
_struct_conn.ptnr2_auth_comp_id 
_struct_conn.ptnr2_auth_seq_id 
_struct_conn.ptnr2_symmetry 
_struct_conn.pdbx_ptnr3_label_atom_id 
_struct_conn.pdbx_ptnr3_label_seq_id 
_struct_conn.pdbx_ptnr3_label_comp_id 
_struct_conn.pdbx_ptnr3_label_asym_id 
_struct_conn.pdbx_ptnr3_label_alt_id 
_struct_conn.pdbx_ptnr3_PDB_ins_code 
_struct_conn.details 
_struct_conn.pdbx_dist_value 
_struct_conn.pdbx_value_order 
_struct_conn.pdbx_role 
metalc1  metalc ? ? A GLY 50 O   ? ? ? 1_555 B MG  . MG  ? ? A GLY 50  A MG  501 1_555 ? ? ? ? ? ? ? 2.153 ? ? 
metalc2  metalc ? ? A GLU 66 OE2 ? ? ? 1_555 C MG  . MG  ? ? A GLU 66  A MG  502 1_555 ? ? ? ? ? ? ? 2.164 ? ? 
metalc3  metalc ? ? A GLU 66 OE1 ? ? ? 1_555 D MG  . MG  ? ? A GLU 66  A MG  503 1_555 ? ? ? ? ? ? ? 2.129 ? ? 
metalc4  metalc ? ? A GLU 70 OE1 ? ? ? 1_555 B MG  . MG  ? ? A GLU 70  A MG  501 1_555 ? ? ? ? ? ? ? 2.093 ? ? 
metalc5  metalc ? ? A GLU 70 OE1 ? ? ? 1_555 C MG  . MG  ? ? A GLU 70  A MG  502 1_555 ? ? ? ? ? ? ? 2.181 ? ? 
metalc6  metalc ? ? B MG  .  MG  ? ? ? 1_555 H ZM2 . O42 ? ? A MG  501 A ZM2 507 1_555 ? ? ? ? ? ? ? 2.081 ? ? 
metalc7  metalc ? ? B MG  .  MG  ? ? ? 1_555 H ZM2 . O43 ? ? A MG  501 A ZM2 507 1_555 ? ? ? ? ? ? ? 1.970 ? ? 
metalc8  metalc ? ? B MG  .  MG  ? ? ? 1_555 H ZM2 . O53 ? ? A MG  501 A ZM2 507 1_555 ? ? ? ? ? ? ? 1.945 ? ? 
metalc9  metalc ? ? B MG  .  MG  ? ? ? 1_555 I HOH . O   ? ? A MG  501 A HOH 618 1_555 ? ? ? ? ? ? ? 2.024 ? ? 
metalc10 metalc ? ? C MG  .  MG  ? ? ? 1_555 H ZM2 . O53 ? ? A MG  502 A ZM2 507 1_555 ? ? ? ? ? ? ? 2.113 ? ? 
metalc11 metalc ? ? C MG  .  MG  ? ? ? 1_555 I HOH . O   ? ? A MG  502 A HOH 663 1_555 ? ? ? ? ? ? ? 1.949 ? ? 
metalc12 metalc ? ? C MG  .  MG  ? ? ? 1_555 I HOH . O   ? ? A MG  502 A HOH 672 1_555 ? ? ? ? ? ? ? 2.134 ? ? 
metalc13 metalc ? ? D MG  .  MG  ? ? ? 1_555 H ZM2 . O63 ? ? A MG  503 A ZM2 507 1_555 ? ? ? ? ? ? ? 2.088 ? ? 
metalc14 metalc ? ? D MG  .  MG  ? ? ? 1_555 I HOH . O   ? ? A MG  503 A HOH 629 1_555 ? ? ? ? ? ? ? 2.136 ? ? 
metalc15 metalc ? ? D MG  .  MG  ? ? ? 1_555 I HOH . O   ? ? A MG  503 A HOH 660 1_555 ? ? ? ? ? ? ? 2.073 ? ? 
metalc16 metalc ? ? D MG  .  MG  ? ? ? 1_555 I HOH . O   ? ? A MG  503 A HOH 690 1_555 ? ? ? ? ? ? ? 2.187 ? ? 
# 
_struct_conn_type.id          metalc 
_struct_conn_type.criteria    ? 
_struct_conn_type.reference   ? 
# 
loop_
_struct_sheet.id 
_struct_sheet.type 
_struct_sheet.number_strands 
_struct_sheet.details 
AA1 ? 4 ? 
AA2 ? 3 ? 
# 
loop_
_struct_sheet_order.sheet_id 
_struct_sheet_order.range_id_1 
_struct_sheet_order.range_id_2 
_struct_sheet_order.offset 
_struct_sheet_order.sense 
AA1 1 2 ? anti-parallel 
AA1 2 3 ? parallel      
AA1 3 4 ? anti-parallel 
AA2 1 2 ? anti-parallel 
AA2 2 3 ? anti-parallel 
# 
loop_
_struct_sheet_range.sheet_id 
_struct_sheet_range.id 
_struct_sheet_range.beg_label_comp_id 
_struct_sheet_range.beg_label_asym_id 
_struct_sheet_range.beg_label_seq_id 
_struct_sheet_range.pdbx_beg_PDB_ins_code 
_struct_sheet_range.end_label_comp_id 
_struct_sheet_range.end_label_asym_id 
_struct_sheet_range.end_label_seq_id 
_struct_sheet_range.pdbx_end_PDB_ins_code 
_struct_sheet_range.beg_auth_comp_id 
_struct_sheet_range.beg_auth_asym_id 
_struct_sheet_range.beg_auth_seq_id 
_struct_sheet_range.end_auth_comp_id 
_struct_sheet_range.end_auth_asym_id 
_struct_sheet_range.end_auth_seq_id 
AA1 1 GLY A 50  ? GLY A 52  ? GLY A 50  GLY A 52  
AA1 2 LYS A 18  ? PHE A 26  ? LYS A 18  PHE A 26  
AA1 3 HIS A 91  ? VAL A 103 ? HIS A 91  VAL A 103 
AA1 4 VAL A 73  ? ASN A 86  ? VAL A 73  ASN A 86  
AA2 1 TRP A 46  ? ILE A 47  ? TRP A 46  ILE A 47  
AA2 2 GLU A 33  ? SER A 38  ? GLU A 33  SER A 38  
AA2 3 ARG A 117 ? LYS A 121 ? ARG A 117 LYS A 121 
# 
loop_
_pdbx_struct_sheet_hbond.sheet_id 
_pdbx_struct_sheet_hbond.range_id_1 
_pdbx_struct_sheet_hbond.range_id_2 
_pdbx_struct_sheet_hbond.range_1_label_atom_id 
_pdbx_struct_sheet_hbond.range_1_label_comp_id 
_pdbx_struct_sheet_hbond.range_1_label_asym_id 
_pdbx_struct_sheet_hbond.range_1_label_seq_id 
_pdbx_struct_sheet_hbond.range_1_PDB_ins_code 
_pdbx_struct_sheet_hbond.range_1_auth_atom_id 
_pdbx_struct_sheet_hbond.range_1_auth_comp_id 
_pdbx_struct_sheet_hbond.range_1_auth_asym_id 
_pdbx_struct_sheet_hbond.range_1_auth_seq_id 
_pdbx_struct_sheet_hbond.range_2_label_atom_id 
_pdbx_struct_sheet_hbond.range_2_label_comp_id 
_pdbx_struct_sheet_hbond.range_2_label_asym_id 
_pdbx_struct_sheet_hbond.range_2_label_seq_id 
_pdbx_struct_sheet_hbond.range_2_PDB_ins_code 
_pdbx_struct_sheet_hbond.range_2_auth_atom_id 
_pdbx_struct_sheet_hbond.range_2_auth_comp_id 
_pdbx_struct_sheet_hbond.range_2_auth_asym_id 
_pdbx_struct_sheet_hbond.range_2_auth_seq_id 
AA1 1 2 O GLY A 51 ? O GLY A 51 N ALA A 21  ? N ALA A 21  
AA1 2 3 N PHE A 26 ? N PHE A 26 O LEU A 98  ? O LEU A 98  
AA1 3 4 O VAL A 97 ? O VAL A 97 N GLY A 78  ? N GLY A 78  
AA2 1 2 O ILE A 47 ? O ILE A 47 N VAL A 37  ? N VAL A 37  
AA2 2 3 N VAL A 34 ? N VAL A 34 O PHE A 120 ? O PHE A 120 
# 
_atom_sites.entry_id                    7TN4 
_atom_sites.Cartn_transf_matrix[1][1]   ? 
_atom_sites.Cartn_transf_matrix[1][2]   ? 
_atom_sites.Cartn_transf_matrix[1][3]   ? 
_atom_sites.Cartn_transf_matrix[2][1]   ? 
_atom_sites.Cartn_transf_matrix[2][2]   ? 
_atom_sites.Cartn_transf_matrix[2][3]   ? 
_atom_sites.Cartn_transf_matrix[3][1]   ? 
_atom_sites.Cartn_transf_matrix[3][2]   ? 
_atom_sites.Cartn_transf_matrix[3][3]   ? 
_atom_sites.Cartn_transf_vector[1]      ? 
_atom_sites.Cartn_transf_vector[2]      ? 
_atom_sites.Cartn_transf_vector[3]      ? 
_atom_sites.fract_transf_matrix[1][1]   -0.01733930 
_atom_sites.fract_transf_matrix[1][2]   0.01100210 
_atom_sites.fract_transf_matrix[1][3]   0.00829943 
_atom_sites.fract_transf_matrix[2][1]   0.00507122 
_atom_sites.fract_transf_matrix[2][2]   0.01389793 
_atom_sites.fract_transf_matrix[2][3]   -0.00782885 
_atom_sites.fract_transf_matrix[3][1]   -0.00865794 
_atom_sites.fract_transf_matrix[3][2]   -0.00402469 
_atom_sites.fract_transf_matrix[3][3]   -0.01275299 
_atom_sites.fract_transf_vector[1]      0.118108 
_atom_sites.fract_transf_vector[2]      0.125768 
_atom_sites.fract_transf_vector[3]      0.231092 
_atom_sites.solution_primary            ? 
_atom_sites.solution_secondary          ? 
_atom_sites.solution_hydrogens          ? 
_atom_sites.special_details             ? 
# 
loop_
_atom_type.symbol 
C  
CL 
F  
MG 
N  
O  
P  
S  
# 
loop_
_atom_site.group_PDB 
_atom_site.id 
_atom_site.type_symbol 
_atom_site.label_atom_id 
_atom_site.label_alt_id 
_atom_site.label_comp_id 
_atom_site.label_asym_id 
_atom_site.label_entity_id 
_atom_site.label_seq_id 
_atom_site.pdbx_PDB_ins_code 
_atom_site.Cartn_x 
_atom_site.Cartn_y 
_atom_site.Cartn_z 
_atom_site.occupancy 
_atom_site.B_iso_or_equiv 
_atom_site.pdbx_formal_charge 
_atom_site.auth_seq_id 
_atom_site.auth_comp_id 
_atom_site.auth_asym_id 
_atom_site.auth_atom_id 
_atom_site.pdbx_PDB_model_num 
ATOM   1    N  N   . THR A 1 9   ? -16.446 3.345   -7.259  1.00 34.17 ? 9   THR A N   1 
ATOM   2    C  CA  . THR A 1 9   ? -17.367 2.256   -6.799  1.00 30.49 ? 9   THR A CA  1 
ATOM   3    C  C   . THR A 1 9   ? -16.546 1.138   -6.140  1.00 27.54 ? 9   THR A C   1 
ATOM   4    O  O   . THR A 1 9   ? -15.620 0.582   -6.816  1.00 23.20 ? 9   THR A O   1 
ATOM   5    C  CB  . THR A 1 9   ? -18.173 1.661   -7.956  1.00 35.14 ? 9   THR A CB  1 
ATOM   6    O  OG1 . THR A 1 9   ? -19.065 2.657   -8.451  1.00 39.86 ? 9   THR A OG1 1 
ATOM   7    C  CG2 . THR A 1 9   ? -19.008 0.471   -7.538  1.00 36.27 ? 9   THR A CG2 1 
ATOM   8    N  N   . ARG A 1 10  ? -16.922 0.772   -4.908  1.00 23.29 ? 10  ARG A N   1 
ATOM   9    C  CA  . ARG A 1 10  ? -16.235 -0.295  -4.134  1.00 22.57 ? 10  ARG A CA  1 
ATOM   10   C  C   . ARG A 1 10  ? -16.646 -1.658  -4.696  1.00 19.05 ? 10  ARG A C   1 
ATOM   11   O  O   . ARG A 1 10  ? -17.808 -1.819  -5.103  1.00 16.80 ? 10  ARG A O   1 
ATOM   12   C  CB  . ARG A 1 10  ? -16.607 -0.171  -2.656  1.00 25.31 ? 10  ARG A CB  1 
ATOM   13   C  CG  . ARG A 1 10  ? -16.115 1.127   -2.026  1.00 28.28 ? 10  ARG A CG  1 
ATOM   14   C  CD  . ARG A 1 10  ? -16.422 1.067   -0.551  1.00 30.88 ? 10  ARG A CD  1 
ATOM   15   N  NE  . ARG A 1 10  ? -16.155 2.289   0.184   1.00 36.43 ? 10  ARG A NE  1 
ATOM   16   C  CZ  . ARG A 1 10  ? -16.921 3.373   0.156   1.00 39.25 ? 10  ARG A CZ  1 
ATOM   17   N  NH1 . ARG A 1 10  ? -17.976 3.424   -0.640  1.00 43.08 ? 10  ARG A NH1 1 
ATOM   18   N  NH2 . ARG A 1 10  ? -16.612 4.414   0.904   1.00 39.16 ? 10  ARG A NH2 1 
ATOM   19   N  N   . THR A 1 11  ? -15.731 -2.616  -4.673  1.00 14.33 ? 11  THR A N   1 
ATOM   20   C  CA  . THR A 1 11  ? -15.978 -3.988  -5.118  1.00 14.71 ? 11  THR A CA  1 
ATOM   21   C  C   . THR A 1 11  ? -15.675 -4.971  -3.984  1.00 12.96 ? 11  THR A C   1 
ATOM   22   O  O   . THR A 1 11  ? -14.941 -4.645  -3.017  1.00 12.89 ? 11  THR A O   1 
ATOM   23   C  CB  . THR A 1 11  ? -15.194 -4.340  -6.379  1.00 14.57 ? 11  THR A CB  1 
ATOM   24   O  OG1 . THR A 1 11  ? -13.795 -4.310  -6.063  1.00 15.75 ? 11  THR A OG1 1 
ATOM   25   C  CG2 . THR A 1 11  ? -15.520 -3.405  -7.512  1.00 14.33 ? 11  THR A CG2 1 
ATOM   26   N  N   . TYR A 1 12  ? -16.280 -6.140  -4.107  1.00 13.56 ? 12  TYR A N   1 
ATOM   27   C  CA  . TYR A 1 12  ? -16.339 -7.161  -3.045  1.00 13.67 ? 12  TYR A CA  1 
ATOM   28   C  C   . TYR A 1 12  ? -16.118 -8.554  -3.602  1.00 13.91 ? 12  TYR A C   1 
ATOM   29   O  O   . TYR A 1 12  ? -16.614 -8.883  -4.697  1.00 13.13 ? 12  TYR A O   1 
ATOM   30   C  CB  . TYR A 1 12  ? -17.664 -7.088  -2.301  1.00 13.68 ? 12  TYR A CB  1 
ATOM   31   C  CG  . TYR A 1 12  ? -17.908 -5.717  -1.733  1.00 15.31 ? 12  TYR A CG  1 
ATOM   32   C  CD1 . TYR A 1 12  ? -18.347 -4.680  -2.545  1.00 15.27 ? 12  TYR A CD1 1 
ATOM   33   C  CD2 . TYR A 1 12  ? -17.623 -5.434  -0.411  1.00 16.59 ? 12  TYR A CD2 1 
ATOM   34   C  CE1 . TYR A 1 12  ? -18.546 -3.411  -2.033  1.00 17.51 ? 12  TYR A CE1 1 
ATOM   35   C  CE2 . TYR A 1 12  ? -17.792 -4.157  0.110   1.00 17.41 ? 12  TYR A CE2 1 
ATOM   36   C  CZ  . TYR A 1 12  ? -18.275 -3.145  -0.703  1.00 19.27 ? 12  TYR A CZ  1 
ATOM   37   O  OH  . TYR A 1 12  ? -18.505 -1.888  -0.188  1.00 21.90 ? 12  TYR A OH  1 
ATOM   38   N  N   . ASP A 1 13  ? -15.484 -9.386  -2.786  1.00 13.17 ? 13  ASP A N   1 
ATOM   39   C  CA  . ASP A 1 13  ? -15.431 -10.847 -2.998  1.00 13.98 ? 13  ASP A CA  1 
ATOM   40   C  C   . ASP A 1 13  ? -16.803 -11.462 -2.682  1.00 14.06 ? 13  ASP A C   1 
ATOM   41   O  O   . ASP A 1 13  ? -17.649 -10.771 -2.093  1.00 13.44 ? 13  ASP A O   1 
ATOM   42   C  CB  . ASP A 1 13  ? -14.275 -11.472 -2.235  1.00 16.12 ? 13  ASP A CB  1 
ATOM   43   C  CG  . ASP A 1 13  ? -12.929 -11.223 -2.901  1.00 19.16 ? 13  ASP A CG  1 
ATOM   44   O  OD1 . ASP A 1 13  ? -12.880 -11.097 -4.126  1.00 20.68 ? 13  ASP A OD1 1 
ATOM   45   O  OD2 . ASP A 1 13  ? -11.942 -11.087 -2.168  1.00 22.29 ? 13  ASP A OD2 1 
ATOM   46   N  N   . GLY A 1 14  ? -17.028 -12.691 -3.159  1.00 14.44 ? 14  GLY A N   1 
ATOM   47   C  CA  . GLY A 1 14  ? -18.270 -13.463 -2.954  1.00 16.55 ? 14  GLY A CA  1 
ATOM   48   C  C   . GLY A 1 14  ? -18.708 -13.520 -1.495  1.00 19.22 ? 14  GLY A C   1 
ATOM   49   O  O   . GLY A 1 14  ? -19.908 -13.622 -1.230  1.00 16.43 ? 14  GLY A O   1 
ATOM   50   N  N   . ASP A 1 15  ? -17.766 -13.433 -0.561  1.00 17.51 ? 15  ASP A N   1 
ATOM   51   C  CA  . ASP A 1 15  ? -18.084 -13.500 0.877   1.00 18.00 ? 15  ASP A CA  1 
ATOM   52   C  C   . ASP A 1 15  ? -18.337 -12.119 1.459   1.00 16.10 ? 15  ASP A C   1 
ATOM   53   O  O   . ASP A 1 15  ? -18.551 -12.087 2.667   1.00 17.61 ? 15  ASP A O   1 
ATOM   54   C  CB  . ASP A 1 15  ? -16.961 -14.231 1.599   1.00 20.23 ? 15  ASP A CB  1 
ATOM   55   C  CG  . ASP A 1 15  ? -15.629 -13.500 1.587   1.00 20.58 ? 15  ASP A CG  1 
ATOM   56   O  OD1 . ASP A 1 15  ? -15.504 -12.446 0.917   1.00 17.94 ? 15  ASP A OD1 1 
ATOM   57   O  OD2 . ASP A 1 15  ? -14.732 -13.987 2.282   1.00 22.19 ? 15  ASP A OD2 1 
ATOM   58   N  N   . GLY A 1 16  ? -18.382 -11.043 0.657   1.00 14.22 ? 16  GLY A N   1 
ATOM   59   C  CA  . GLY A 1 16  ? -18.770 -9.691  1.130   1.00 15.52 ? 16  GLY A CA  1 
ATOM   60   C  C   . GLY A 1 16  ? -17.580 -8.864  1.628   1.00 14.25 ? 16  GLY A C   1 
ATOM   61   O  O   . GLY A 1 16  ? -17.767 -7.766  2.127   1.00 13.84 ? 16  GLY A O   1 
ATOM   62   N  N   . TYR A 1 17  ? -16.358 -9.406  1.529   1.00 13.75 ? 17  TYR A N   1 
ATOM   63   C  CA  . TYR A 1 17  ? -15.127 -8.671  1.901   1.00 14.40 ? 17  TYR A CA  1 
ATOM   64   C  C   . TYR A 1 17  ? -14.776 -7.678  0.788   1.00 13.44 ? 17  TYR A C   1 
ATOM   65   O  O   . TYR A 1 17  ? -14.717 -8.078  -0.409  1.00 13.01 ? 17  TYR A O   1 
ATOM   66   C  CB  . TYR A 1 17  ? -13.947 -9.622  2.118   1.00 15.15 ? 17  TYR A CB  1 
ATOM   67   C  CG  . TYR A 1 17  ? -13.900 -10.271 3.480   1.00 18.14 ? 17  TYR A CG  1 
ATOM   68   C  CD1 . TYR A 1 17  ? -15.008 -10.912 4.024   1.00 21.15 ? 17  TYR A CD1 1 
ATOM   69   C  CD2 . TYR A 1 17  ? -12.723 -10.279 4.209   1.00 18.97 ? 17  TYR A CD2 1 
ATOM   70   C  CE1 . TYR A 1 17  ? -14.954 -11.562 5.250   1.00 23.12 ? 17  TYR A CE1 1 
ATOM   71   C  CE2 . TYR A 1 17  ? -12.658 -10.896 5.449   1.00 21.81 ? 17  TYR A CE2 1 
ATOM   72   C  CZ  . TYR A 1 17  ? -13.758 -11.573 5.947   1.00 23.25 ? 17  TYR A CZ  1 
ATOM   73   O  OH  . TYR A 1 17  ? -13.681 -12.146 7.179   1.00 27.37 ? 17  TYR A OH  1 
ATOM   74   N  N   . LYS A 1 18  ? -14.483 -6.431  1.165   1.00 13.21 ? 18  LYS A N   1 
ATOM   75   C  CA  . LYS A 1 18  ? -14.019 -5.376  0.232   1.00 12.64 ? 18  LYS A CA  1 
ATOM   76   C  C   . LYS A 1 18  ? -12.677 -5.754  -0.425  1.00 12.34 ? 18  LYS A C   1 
ATOM   77   O  O   . LYS A 1 18  ? -11.694 -6.118  0.273   1.00 11.11 ? 18  LYS A O   1 
ATOM   78   C  CB  . LYS A 1 18  ? -13.908 -4.041  0.932   1.00 14.49 ? 18  LYS A CB  1 
ATOM   79   C  CG  . LYS A 1 18  ? -13.734 -2.891  -0.024  1.00 17.45 ? 18  LYS A CG  1 
ATOM   80   C  CD  . LYS A 1 18  ? -13.618 -1.587  0.721   1.00 20.74 ? 18  LYS A CD  1 
ATOM   81   C  CE  . LYS A 1 18  ? -12.225 -1.343  1.257   1.00 24.97 ? 18  LYS A CE  1 
ATOM   82   N  NZ  . LYS A 1 18  ? -12.125 -0.015  1.922   1.00 30.17 ? 18  LYS A NZ  1 
ATOM   83   N  N   . LYS A 1 19  ? -12.600 -5.597  -1.737  1.00 11.95 ? 19  LYS A N   1 
ATOM   84   C  CA  . LYS A 1 19  ? -11.396 -6.017  -2.484  1.00 12.97 ? 19  LYS A CA  1 
ATOM   85   C  C   . LYS A 1 19  ? -10.449 -4.832  -2.503  1.00 12.07 ? 19  LYS A C   1 
ATOM   86   O  O   . LYS A 1 19  ? -10.882 -3.725  -2.896  1.00 11.33 ? 19  LYS A O   1 
ATOM   87   C  CB  . LYS A 1 19  ? -11.770 -6.463  -3.891  1.00 14.09 ? 19  LYS A CB  1 
ATOM   88   C  CG  . LYS A 1 19  ? -12.739 -7.639  -3.967  1.00 14.58 ? 19  LYS A CG  1 
ATOM   89   C  CD  . LYS A 1 19  ? -13.069 -7.995  -5.418  1.00 15.88 ? 19  LYS A CD  1 
ATOM   90   C  CE  . LYS A 1 19  ? -11.838 -8.419  -6.197  1.00 15.88 ? 19  LYS A CE  1 
ATOM   91   N  NZ  . LYS A 1 19  ? -11.054 -9.405  -5.434  1.00 17.08 ? 19  LYS A NZ  1 
ATOM   92   N  N   . ARG A 1 20  ? -9.178  -5.072  -2.192  1.00 10.72 ? 20  ARG A N   1 
ATOM   93   C  CA  . ARG A 1 20  ? -8.173  -4.003  -2.151  1.00 11.03 ? 20  ARG A CA  1 
ATOM   94   C  C   . ARG A 1 20  ? -6.860  -4.514  -2.732  1.00 10.73 ? 20  ARG A C   1 
ATOM   95   O  O   . ARG A 1 20  ? -6.692  -5.738  -2.885  1.00 10.52 ? 20  ARG A O   1 
ATOM   96   C  CB  . ARG A 1 20  ? -7.863  -3.564  -0.717  1.00 10.46 ? 20  ARG A CB  1 
ATOM   97   C  CG  . ARG A 1 20  ? -9.056  -3.098  0.099   1.00 10.97 ? 20  ARG A CG  1 
ATOM   98   C  CD  . ARG A 1 20  ? -8.608  -2.691  1.487   1.00 11.45 ? 20  ARG A CD  1 
ATOM   99   N  NE  . ARG A 1 20  ? -7.831  -1.476  1.576   1.00 11.04 ? 20  ARG A NE  1 
ATOM   100  C  CZ  . ARG A 1 20  ? -6.524  -1.373  1.826   1.00 12.70 ? 20  ARG A CZ  1 
ATOM   101  N  NH1 . ARG A 1 20  ? -5.989  -0.163  1.898   1.00 12.40 ? 20  ARG A NH1 1 
ATOM   102  N  NH2 . ARG A 1 20  ? -5.724  -2.442  1.909   1.00 12.75 ? 20  ARG A NH2 1 
ATOM   103  N  N   . ALA A 1 21  ? -6.004  -3.565  -3.080  1.00 12.21 ? 21  ALA A N   1 
ATOM   104  C  CA  . ALA A 1 21  ? -4.634  -3.873  -3.517  1.00 12.70 ? 21  ALA A CA  1 
ATOM   105  C  C   . ALA A 1 21  ? -3.707  -2.783  -3.004  1.00 12.44 ? 21  ALA A C   1 
ATOM   106  O  O   . ALA A 1 21  ? -4.151  -1.624  -2.761  1.00 11.95 ? 21  ALA A O   1 
ATOM   107  C  CB  . ALA A 1 21  ? -4.587  -4.075  -5.019  1.00 12.84 ? 21  ALA A CB  1 
ATOM   108  N  N   . ALA A 1 22  ? -2.451  -3.186  -2.806  1.00 11.15 ? 22  ALA A N   1 
ATOM   109  C  CA  . ALA A 1 22  ? -1.397  -2.382  -2.194  1.00 11.50 ? 22  ALA A CA  1 
ATOM   110  C  C   . ALA A 1 22  ? -0.048  -2.796  -2.764  1.00 13.07 ? 22  ALA A C   1 
ATOM   111  O  O   . ALA A 1 22  ? 0.102   -3.937  -3.243  1.00 11.63 ? 22  ALA A O   1 
ATOM   112  C  CB  . ALA A 1 22  ? -1.455  -2.581  -0.688  1.00 11.36 ? 22  ALA A CB  1 
ATOM   113  N  N   . CYS A 1 23  ? 0.953   -1.930  -2.617  1.00 14.12 ? 23  CYS A N   1 
ATOM   114  C  CA  . CYS A 1 23  ? 2.352   -2.311  -2.940  1.00 14.87 ? 23  CYS A CA  1 
ATOM   115  C  C   . CYS A 1 23  ? 3.241   -1.969  -1.762  1.00 14.37 ? 23  CYS A C   1 
ATOM   116  O  O   . CYS A 1 23  ? 2.982   -0.956  -1.008  1.00 13.85 ? 23  CYS A O   1 
ATOM   117  C  CB  . CYS A 1 23  ? 2.971   -1.601  -4.132  1.00 15.64 ? 23  CYS A CB  1 
ATOM   118  S  SG  . CYS A 1 23  ? 2.041   -1.721  -5.672  1.00 16.99 ? 23  CYS A SG  1 
ATOM   119  N  N   . LEU A 1 24  ? 4.170   -2.873  -1.552  1.00 12.53 ? 24  LEU A N   1 
ATOM   120  C  CA  . LEU A 1 24  ? 5.409   -2.623  -0.796  1.00 12.87 ? 24  LEU A CA  1 
ATOM   121  C  C   . LEU A 1 24  ? 6.325   -1.865  -1.752  1.00 13.25 ? 24  LEU A C   1 
ATOM   122  O  O   . LEU A 1 24  ? 6.873   -2.500  -2.712  1.00 13.80 ? 24  LEU A O   1 
ATOM   123  C  CB  . LEU A 1 24  ? 6.007   -3.962  -0.356  1.00 13.69 ? 24  LEU A CB  1 
ATOM   124  C  CG  . LEU A 1 24  ? 5.058   -4.891  0.400   1.00 13.57 ? 24  LEU A CG  1 
ATOM   125  C  CD1 . LEU A 1 24  ? 5.792   -6.096  0.923   1.00 14.50 ? 24  LEU A CD1 1 
ATOM   126  C  CD2 . LEU A 1 24  ? 4.414   -4.138  1.564   1.00 13.52 ? 24  LEU A CD2 1 
ATOM   127  N  N   . CYS A 1 25  ? 6.452   -0.569  -1.531  1.00 12.34 ? 25  CYS A N   1 
ATOM   128  C  CA  . CYS A 1 25  ? 7.130   0.370   -2.448  1.00 12.43 ? 25  CYS A CA  1 
ATOM   129  C  C   . CYS A 1 25  ? 8.576   0.459   -1.996  1.00 12.60 ? 25  CYS A C   1 
ATOM   130  O  O   . CYS A 1 25  ? 8.827   1.203   -1.058  1.00 12.08 ? 25  CYS A O   1 
ATOM   131  C  CB  . CYS A 1 25  ? 6.481   1.744   -2.407  1.00 13.69 ? 25  CYS A CB  1 
ATOM   132  S  SG  . CYS A 1 25  ? 4.795   1.702   -3.048  1.00 15.30 ? 25  CYS A SG  1 
ATOM   133  N  N   . PHE A 1 26  ? 9.446   -0.378  -2.553  1.00 11.39 ? 26  PHE A N   1 
ATOM   134  C  CA  . PHE A 1 26  ? 10.862  -0.424  -2.124  1.00 13.36 ? 26  PHE A CA  1 
ATOM   135  C  C   . PHE A 1 26  ? 11.667  0.658   -2.847  1.00 13.83 ? 26  PHE A C   1 
ATOM   136  O  O   . PHE A 1 26  ? 11.469  0.923   -4.053  1.00 11.82 ? 26  PHE A O   1 
ATOM   137  C  CB  . PHE A 1 26  ? 11.458  -1.815  -2.364  1.00 14.59 ? 26  PHE A CB  1 
ATOM   138  C  CG  . PHE A 1 26  ? 10.831  -2.858  -1.475  1.00 16.69 ? 26  PHE A CG  1 
ATOM   139  C  CD1 . PHE A 1 26  ? 10.969  -2.785  -0.102  1.00 18.37 ? 26  PHE A CD1 1 
ATOM   140  C  CD2 . PHE A 1 26  ? 10.075  -3.880  -2.017  1.00 18.79 ? 26  PHE A CD2 1 
ATOM   141  C  CE1 . PHE A 1 26  ? 10.369  -3.727  0.722   1.00 20.39 ? 26  PHE A CE1 1 
ATOM   142  C  CE2 . PHE A 1 26  ? 9.492   -4.829  -1.190  1.00 20.92 ? 26  PHE A CE2 1 
ATOM   143  C  CZ  . PHE A 1 26  ? 9.628   -4.734  0.175   1.00 19.53 ? 26  PHE A CZ  1 
ATOM   144  N  N   . ARG A 1 27  ? 12.686  1.162   -2.168  1.00 14.87 ? 27  ARG A N   1 
ATOM   145  C  CA  . ARG A 1 27  ? 13.565  2.178   -2.753  1.00 16.74 ? 27  ARG A CA  1 
ATOM   146  C  C   . ARG A 1 27  ? 14.465  1.542   -3.823  1.00 18.34 ? 27  ARG A C   1 
ATOM   147  O  O   . ARG A 1 27  ? 14.793  2.278   -4.754  1.00 18.00 ? 27  ARG A O   1 
ATOM   148  C  CB  . ARG A 1 27  ? 14.356  2.901   -1.673  1.00 21.33 ? 27  ARG A CB  1 
ATOM   149  C  CG  . ARG A 1 27  ? 14.886  4.228   -2.188  1.00 27.39 ? 27  ARG A CG  1 
ATOM   150  C  CD  . ARG A 1 27  ? 16.159  4.646   -1.525  1.00 33.39 ? 27  ARG A CD  1 
ATOM   151  N  NE  . ARG A 1 27  ? 15.798  5.442   -0.403  1.00 33.56 ? 27  ARG A NE  1 
ATOM   152  C  CZ  . ARG A 1 27  ? 16.413  6.551   -0.023  1.00 40.49 ? 27  ARG A CZ  1 
ATOM   153  N  NH1 . ARG A 1 27  ? 17.398  7.087   -0.725  1.00 40.42 ? 27  ARG A NH1 1 
ATOM   154  N  NH2 . ARG A 1 27  ? 16.002  7.154   1.070   1.00 41.31 ? 27  ARG A NH2 1 
ATOM   155  N  N   . SER A 1 28  ? 14.810  0.253   -3.732  1.00 16.86 ? 28  SER A N   1 
ATOM   156  C  CA  . SER A 1 28  ? 15.703  -0.417  -4.708  1.00 18.85 ? 28  SER A CA  1 
ATOM   157  C  C   . SER A 1 28  ? 15.408  -1.904  -4.709  1.00 19.00 ? 28  SER A C   1 
ATOM   158  O  O   . SER A 1 28  ? 14.632  -2.383  -3.854  1.00 16.01 ? 28  SER A O   1 
ATOM   159  C  CB  . SER A 1 28  ? 17.186  -0.196  -4.380  1.00 19.67 ? 28  SER A CB  1 
ATOM   160  O  OG  . SER A 1 28  ? 17.542  -0.959  -3.245  1.00 17.57 ? 28  SER A OG  1 
ATOM   161  N  N   . GLU A 1 29  ? 16.050  -2.603  -5.641  1.00 20.82 ? 29  GLU A N   1 
ATOM   162  C  CA  . GLU A 1 29  ? 15.970  -4.066  -5.764  1.00 24.78 ? 29  GLU A CA  1 
ATOM   163  C  C   . GLU A 1 29  ? 16.428  -4.773  -4.476  1.00 22.55 ? 29  GLU A C   1 
ATOM   164  O  O   . GLU A 1 29  ? 15.984  -5.905  -4.292  1.00 27.07 ? 29  GLU A O   1 
ATOM   165  C  CB  . GLU A 1 29  ? 16.736  -4.494  -7.024  1.00 29.49 ? 29  GLU A CB  1 
ATOM   166  C  CG  . GLU A 1 29  ? 15.967  -4.104  -8.274  1.00 36.91 ? 29  GLU A CG  1 
ATOM   167  C  CD  . GLU A 1 29  ? 16.407  -4.685  -9.609  1.00 44.38 ? 29  GLU A CD  1 
ATOM   168  O  OE1 . GLU A 1 29  ? 15.565  -4.677  -10.542 1.00 49.66 ? 29  GLU A OE1 1 
ATOM   169  O  OE2 . GLU A 1 29  ? 17.582  -5.137  -9.722  1.00 50.26 ? 29  GLU A OE2 1 
ATOM   170  N  N   . SER A 1 30  ? 17.192  -4.154  -3.584  1.00 19.83 ? 30  SER A N   1 
ATOM   171  C  CA  A SER A 1 30  ? 17.645  -4.824  -2.335  0.51 21.46 ? 30  SER A CA  1 
ATOM   172  C  CA  B SER A 1 30  ? 17.657  -4.779  -2.314  0.49 19.27 ? 30  SER A CA  1 
ATOM   173  C  C   . SER A 1 30  ? 16.478  -4.914  -1.327  1.00 20.19 ? 30  SER A C   1 
ATOM   174  O  O   . SER A 1 30  ? 16.561  -5.715  -0.407  1.00 19.04 ? 30  SER A O   1 
ATOM   175  C  CB  A SER A 1 30  ? 18.865  -4.149  -1.763  0.51 22.39 ? 30  SER A CB  1 
ATOM   176  C  CB  B SER A 1 30  ? 18.806  -4.003  -1.698  0.49 17.94 ? 30  SER A CB  1 
ATOM   177  O  OG  A SER A 1 30  ? 18.544  -2.860  -1.271  0.51 25.69 ? 30  SER A OG  1 
ATOM   178  O  OG  B SER A 1 30  ? 19.806  -3.688  -2.653  0.49 15.09 ? 30  SER A OG  1 
ATOM   179  N  N   . GLU A 1 31  ? 15.379  -4.183  -1.538  1.00 19.36 ? 31  GLU A N   1 
ATOM   180  C  CA  . GLU A 1 31  ? 14.158  -4.254  -0.664  1.00 19.47 ? 31  GLU A CA  1 
ATOM   181  C  C   . GLU A 1 31  ? 14.534  -4.043  0.810   1.00 17.29 ? 31  GLU A C   1 
ATOM   182  O  O   . GLU A 1 31  ? 14.033  -4.785  1.695   1.00 17.69 ? 31  GLU A O   1 
ATOM   183  C  CB  . GLU A 1 31  ? 13.391  -5.566  -0.857  1.00 22.02 ? 31  GLU A CB  1 
ATOM   184  C  CG  . GLU A 1 31  ? 12.985  -5.828  -2.293  1.00 24.34 ? 31  GLU A CG  1 
ATOM   185  C  CD  . GLU A 1 31  ? 12.327  -7.168  -2.618  1.00 28.14 ? 31  GLU A CD  1 
ATOM   186  O  OE1 . GLU A 1 31  ? 12.239  -8.028  -1.742  1.00 28.51 ? 31  GLU A OE1 1 
ATOM   187  O  OE2 . GLU A 1 31  ? 11.855  -7.333  -3.752  1.00 32.79 ? 31  GLU A OE2 1 
ATOM   188  N  N   . GLU A 1 32  ? 15.339  -3.038  1.102   1.00 17.95 ? 32  GLU A N   1 
ATOM   189  C  CA  . GLU A 1 32  ? 15.792  -2.736  2.479   1.00 18.43 ? 32  GLU A CA  1 
ATOM   190  C  C   . GLU A 1 32  ? 14.999  -1.554  3.054   1.00 17.65 ? 32  GLU A C   1 
ATOM   191  O  O   . GLU A 1 32  ? 14.957  -1.442  4.280   1.00 16.94 ? 32  GLU A O   1 
ATOM   192  C  CB  . GLU A 1 32  ? 17.289  -2.500  2.449   1.00 20.96 ? 32  GLU A CB  1 
ATOM   193  C  CG  . GLU A 1 32  ? 18.008  -3.728  1.911   1.00 26.91 ? 32  GLU A CG  1 
ATOM   194  C  CD  . GLU A 1 32  ? 19.496  -3.553  1.750   1.00 32.63 ? 32  GLU A CD  1 
ATOM   195  O  OE1 . GLU A 1 32  ? 19.945  -2.380  1.704   1.00 34.59 ? 32  GLU A OE1 1 
ATOM   196  O  OE2 . GLU A 1 32  ? 20.188  -4.584  1.613   1.00 45.47 ? 32  GLU A OE2 1 
ATOM   197  N  N   . GLU A 1 33  ? 14.441  -0.694  2.205   1.00 16.26 ? 33  GLU A N   1 
ATOM   198  C  CA  . GLU A 1 33  ? 13.724  0.522   2.662   1.00 16.52 ? 33  GLU A CA  1 
ATOM   199  C  C   . GLU A 1 33  ? 12.419  0.570   1.901   1.00 14.69 ? 33  GLU A C   1 
ATOM   200  O  O   . GLU A 1 33  ? 12.440  0.271   0.703   1.00 13.74 ? 33  GLU A O   1 
ATOM   201  C  CB  . GLU A 1 33  ? 14.494  1.812   2.377   1.00 19.62 ? 33  GLU A CB  1 
ATOM   202  C  CG  . GLU A 1 33  ? 15.671  2.030   3.286   1.00 25.70 ? 33  GLU A CG  1 
ATOM   203  C  CD  . GLU A 1 33  ? 16.353  3.370   3.062   1.00 34.36 ? 33  GLU A CD  1 
ATOM   204  O  OE1 . GLU A 1 33  ? 15.656  4.402   3.049   1.00 34.82 ? 33  GLU A OE1 1 
ATOM   205  O  OE2 . GLU A 1 33  ? 17.571  3.360   2.850   1.00 45.74 ? 33  GLU A OE2 1 
ATOM   206  N  N   . VAL A 1 34  ? 11.336  0.878   2.596   1.00 13.68 ? 34  VAL A N   1 
ATOM   207  C  CA  . VAL A 1 34  ? 9.973   0.863   2.018   1.00 12.66 ? 34  VAL A CA  1 
ATOM   208  C  C   . VAL A 1 34  ? 9.268   2.161   2.356   1.00 13.65 ? 34  VAL A C   1 
ATOM   209  O  O   . VAL A 1 34  ? 9.509   2.752   3.402   1.00 12.05 ? 34  VAL A O   1 
ATOM   210  C  CB  . VAL A 1 34  ? 9.169   -0.330  2.572   1.00 13.71 ? 34  VAL A CB  1 
ATOM   211  C  CG1 . VAL A 1 34  ? 8.887   -0.172  4.062   1.00 13.55 ? 34  VAL A CG1 1 
ATOM   212  C  CG2 . VAL A 1 34  ? 7.872   -0.556  1.805   1.00 13.84 ? 34  VAL A CG2 1 
ATOM   213  N  N   . LEU A 1 35  ? 8.396   2.579   1.462   1.00 12.58 ? 35  LEU A N   1 
ATOM   214  C  CA  . LEU A 1 35  ? 7.725   3.863   1.610   1.00 13.64 ? 35  LEU A CA  1 
ATOM   215  C  C   . LEU A 1 35  ? 6.391   3.674   2.304   1.00 12.17 ? 35  LEU A C   1 
ATOM   216  O  O   . LEU A 1 35  ? 5.558   2.918   1.804   1.00 12.93 ? 35  LEU A O   1 
ATOM   217  C  CB  . LEU A 1 35  ? 7.547   4.453   0.210   1.00 15.22 ? 35  LEU A CB  1 
ATOM   218  C  CG  . LEU A 1 35  ? 7.043   5.888   0.231   1.00 15.49 ? 35  LEU A CG  1 
ATOM   219  C  CD1 . LEU A 1 35  ? 8.186   6.801   0.632   1.00 16.17 ? 35  LEU A CD1 1 
ATOM   220  C  CD2 . LEU A 1 35  ? 6.494   6.246   -1.145  1.00 17.52 ? 35  LEU A CD2 1 
ATOM   221  N  N   . LEU A 1 36  ? 6.197   4.337   3.436   1.00 11.21 ? 36  LEU A N   1 
ATOM   222  C  CA  . LEU A 1 36  ? 4.875   4.365   4.087   1.00 10.63 ? 36  LEU A CA  1 
ATOM   223  C  C   . LEU A 1 36  ? 4.269   5.738   3.904   1.00 11.40 ? 36  LEU A C   1 
ATOM   224  O  O   . LEU A 1 36  ? 5.022   6.691   3.629   1.00 12.45 ? 36  LEU A O   1 
ATOM   225  C  CB  . LEU A 1 36  ? 4.970   3.996   5.569   1.00 10.09 ? 36  LEU A CB  1 
ATOM   226  C  CG  . LEU A 1 36  ? 5.585   2.645   5.878   1.00 9.81  ? 36  LEU A CG  1 
ATOM   227  C  CD1 . LEU A 1 36  ? 5.572   2.377   7.345   1.00 10.42 ? 36  LEU A CD1 1 
ATOM   228  C  CD2 . LEU A 1 36  ? 4.904   1.491   5.116   1.00 9.93  ? 36  LEU A CD2 1 
ATOM   229  N  N   . VAL A 1 37  ? 2.941   5.833   4.053   1.00 11.36 ? 37  VAL A N   1 
ATOM   230  C  CA  . VAL A 1 37  ? 2.232   7.131   3.936   1.00 12.31 ? 37  VAL A CA  1 
ATOM   231  C  C   . VAL A 1 37  ? 1.361   7.340   5.177   1.00 12.03 ? 37  VAL A C   1 
ATOM   232  O  O   . VAL A 1 37  ? 1.070   6.418   5.906   1.00 11.67 ? 37  VAL A O   1 
ATOM   233  C  CB  . VAL A 1 37  ? 1.363   7.215   2.666   1.00 13.13 ? 37  VAL A CB  1 
ATOM   234  C  CG1 . VAL A 1 37  ? 2.188   6.979   1.410   1.00 13.82 ? 37  VAL A CG1 1 
ATOM   235  C  CG2 . VAL A 1 37  ? 0.196   6.236   2.722   1.00 13.10 ? 37  VAL A CG2 1 
ATOM   236  N  N   . SER A 1 38  ? 0.993   8.566   5.449   1.00 12.47 ? 38  SER A N   1 
ATOM   237  C  CA  . SER A 1 38  ? 0.214   8.835   6.668   1.00 13.91 ? 38  SER A CA  1 
ATOM   238  C  C   . SER A 1 38  ? -1.225  8.320   6.517   1.00 15.41 ? 38  SER A C   1 
ATOM   239  O  O   . SER A 1 38  ? -1.778  8.351   5.438   1.00 15.96 ? 38  SER A O   1 
ATOM   240  C  CB  . SER A 1 38  ? 0.299   10.264  7.056   1.00 14.06 ? 38  SER A CB  1 
ATOM   241  O  OG  . SER A 1 38  ? -0.041  11.121  5.993   1.00 17.42 ? 38  SER A OG  1 
ATOM   242  N  N   . SER A 1 39  ? -1.803  7.852   7.599   1.00 18.19 ? 39  SER A N   1 
ATOM   243  C  CA  . SER A 1 39  ? -3.249  7.579   7.707   1.00 20.79 ? 39  SER A CA  1 
ATOM   244  C  C   . SER A 1 39  ? -4.038  8.843   7.352   1.00 22.77 ? 39  SER A C   1 
ATOM   245  O  O   . SER A 1 39  ? -3.645  9.934   7.750   1.00 23.17 ? 39  SER A O   1 
ATOM   246  C  CB  . SER A 1 39  ? -3.602  7.056   9.078   1.00 23.36 ? 39  SER A CB  1 
ATOM   247  O  OG  . SER A 1 39  ? -4.987  7.254   9.328   1.00 26.98 ? 39  SER A OG  1 
ATOM   248  N  N   . SER A 1 40  ? -5.135  8.710   6.617   1.00 24.86 ? 40  SER A N   1 
ATOM   249  C  CA  . SER A 1 40  ? -5.994  9.868   6.277   1.00 27.31 ? 40  SER A CA  1 
ATOM   250  C  C   . SER A 1 40  ? -6.789  10.262  7.530   1.00 28.90 ? 40  SER A C   1 
ATOM   251  O  O   . SER A 1 40  ? -6.869  11.453  7.810   1.00 32.42 ? 40  SER A O   1 
ATOM   252  C  CB  . SER A 1 40  ? -6.883  9.601   5.068   1.00 27.96 ? 40  SER A CB  1 
ATOM   253  O  OG  . SER A 1 40  ? -7.657  8.420   5.243   1.00 27.68 ? 40  SER A OG  1 
ATOM   254  N  N   . ARG A 1 41  ? -7.285  9.289   8.291   1.00 32.50 ? 41  ARG A N   1 
ATOM   255  C  CA  . ARG A 1 41  ? -8.123  9.543   9.491   1.00 38.63 ? 41  ARG A CA  1 
ATOM   256  C  C   . ARG A 1 41  ? -7.246  10.092  10.614  1.00 40.17 ? 41  ARG A C   1 
ATOM   257  O  O   . ARG A 1 41  ? -7.732  10.971  11.342  1.00 37.46 ? 41  ARG A O   1 
ATOM   258  C  CB  . ARG A 1 41  ? -8.818  8.262   9.967   1.00 42.46 ? 41  ARG A CB  1 
ATOM   259  C  CG  . ARG A 1 41  ? -10.161 8.007   9.307   1.00 44.87 ? 41  ARG A CG  1 
ATOM   260  C  CD  . ARG A 1 41  ? -10.025 7.365   7.944   1.00 48.75 ? 41  ARG A CD  1 
ATOM   261  N  NE  . ARG A 1 41  ? -11.329 7.388   7.292   1.00 51.05 ? 41  ARG A NE  1 
ATOM   262  C  CZ  . ARG A 1 41  ? -11.576 7.808   6.047   1.00 53.12 ? 41  ARG A CZ  1 
ATOM   263  N  NH1 . ARG A 1 41  ? -10.604 8.205   5.233   1.00 53.89 ? 41  ARG A NH1 1 
ATOM   264  N  NH2 . ARG A 1 41  ? -12.819 7.778   5.602   1.00 53.42 ? 41  ARG A NH2 1 
ATOM   265  N  N   . HIS A 1 42  ? -6.024  9.553   10.760  1.00 36.69 ? 42  HIS A N   1 
ATOM   266  C  CA  . HIS A 1 42  ? -5.102  9.839   11.888  1.00 35.82 ? 42  HIS A CA  1 
ATOM   267  C  C   . HIS A 1 42  ? -3.696  10.091  11.368  1.00 31.88 ? 42  HIS A C   1 
ATOM   268  O  O   . HIS A 1 42  ? -2.864  9.174   11.341  1.00 27.30 ? 42  HIS A O   1 
ATOM   269  C  CB  . HIS A 1 42  ? -5.208  8.708   12.900  1.00 37.30 ? 42  HIS A CB  1 
ATOM   270  C  CG  . HIS A 1 42  ? -6.573  8.671   13.501  1.00 43.28 ? 42  HIS A CG  1 
ATOM   271  N  ND1 . HIS A 1 42  ? -7.553  7.805   13.054  1.00 48.36 ? 42  HIS A ND1 1 
ATOM   272  C  CD2 . HIS A 1 42  ? -7.142  9.433   14.460  1.00 46.50 ? 42  HIS A CD2 1 
ATOM   273  C  CE1 . HIS A 1 42  ? -8.662  8.005   13.741  1.00 48.90 ? 42  HIS A CE1 1 
ATOM   274  N  NE2 . HIS A 1 42  ? -8.435  8.998   14.613  1.00 51.54 ? 42  HIS A NE2 1 
ATOM   275  N  N   . PRO A 1 43  ? -3.418  11.349  10.949  1.00 30.51 ? 43  PRO A N   1 
ATOM   276  C  CA  . PRO A 1 43  ? -2.176  11.696  10.262  1.00 26.64 ? 43  PRO A CA  1 
ATOM   277  C  C   . PRO A 1 43  ? -0.869  11.450  11.024  1.00 27.83 ? 43  PRO A C   1 
ATOM   278  O  O   . PRO A 1 43  ? 0.176   11.435  10.361  1.00 21.59 ? 43  PRO A O   1 
ATOM   279  C  CB  . PRO A 1 43  ? -2.328  13.194  9.968   1.00 27.08 ? 43  PRO A CB  1 
ATOM   280  C  CG  . PRO A 1 43  ? -3.828  13.385  9.902   1.00 31.33 ? 43  PRO A CG  1 
ATOM   281  C  CD  . PRO A 1 43  ? -4.349  12.496  11.011  1.00 30.46 ? 43  PRO A CD  1 
ATOM   282  N  N   . ASP A 1 44  ? -0.924  11.204  12.339  1.00 25.14 ? 44  ASP A N   1 
ATOM   283  C  CA  . ASP A 1 44  ? 0.325   10.899  13.087  1.00 26.62 ? 44  ASP A CA  1 
ATOM   284  C  C   . ASP A 1 44  ? 0.660   9.395   12.994  1.00 20.17 ? 44  ASP A C   1 
ATOM   285  O  O   . ASP A 1 44  ? 1.619   8.987   13.616  1.00 18.23 ? 44  ASP A O   1 
ATOM   286  C  CB  . ASP A 1 44  ? 0.264   11.451  14.515  1.00 31.08 ? 44  ASP A CB  1 
ATOM   287  C  CG  . ASP A 1 44  ? -0.820  10.857  15.375  1.00 35.91 ? 44  ASP A CG  1 
ATOM   288  O  OD1 . ASP A 1 44  ? -1.565  10.008  14.857  1.00 42.04 ? 44  ASP A OD1 1 
ATOM   289  O  OD2 . ASP A 1 44  ? -0.929  11.277  16.561  1.00 40.06 ? 44  ASP A OD2 1 
ATOM   290  N  N   . ARG A 1 45  ? -0.114  8.604   12.250  1.00 19.63 ? 45  ARG A N   1 
ATOM   291  C  CA  . ARG A 1 45  ? 0.073   7.135   12.094  1.00 19.12 ? 45  ARG A CA  1 
ATOM   292  C  C   . ARG A 1 45  ? 0.515   6.836   10.659  1.00 16.47 ? 45  ARG A C   1 
ATOM   293  O  O   . ARG A 1 45  ? 0.155   7.605   9.759   1.00 15.43 ? 45  ARG A O   1 
ATOM   294  C  CB  . ARG A 1 45  ? -1.217  6.372   12.363  1.00 23.47 ? 45  ARG A CB  1 
ATOM   295  C  CG  . ARG A 1 45  ? -1.856  6.661   13.717  1.00 28.67 ? 45  ARG A CG  1 
ATOM   296  C  CD  . ARG A 1 45  ? -3.225  5.982   13.840  1.00 33.29 ? 45  ARG A CD  1 
ATOM   297  N  NE  . ARG A 1 45  ? -3.985  6.581   14.939  1.00 38.60 ? 45  ARG A NE  1 
ATOM   298  C  CZ  . ARG A 1 45  ? -5.218  6.246   15.313  1.00 40.88 ? 45  ARG A CZ  1 
ATOM   299  N  NH1 . ARG A 1 45  ? -5.868  5.267   14.699  1.00 39.07 ? 45  ARG A NH1 1 
ATOM   300  N  NH2 . ARG A 1 45  ? -5.777  6.891   16.327  1.00 39.80 ? 45  ARG A NH2 1 
ATOM   301  N  N   . TRP A 1 46  ? 1.249   5.745   10.482  1.00 13.19 ? 46  TRP A N   1 
ATOM   302  C  CA  . TRP A 1 46  ? 1.750   5.264   9.153   1.00 13.31 ? 46  TRP A CA  1 
ATOM   303  C  C   . TRP A 1 46  ? 0.948   4.044   8.672   1.00 11.72 ? 46  TRP A C   1 
ATOM   304  O  O   . TRP A 1 46  ? 0.569   3.176   9.505   1.00 14.15 ? 46  TRP A O   1 
ATOM   305  C  CB  . TRP A 1 46  ? 3.250   4.939   9.260   1.00 13.22 ? 46  TRP A CB  1 
ATOM   306  C  CG  . TRP A 1 46  ? 4.061   6.157   9.595   1.00 14.06 ? 46  TRP A CG  1 
ATOM   307  C  CD1 . TRP A 1 46  ? 4.615   6.465   10.802  1.00 13.69 ? 46  TRP A CD1 1 
ATOM   308  C  CD2 . TRP A 1 46  ? 4.400   7.249   8.709   1.00 15.09 ? 46  TRP A CD2 1 
ATOM   309  N  NE1 . TRP A 1 46  ? 5.265   7.670   10.738  1.00 14.49 ? 46  TRP A NE1 1 
ATOM   310  C  CE2 . TRP A 1 46  ? 5.132   8.185   9.470   1.00 14.98 ? 46  TRP A CE2 1 
ATOM   311  C  CE3 . TRP A 1 46  ? 4.128   7.543   7.356   1.00 13.90 ? 46  TRP A CE3 1 
ATOM   312  C  CZ2 . TRP A 1 46  ? 5.632   9.358   8.906   1.00 16.37 ? 46  TRP A CZ2 1 
ATOM   313  C  CZ3 . TRP A 1 46  ? 4.606   8.713   6.807   1.00 14.88 ? 46  TRP A CZ3 1 
ATOM   314  C  CH2 . TRP A 1 46  ? 5.329   9.622   7.582   1.00 16.38 ? 46  TRP A CH2 1 
ATOM   315  N  N   . ILE A 1 47  ? 0.773   3.915   7.355   1.00 10.29 ? 47  ILE A N   1 
ATOM   316  C  CA  . ILE A 1 47  ? 0.089   2.779   6.687   1.00 10.50 ? 47  ILE A CA  1 
ATOM   317  C  C   . ILE A 1 47  ? 0.873   2.423   5.431   1.00 10.28 ? 47  ILE A C   1 
ATOM   318  O  O   . ILE A 1 47  ? 1.631   3.265   4.904   1.00 10.58 ? 47  ILE A O   1 
ATOM   319  C  CB  . ILE A 1 47  ? -1.382  3.133   6.318   1.00 10.66 ? 47  ILE A CB  1 
ATOM   320  C  CG1 . ILE A 1 47  ? -1.480  4.181   5.207   1.00 11.83 ? 47  ILE A CG1 1 
ATOM   321  C  CG2 . ILE A 1 47  ? -2.124  3.579   7.554   1.00 11.16 ? 47  ILE A CG2 1 
ATOM   322  C  CD1 . ILE A 1 47  ? -2.916  4.525   4.754   1.00 12.77 ? 47  ILE A CD1 1 
ATOM   323  N  N   . VAL A 1 48  ? 0.587   1.253   4.902   1.00 10.32 ? 48  VAL A N   1 
ATOM   324  C  CA  . VAL A 1 48  ? 1.061   0.841   3.562   1.00 10.91 ? 48  VAL A CA  1 
ATOM   325  C  C   . VAL A 1 48  ? 0.028   1.408   2.602   1.00 10.48 ? 48  VAL A C   1 
ATOM   326  O  O   . VAL A 1 48  ? -1.130  1.056   2.765   1.00 12.52 ? 48  VAL A O   1 
ATOM   327  C  CB  . VAL A 1 48  ? 1.205   -0.683  3.455   1.00 11.08 ? 48  VAL A CB  1 
ATOM   328  C  CG1 . VAL A 1 48  ? 1.528   -1.122  2.051   1.00 12.03 ? 48  VAL A CG1 1 
ATOM   329  C  CG2 . VAL A 1 48  ? 2.242   -1.230  4.413   1.00 11.79 ? 48  VAL A CG2 1 
ATOM   330  N  N   . PRO A 1 49  ? 0.438   2.182   1.574   1.00 10.35 ? 49  PRO A N   1 
ATOM   331  C  CA  . PRO A 1 49  ? -0.498  2.706   0.580   1.00 11.03 ? 49  PRO A CA  1 
ATOM   332  C  C   . PRO A 1 49  ? -1.186  1.572   -0.207  1.00 11.11 ? 49  PRO A C   1 
ATOM   333  O  O   . PRO A 1 49  ? -0.540  0.597   -0.688  1.00 12.93 ? 49  PRO A O   1 
ATOM   334  C  CB  . PRO A 1 49  ? 0.408   3.572   -0.309  1.00 11.33 ? 49  PRO A CB  1 
ATOM   335  C  CG  . PRO A 1 49  ? 1.768   2.905   -0.240  1.00 11.37 ? 49  PRO A CG  1 
ATOM   336  C  CD  . PRO A 1 49  ? 1.866   2.399   1.189   1.00 10.80 ? 49  PRO A CD  1 
ATOM   337  N  N   . GLY A 1 50  ? -2.494  1.718   -0.379  1.00 10.86 ? 50  GLY A N   1 
ATOM   338  C  CA  . GLY A 1 50  ? -3.323  0.769   -1.120  1.00 11.24 ? 50  GLY A CA  1 
ATOM   339  C  C   . GLY A 1 50  ? -4.780  1.223   -1.034  1.00 11.04 ? 50  GLY A C   1 
ATOM   340  O  O   . GLY A 1 50  ? -5.062  2.262   -0.369  1.00 9.87  ? 50  GLY A O   1 
ATOM   341  N  N   . GLY A 1 51  ? -5.645  0.498   -1.680  1.00 10.82 ? 51  GLY A N   1 
ATOM   342  C  CA  . GLY A 1 51  ? -7.059  0.914   -1.728  1.00 13.42 ? 51  GLY A CA  1 
ATOM   343  C  C   . GLY A 1 51  ? -7.893  -0.020  -2.545  1.00 13.21 ? 51  GLY A C   1 
ATOM   344  O  O   . GLY A 1 51  ? -7.360  -1.076  -2.994  1.00 13.06 ? 51  GLY A O   1 
ATOM   345  N  N   . GLY A 1 52  ? -9.141  0.390   -2.779  1.00 13.29 ? 52  GLY A N   1 
ATOM   346  C  CA  . GLY A 1 52  ? -10.180 -0.459  -3.375  1.00 13.96 ? 52  GLY A CA  1 
ATOM   347  C  C   . GLY A 1 52  ? -9.918  -0.743  -4.843  1.00 13.70 ? 52  GLY A C   1 
ATOM   348  O  O   . GLY A 1 52  ? -9.595  0.208   -5.595  1.00 14.21 ? 52  GLY A O   1 
ATOM   349  N  N   . MET A 1 53  ? -10.127 -1.993  -5.266  1.00 14.92 ? 53  MET A N   1 
ATOM   350  C  CA  A MET A 1 53  ? -10.148 -2.366  -6.703  0.51 15.59 ? 53  MET A CA  1 
ATOM   351  C  CA  B MET A 1 53  ? -10.170 -2.388  -6.701  0.49 15.48 ? 53  MET A CA  1 
ATOM   352  C  C   . MET A 1 53  ? -11.467 -1.840  -7.308  1.00 16.06 ? 53  MET A C   1 
ATOM   353  O  O   . MET A 1 53  ? -12.469 -1.871  -6.635  1.00 15.90 ? 53  MET A O   1 
ATOM   354  C  CB  A MET A 1 53  ? -9.970  -3.881  -6.860  0.51 15.26 ? 53  MET A CB  1 
ATOM   355  C  CB  B MET A 1 53  ? -10.158 -3.905  -6.882  0.49 15.09 ? 53  MET A CB  1 
ATOM   356  C  CG  A MET A 1 53  ? -8.614  -4.360  -6.315  0.51 15.94 ? 53  MET A CG  1 
ATOM   357  C  CG  B MET A 1 53  ? -8.996  -4.596  -6.237  0.49 15.47 ? 53  MET A CG  1 
ATOM   358  S  SD  A MET A 1 53  ? -8.432  -6.156  -6.188  0.51 16.20 ? 53  MET A SD  1 
ATOM   359  S  SD  B MET A 1 53  ? -8.793  -6.201  -6.998  0.49 16.00 ? 53  MET A SD  1 
ATOM   360  C  CE  A MET A 1 53  ? -8.692  -6.593  -7.906  0.51 16.58 ? 53  MET A CE  1 
ATOM   361  C  CE  B MET A 1 53  ? -7.956  -7.091  -5.691  0.49 14.90 ? 53  MET A CE  1 
ATOM   362  N  N   . GLU A 1 54  ? -11.404 -1.299  -8.515  1.00 16.10 ? 54  GLU A N   1 
ATOM   363  C  CA  . GLU A 1 54  ? -12.576 -0.836  -9.298  1.00 17.87 ? 54  GLU A CA  1 
ATOM   364  C  C   . GLU A 1 54  ? -13.184 -2.026  -10.023 1.00 17.59 ? 54  GLU A C   1 
ATOM   365  O  O   . GLU A 1 54  ? -12.524 -3.047  -10.254 1.00 14.34 ? 54  GLU A O   1 
ATOM   366  C  CB  . GLU A 1 54  ? -12.105 0.236   -10.277 1.00 21.43 ? 54  GLU A CB  1 
ATOM   367  C  CG  . GLU A 1 54  ? -11.600 1.483   -9.576  1.00 26.97 ? 54  GLU A CG  1 
ATOM   368  C  CD  . GLU A 1 54  ? -10.888 2.469   -10.494 1.00 35.61 ? 54  GLU A CD  1 
ATOM   369  O  OE1 . GLU A 1 54  ? -10.573 2.083   -11.648 1.00 39.85 ? 54  GLU A OE1 1 
ATOM   370  O  OE2 . GLU A 1 54  ? -10.609 3.610   -10.047 1.00 44.56 ? 54  GLU A OE2 1 
ATOM   371  N  N   . PRO A 1 55  ? -14.456 -1.906  -10.480 1.00 15.20 ? 55  PRO A N   1 
ATOM   372  C  CA  . PRO A 1 55  ? -15.059 -3.005  -11.206 1.00 15.71 ? 55  PRO A CA  1 
ATOM   373  C  C   . PRO A 1 55  ? -14.158 -3.463  -12.359 1.00 16.29 ? 55  PRO A C   1 
ATOM   374  O  O   . PRO A 1 55  ? -13.671 -2.617  -13.081 1.00 17.32 ? 55  PRO A O   1 
ATOM   375  C  CB  . PRO A 1 55  ? -16.409 -2.424  -11.637 1.00 15.24 ? 55  PRO A CB  1 
ATOM   376  C  CG  . PRO A 1 55  ? -16.728 -1.375  -10.557 1.00 15.46 ? 55  PRO A CG  1 
ATOM   377  C  CD  . PRO A 1 55  ? -15.365 -0.763  -10.246 1.00 16.57 ? 55  PRO A CD  1 
ATOM   378  N  N   . GLU A 1 56  ? -13.975 -4.760  -12.472 1.00 16.74 ? 56  GLU A N   1 
ATOM   379  C  CA  . GLU A 1 56  ? -13.247 -5.493  -13.545 1.00 20.96 ? 56  GLU A CA  1 
ATOM   380  C  C   . GLU A 1 56  ? -11.765 -5.090  -13.558 1.00 23.27 ? 56  GLU A C   1 
ATOM   381  O  O   . GLU A 1 56  ? -11.070 -5.503  -14.490 1.00 23.64 ? 56  GLU A O   1 
ATOM   382  C  CB  . GLU A 1 56  ? -13.896 -5.221  -14.906 1.00 24.74 ? 56  GLU A CB  1 
ATOM   383  C  CG  . GLU A 1 56  ? -15.372 -5.586  -14.933 1.00 26.06 ? 56  GLU A CG  1 
ATOM   384  C  CD  . GLU A 1 56  ? -16.030 -5.497  -16.300 1.00 31.69 ? 56  GLU A CD  1 
ATOM   385  O  OE1 . GLU A 1 56  ? -15.923 -4.440  -16.928 1.00 35.12 ? 56  GLU A OE1 1 
ATOM   386  O  OE2 . GLU A 1 56  ? -16.702 -6.461  -16.696 1.00 37.73 ? 56  GLU A OE2 1 
ATOM   387  N  N   . GLU A 1 57  ? -11.276 -4.400  -12.526 1.00 20.99 ? 57  GLU A N   1 
ATOM   388  C  CA  . GLU A 1 57  ? -9.870  -3.924  -12.507 1.00 19.54 ? 57  GLU A CA  1 
ATOM   389  C  C   . GLU A 1 57  ? -8.933  -5.037  -12.002 1.00 19.42 ? 57  GLU A C   1 
ATOM   390  O  O   . GLU A 1 57  ? -9.101  -5.498  -10.855 1.00 17.85 ? 57  GLU A O   1 
ATOM   391  C  CB  . GLU A 1 57  ? -9.755  -2.685  -11.634 1.00 20.29 ? 57  GLU A CB  1 
ATOM   392  C  CG  . GLU A 1 57  ? -8.352  -2.053  -11.689 1.00 20.81 ? 57  GLU A CG  1 
ATOM   393  C  CD  . GLU A 1 57  ? -8.193  -0.824  -10.829 1.00 21.56 ? 57  GLU A CD  1 
ATOM   394  O  OE1 . GLU A 1 57  ? -8.767  -0.828  -9.734  1.00 21.90 ? 57  GLU A OE1 1 
ATOM   395  O  OE2 . GLU A 1 57  ? -7.539  0.174   -11.282 1.00 24.48 ? 57  GLU A OE2 1 
ATOM   396  N  N   . GLU A 1 58  ? -7.939  -5.422  -12.797 1.00 16.78 ? 58  GLU A N   1 
ATOM   397  C  CA  . GLU A 1 58  ? -6.905  -6.401  -12.387 1.00 19.03 ? 58  GLU A CA  1 
ATOM   398  C  C   . GLU A 1 58  ? -6.250  -5.911  -11.107 1.00 16.77 ? 58  GLU A C   1 
ATOM   399  O  O   . GLU A 1 58  ? -5.949  -4.730  -11.000 1.00 14.77 ? 58  GLU A O   1 
ATOM   400  C  CB  . GLU A 1 58  ? -5.779  -6.490  -13.413 1.00 23.91 ? 58  GLU A CB  1 
ATOM   401  C  CG  . GLU A 1 58  ? -6.244  -6.997  -14.742 1.00 30.12 ? 58  GLU A CG  1 
ATOM   402  C  CD  . GLU A 1 58  ? -6.490  -8.487  -14.770 1.00 39.29 ? 58  GLU A CD  1 
ATOM   403  O  OE1 . GLU A 1 58  ? -6.075  -9.177  -13.815 1.00 45.79 ? 58  GLU A OE1 1 
ATOM   404  O  OE2 . GLU A 1 58  ? -7.097  -8.952  -15.759 1.00 53.94 ? 58  GLU A OE2 1 
ATOM   405  N  N   . PRO A 1 59  ? -5.926  -6.789  -10.142 1.00 19.29 ? 59  PRO A N   1 
ATOM   406  C  CA  . PRO A 1 59  ? -5.399  -6.322  -8.862  1.00 18.93 ? 59  PRO A CA  1 
ATOM   407  C  C   . PRO A 1 59  ? -4.042  -5.594  -9.006  1.00 19.23 ? 59  PRO A C   1 
ATOM   408  O  O   . PRO A 1 59  ? -3.818  -4.598  -8.306  1.00 16.04 ? 59  PRO A O   1 
ATOM   409  C  CB  . PRO A 1 59  ? -5.239  -7.600  -8.010  1.00 22.40 ? 59  PRO A CB  1 
ATOM   410  C  CG  . PRO A 1 59  ? -5.847  -8.738  -8.800  1.00 24.64 ? 59  PRO A CG  1 
ATOM   411  C  CD  . PRO A 1 59  ? -6.183  -8.240  -10.189 1.00 22.17 ? 59  PRO A CD  1 
ATOM   412  N  N   . SER A 1 60  ? -3.165  -6.066  -9.908  1.00 16.53 ? 60  SER A N   1 
ATOM   413  C  CA  . SER A 1 60  ? -1.830  -5.450  -10.112 1.00 17.07 ? 60  SER A CA  1 
ATOM   414  C  C   . SER A 1 60  ? -2.013  -4.034  -10.658 1.00 18.06 ? 60  SER A C   1 
ATOM   415  O  O   . SER A 1 60  ? -1.195  -3.165  -10.364 1.00 17.85 ? 60  SER A O   1 
ATOM   416  C  CB  . SER A 1 60  ? -0.919  -6.302  -11.011 1.00 19.27 ? 60  SER A CB  1 
ATOM   417  O  OG  . SER A 1 60  ? -1.454  -6.446  -12.310 1.00 20.60 ? 60  SER A OG  1 
ATOM   418  N  N   . VAL A 1 61  ? -3.075  -3.806  -11.436 1.00 16.08 ? 61  VAL A N   1 
ATOM   419  C  CA  . VAL A 1 61  ? -3.387  -2.475  -11.997 1.00 15.36 ? 61  VAL A CA  1 
ATOM   420  C  C   . VAL A 1 61  ? -3.926  -1.584  -10.881 1.00 14.86 ? 61  VAL A C   1 
ATOM   421  O  O   . VAL A 1 61  ? -3.497  -0.401  -10.795 1.00 14.34 ? 61  VAL A O   1 
ATOM   422  C  CB  . VAL A 1 61  ? -4.369  -2.634  -13.168 1.00 16.92 ? 61  VAL A CB  1 
ATOM   423  C  CG1 . VAL A 1 61  ? -4.978  -1.301  -13.558 1.00 17.40 ? 61  VAL A CG1 1 
ATOM   424  C  CG2 . VAL A 1 61  ? -3.675  -3.337  -14.320 1.00 17.69 ? 61  VAL A CG2 1 
ATOM   425  N  N   . ALA A 1 62  ? -4.800  -2.115  -10.025 1.00 14.56 ? 62  ALA A N   1 
ATOM   426  C  CA  . ALA A 1 62  ? -5.355  -1.345  -8.880  1.00 15.38 ? 62  ALA A CA  1 
ATOM   427  C  C   . ALA A 1 62  ? -4.197  -0.940  -7.958  1.00 14.02 ? 62  ALA A C   1 
ATOM   428  O  O   . ALA A 1 62  ? -4.180  0.163   -7.409  1.00 13.83 ? 62  ALA A O   1 
ATOM   429  C  CB  . ALA A 1 62  ? -6.346  -2.190  -8.126  1.00 14.73 ? 62  ALA A CB  1 
ATOM   430  N  N   . ALA A 1 63  ? -3.270  -1.856  -7.743  1.00 14.89 ? 63  ALA A N   1 
ATOM   431  C  CA  . ALA A 1 63  ? -2.154  -1.647  -6.785  1.00 14.70 ? 63  ALA A CA  1 
ATOM   432  C  C   . ALA A 1 63  ? -1.327  -0.428  -7.223  1.00 15.90 ? 63  ALA A C   1 
ATOM   433  O  O   . ALA A 1 63  ? -1.092  0.479   -6.393  1.00 15.89 ? 63  ALA A O   1 
ATOM   434  C  CB  . ALA A 1 63  ? -1.314  -2.890  -6.689  1.00 14.25 ? 63  ALA A CB  1 
ATOM   435  N  N   . VAL A 1 64  ? -0.906  -0.418  -8.481  1.00 16.71 ? 64  VAL A N   1 
ATOM   436  C  CA  . VAL A 1 64  ? -0.056  0.642   -9.087  1.00 17.52 ? 64  VAL A CA  1 
ATOM   437  C  C   . VAL A 1 64  ? -0.823  1.964   -9.097  1.00 16.01 ? 64  VAL A C   1 
ATOM   438  O  O   . VAL A 1 64  ? -0.237  3.034   -8.754  1.00 14.74 ? 64  VAL A O   1 
ATOM   439  C  CB  . VAL A 1 64  ? 0.396   0.153   -10.469 1.00 19.83 ? 64  VAL A CB  1 
ATOM   440  C  CG1 . VAL A 1 64  ? 0.914   1.275   -11.334 1.00 24.29 ? 64  VAL A CG1 1 
ATOM   441  C  CG2 . VAL A 1 64  ? 1.431   -0.954  -10.267 1.00 21.31 ? 64  VAL A CG2 1 
ATOM   442  N  N   . ARG A 1 65  ? -2.098  1.900   -9.416  1.00 14.09 ? 65  ARG A N   1 
ATOM   443  C  CA  . ARG A 1 65  ? -2.945  3.105   -9.413  1.00 15.59 ? 65  ARG A CA  1 
ATOM   444  C  C   . ARG A 1 65  ? -3.039  3.664   -8.000  1.00 13.97 ? 65  ARG A C   1 
ATOM   445  O  O   . ARG A 1 65  ? -2.751  4.867   -7.843  1.00 15.36 ? 65  ARG A O   1 
ATOM   446  C  CB  . ARG A 1 65  ? -4.329  2.848   -10.010 1.00 15.41 ? 65  ARG A CB  1 
ATOM   447  C  CG  . ARG A 1 65  ? -5.244  4.047   -9.859  1.00 16.28 ? 65  ARG A CG  1 
ATOM   448  C  CD  . ARG A 1 65  ? -6.653  3.773   -10.376 1.00 16.94 ? 65  ARG A CD  1 
ATOM   449  N  NE  . ARG A 1 65  ? -7.192  2.583   -9.744  1.00 18.25 ? 65  ARG A NE  1 
ATOM   450  C  CZ  . ARG A 1 65  ? -7.567  2.502   -8.468  1.00 17.98 ? 65  ARG A CZ  1 
ATOM   451  N  NH1 . ARG A 1 65  ? -7.521  3.569   -7.698  1.00 17.72 ? 65  ARG A NH1 1 
ATOM   452  N  NH2 . ARG A 1 65  ? -7.998  1.348   -7.980  1.00 17.82 ? 65  ARG A NH2 1 
ATOM   453  N  N   . GLU A 1 66  ? -3.355  2.857   -6.995  1.00 12.99 ? 66  GLU A N   1 
ATOM   454  C  CA  . GLU A 1 66  ? -3.555  3.434   -5.627  1.00 12.57 ? 66  GLU A CA  1 
ATOM   455  C  C   . GLU A 1 66  ? -2.241  4.024   -5.090  1.00 11.81 ? 66  GLU A C   1 
ATOM   456  O  O   . GLU A 1 66  ? -2.293  4.984   -4.335  1.00 11.81 ? 66  GLU A O   1 
ATOM   457  C  CB  . GLU A 1 66  ? -4.154  2.387   -4.676  1.00 12.35 ? 66  GLU A CB  1 
ATOM   458  C  CG  . GLU A 1 66  ? -5.614  2.125   -4.936  1.00 12.93 ? 66  GLU A CG  1 
ATOM   459  C  CD  . GLU A 1 66  ? -6.543  3.170   -4.330  1.00 13.98 ? 66  GLU A CD  1 
ATOM   460  O  OE1 . GLU A 1 66  ? -7.704  3.184   -4.728  1.00 13.85 ? 66  GLU A OE1 1 
ATOM   461  O  OE2 . GLU A 1 66  ? -6.093  3.970   -3.503  1.00 12.48 ? 66  GLU A OE2 1 
ATOM   462  N  N   . VAL A 1 67  ? -1.097  3.411   -5.380  1.00 12.01 ? 67  VAL A N   1 
ATOM   463  C  CA  A VAL A 1 67  ? 0.266   3.869   -4.966  0.50 13.19 ? 67  VAL A CA  1 
ATOM   464  C  CA  B VAL A 1 67  ? 0.186   3.942   -4.833  0.50 12.91 ? 67  VAL A CA  1 
ATOM   465  C  C   . VAL A 1 67  ? 0.551   5.247   -5.572  1.00 13.26 ? 67  VAL A C   1 
ATOM   466  O  O   . VAL A 1 67  ? 1.065   6.140   -4.886  1.00 15.06 ? 67  VAL A O   1 
ATOM   467  C  CB  A VAL A 1 67  ? 1.315   2.842   -5.438  0.50 13.71 ? 67  VAL A CB  1 
ATOM   468  C  CB  B VAL A 1 67  ? 1.306   2.878   -4.763  0.50 13.24 ? 67  VAL A CB  1 
ATOM   469  C  CG1 A VAL A 1 67  ? 2.725   3.417   -5.477  0.50 13.99 ? 67  VAL A CG1 1 
ATOM   470  C  CG1 B VAL A 1 67  ? 0.866   1.714   -3.881  0.50 13.86 ? 67  VAL A CG1 1 
ATOM   471  C  CG2 A VAL A 1 67  ? 1.267   1.601   -4.579  0.50 14.22 ? 67  VAL A CG2 1 
ATOM   472  C  CG2 B VAL A 1 67  ? 1.791   2.365   -6.109  0.50 12.61 ? 67  VAL A CG2 1 
ATOM   473  N  N   . CYS A 1 68  ? 0.269   5.379   -6.867  1.00 14.94 ? 68  CYS A N   1 
ATOM   474  C  CA  . CYS A 1 68  ? 0.373   6.682   -7.585  1.00 16.37 ? 68  CYS A CA  1 
ATOM   475  C  C   . CYS A 1 68  ? -0.494  7.743   -6.863  1.00 15.30 ? 68  CYS A C   1 
ATOM   476  O  O   . CYS A 1 68  ? 0.024   8.797   -6.503  1.00 15.83 ? 68  CYS A O   1 
ATOM   477  C  CB  . CYS A 1 68  ? -0.024  6.496   -9.038  1.00 18.73 ? 68  CYS A CB  1 
ATOM   478  S  SG  . CYS A 1 68  ? 0.098   8.057   -9.947  1.00 27.89 ? 68  CYS A SG  1 
ATOM   479  N  N   . GLU A 1 69  ? -1.746  7.430   -6.552  1.00 17.40 ? 69  GLU A N   1 
ATOM   480  C  CA  . GLU A 1 69  ? -2.731  8.367   -5.932  1.00 16.29 ? 69  GLU A CA  1 
ATOM   481  C  C   . GLU A 1 69  ? -2.324  8.732   -4.508  1.00 16.75 ? 69  GLU A C   1 
ATOM   482  O  O   . GLU A 1 69  ? -2.414  9.929   -4.117  1.00 17.91 ? 69  GLU A O   1 
ATOM   483  C  CB  . GLU A 1 69  ? -4.102  7.700   -5.851  1.00 19.02 ? 69  GLU A CB  1 
ATOM   484  C  CG  . GLU A 1 69  ? -4.792  7.504   -7.175  1.00 22.41 ? 69  GLU A CG  1 
ATOM   485  C  CD  . GLU A 1 69  ? -6.102  6.729   -7.109  1.00 23.31 ? 69  GLU A CD  1 
ATOM   486  O  OE1 . GLU A 1 69  ? -6.696  6.503   -8.196  1.00 21.07 ? 69  GLU A OE1 1 
ATOM   487  O  OE2 . GLU A 1 69  ? -6.510  6.318   -5.975  1.00 20.87 ? 69  GLU A OE2 1 
ATOM   488  N  N   . GLU A 1 70  ? -1.918  7.738   -3.706  1.00 14.27 ? 70  GLU A N   1 
ATOM   489  C  CA  . GLU A 1 70  ? -1.754  7.945   -2.242  1.00 14.76 ? 70  GLU A CA  1 
ATOM   490  C  C   . GLU A 1 70  ? -0.295  8.294   -1.910  1.00 14.07 ? 70  GLU A C   1 
ATOM   491  O  O   . GLU A 1 70  ? -0.053  9.033   -0.929  1.00 12.86 ? 70  GLU A O   1 
ATOM   492  C  CB  . GLU A 1 70  ? -2.149  6.676   -1.486  1.00 14.83 ? 70  GLU A CB  1 
ATOM   493  C  CG  . GLU A 1 70  ? -3.622  6.318   -1.599  1.00 15.92 ? 70  GLU A CG  1 
ATOM   494  C  CD  . GLU A 1 70  ? -4.118  5.297   -0.579  1.00 16.36 ? 70  GLU A CD  1 
ATOM   495  O  OE1 . GLU A 1 70  ? -5.352  5.039   -0.600  1.00 15.12 ? 70  GLU A OE1 1 
ATOM   496  O  OE2 . GLU A 1 70  ? -3.296  4.776   0.279   1.00 15.04 ? 70  GLU A OE2 1 
ATOM   497  N  N   . ALA A 1 71  ? 0.677   7.762   -2.660  1.00 13.84 ? 71  ALA A N   1 
ATOM   498  C  CA  . ALA A 1 71  ? 2.100   7.958   -2.314  1.00 12.62 ? 71  ALA A CA  1 
ATOM   499  C  C   . ALA A 1 71  ? 2.861   8.809   -3.345  1.00 12.89 ? 71  ALA A C   1 
ATOM   500  O  O   . ALA A 1 71  ? 3.995   9.168   -3.037  1.00 13.89 ? 71  ALA A O   1 
ATOM   501  C  CB  . ALA A 1 71  ? 2.789   6.651   -2.085  1.00 13.26 ? 71  ALA A CB  1 
ATOM   502  N  N   . GLY A 1 72  ? 2.326   9.033   -4.531  1.00 12.43 ? 72  GLY A N   1 
ATOM   503  C  CA  . GLY A 1 72  ? 2.971   9.860   -5.561  1.00 14.37 ? 72  GLY A CA  1 
ATOM   504  C  C   . GLY A 1 72  ? 4.224   9.186   -6.103  1.00 13.86 ? 72  GLY A C   1 
ATOM   505  O  O   . GLY A 1 72  ? 5.220   9.932   -6.351  1.00 15.31 ? 72  GLY A O   1 
ATOM   506  N  N   . VAL A 1 73  ? 4.241   7.860   -6.208  1.00 13.57 ? 73  VAL A N   1 
ATOM   507  C  CA  . VAL A 1 73  ? 5.413   7.142   -6.797  1.00 13.16 ? 73  VAL A CA  1 
ATOM   508  C  C   . VAL A 1 73  ? 4.974   6.197   -7.901  1.00 13.23 ? 73  VAL A C   1 
ATOM   509  O  O   . VAL A 1 73  ? 3.789   5.737   -7.941  1.00 12.24 ? 73  VAL A O   1 
ATOM   510  C  CB  . VAL A 1 73  ? 6.260   6.392   -5.746  1.00 13.54 ? 73  VAL A CB  1 
ATOM   511  C  CG1 . VAL A 1 73  ? 6.768   7.333   -4.650  1.00 15.74 ? 73  VAL A CG1 1 
ATOM   512  C  CG2 . VAL A 1 73  ? 5.480   5.242   -5.140  1.00 12.63 ? 73  VAL A CG2 1 
ATOM   513  N  N   . LYS A 1 74  ? 5.960   5.846   -8.738  1.00 12.41 ? 74  LYS A N   1 
ATOM   514  C  CA  . LYS A 1 74  ? 5.787   4.898   -9.837  1.00 14.21 ? 74  LYS A CA  1 
ATOM   515  C  C   . LYS A 1 74  ? 7.071   4.063   -9.931  1.00 13.58 ? 74  LYS A C   1 
ATOM   516  O  O   . LYS A 1 74  ? 8.103   4.501   -9.414  1.00 12.46 ? 74  LYS A O   1 
ATOM   517  C  CB  . LYS A 1 74  ? 5.590   5.636   -11.166 1.00 16.81 ? 74  LYS A CB  1 
ATOM   518  C  CG  . LYS A 1 74  ? 4.280   6.396   -11.359 1.00 20.31 ? 74  LYS A CG  1 
ATOM   519  C  CD  . LYS A 1 74  ? 4.204   7.087   -12.722 1.00 24.89 ? 74  LYS A CD  1 
ATOM   520  C  CE  . LYS A 1 74  ? 3.112   8.141   -12.781 1.00 28.33 ? 74  LYS A CE  1 
ATOM   521  N  NZ  . LYS A 1 74  ? 1.787   7.520   -12.548 1.00 37.09 ? 74  LYS A NZ  1 
ATOM   522  N  N   . GLY A 1 75  ? 6.984   2.885   -10.518 1.00 12.98 ? 75  GLY A N   1 
ATOM   523  C  CA  . GLY A 1 75  ? 8.191   2.070   -10.705 1.00 13.27 ? 75  GLY A CA  1 
ATOM   524  C  C   . GLY A 1 75  ? 7.889   0.808   -11.451 1.00 14.31 ? 75  GLY A C   1 
ATOM   525  O  O   . GLY A 1 75  ? 6.874   0.764   -12.172 1.00 12.69 ? 75  GLY A O   1 
ATOM   526  N  N   . THR A 1 76  ? 8.708   -0.190  -11.176 1.00 15.30 ? 76  THR A N   1 
ATOM   527  C  CA  . THR A 1 76  ? 8.645   -1.506  -11.851 1.00 18.22 ? 76  THR A CA  1 
ATOM   528  C  C   . THR A 1 76  ? 7.879   -2.503  -10.983 1.00 16.98 ? 76  THR A C   1 
ATOM   529  O  O   . THR A 1 76  ? 8.331   -2.808  -9.935  1.00 15.74 ? 76  THR A O   1 
ATOM   530  C  CB  . THR A 1 76  ? 10.062  -2.030  -12.101 1.00 19.95 ? 76  THR A CB  1 
ATOM   531  O  OG1 . THR A 1 76  ? 10.782  -1.019  -12.777 1.00 21.76 ? 76  THR A OG1 1 
ATOM   532  C  CG2 . THR A 1 76  ? 10.068  -3.293  -12.918 1.00 21.07 ? 76  THR A CG2 1 
ATOM   533  N  N   . LEU A 1 77  ? 6.741   -2.969  -11.468 1.00 18.11 ? 77  LEU A N   1 
ATOM   534  C  CA  . LEU A 1 77  ? 5.936   -3.911  -10.677 1.00 19.76 ? 77  LEU A CA  1 
ATOM   535  C  C   . LEU A 1 77  ? 6.678   -5.239  -10.569 1.00 21.14 ? 77  LEU A C   1 
ATOM   536  O  O   . LEU A 1 77  ? 7.246   -5.678  -11.554 1.00 20.37 ? 77  LEU A O   1 
ATOM   537  C  CB  . LEU A 1 77  ? 4.576   -4.084  -11.339 1.00 20.91 ? 77  LEU A CB  1 
ATOM   538  C  CG  . LEU A 1 77  ? 3.613   -4.966  -10.567 1.00 21.52 ? 77  LEU A CG  1 
ATOM   539  C  CD1 . LEU A 1 77  ? 3.167   -4.270  -9.304  1.00 23.86 ? 77  LEU A CD1 1 
ATOM   540  C  CD2 . LEU A 1 77  ? 2.426   -5.337  -11.423 1.00 24.02 ? 77  LEU A CD2 1 
ATOM   541  N  N   . GLY A 1 78  ? 6.645   -5.803  -9.369  1.00 19.88 ? 78  GLY A N   1 
ATOM   542  C  CA  . GLY A 1 78  ? 7.253   -7.099  -9.039  1.00 19.70 ? 78  GLY A CA  1 
ATOM   543  C  C   . GLY A 1 78  ? 6.227   -8.167  -8.675  1.00 17.77 ? 78  GLY A C   1 
ATOM   544  O  O   . GLY A 1 78  ? 5.105   -8.048  -9.031  1.00 17.39 ? 78  GLY A O   1 
ATOM   545  N  N   . ARG A 1 79  ? 6.663   -9.139  -7.893  1.00 17.20 ? 79  ARG A N   1 
ATOM   546  C  CA  . ARG A 1 79  ? 5.850   -10.323 -7.547  1.00 16.62 ? 79  ARG A CA  1 
ATOM   547  C  C   . ARG A 1 79  ? 4.691   -10.032 -6.586  1.00 16.70 ? 79  ARG A C   1 
ATOM   548  O  O   . ARG A 1 79  ? 4.745   -9.082  -5.865  1.00 13.80 ? 79  ARG A O   1 
ATOM   549  C  CB  . ARG A 1 79  ? 6.774   -11.337 -6.876  1.00 18.74 ? 79  ARG A CB  1 
ATOM   550  C  CG  . ARG A 1 79  ? 7.236   -10.963 -5.479  1.00 20.95 ? 79  ARG A CG  1 
ATOM   551  C  CD  . ARG A 1 79  ? 8.386   -11.820 -4.957  1.00 24.60 ? 79  ARG A CD  1 
ATOM   552  N  NE  . ARG A 1 79  ? 8.919   -11.477 -3.652  1.00 25.58 ? 79  ARG A NE  1 
ATOM   553  C  CZ  . ARG A 1 79  ? 9.852   -10.556 -3.384  1.00 28.34 ? 79  ARG A CZ  1 
ATOM   554  N  NH1 . ARG A 1 79  ? 10.228  -10.362 -2.136  1.00 23.85 ? 79  ARG A NH1 1 
ATOM   555  N  NH2 . ARG A 1 79  ? 10.400  -9.820  -4.331  1.00 30.30 ? 79  ARG A NH2 1 
ATOM   556  N  N   . LEU A 1 80  ? 3.681   -10.891 -6.666  1.00 17.11 ? 80  LEU A N   1 
ATOM   557  C  CA  . LEU A 1 80  ? 2.572   -10.894 -5.686  1.00 17.87 ? 80  LEU A CA  1 
ATOM   558  C  C   . LEU A 1 80  ? 3.149   -11.504 -4.408  1.00 16.45 ? 80  LEU A C   1 
ATOM   559  O  O   . LEU A 1 80  ? 3.744   -12.559 -4.494  1.00 15.51 ? 80  LEU A O   1 
ATOM   560  C  CB  . LEU A 1 80  ? 1.457   -11.808 -6.192  1.00 17.86 ? 80  LEU A CB  1 
ATOM   561  C  CG  . LEU A 1 80  ? 0.311   -11.987 -5.210  1.00 16.60 ? 80  LEU A CG  1 
ATOM   562  C  CD1 . LEU A 1 80  ? -0.308  -10.664 -4.835  1.00 17.62 ? 80  LEU A CD1 1 
ATOM   563  C  CD2 . LEU A 1 80  ? -0.728  -12.940 -5.740  1.00 18.58 ? 80  LEU A CD2 1 
ATOM   564  N  N   . VAL A 1 81  ? 3.110   -10.762 -3.314  1.00 14.31 ? 81  VAL A N   1 
ATOM   565  C  CA  . VAL A 1 81  ? 3.557   -11.283 -2.000  1.00 15.28 ? 81  VAL A CA  1 
ATOM   566  C  C   . VAL A 1 81  ? 2.518   -12.263 -1.427  1.00 14.88 ? 81  VAL A C   1 
ATOM   567  O  O   . VAL A 1 81  ? 2.869   -13.298 -1.018  1.00 14.28 ? 81  VAL A O   1 
ATOM   568  C  CB  . VAL A 1 81  ? 3.825   -10.130 -1.029  1.00 17.51 ? 81  VAL A CB  1 
ATOM   569  C  CG1 . VAL A 1 81  ? 4.210   -10.646 0.335   1.00 17.07 ? 81  VAL A CG1 1 
ATOM   570  C  CG2 . VAL A 1 81  ? 4.886   -9.185  -1.582  1.00 19.58 ? 81  VAL A CG2 1 
ATOM   571  N  N   . GLY A 1 82  ? 1.256   -11.896 -1.497  1.00 12.43 ? 82  GLY A N   1 
ATOM   572  C  CA  . GLY A 1 82  ? 0.212   -12.727 -0.909  1.00 12.63 ? 82  GLY A CA  1 
ATOM   573  C  C   . GLY A 1 82  ? -1.069  -11.937 -0.865  1.00 12.30 ? 82  GLY A C   1 
ATOM   574  O  O   . GLY A 1 82  ? -1.085  -10.806 -1.341  1.00 12.09 ? 82  GLY A O   1 
ATOM   575  N  N   . ILE A 1 83  ? -2.136  -12.588 -0.434  1.00 12.61 ? 83  ILE A N   1 
ATOM   576  C  CA  . ILE A 1 83  ? -3.494  -11.982 -0.230  1.00 12.59 ? 83  ILE A CA  1 
ATOM   577  C  C   . ILE A 1 83  ? -3.788  -12.057 1.254   1.00 12.20 ? 83  ILE A C   1 
ATOM   578  O  O   . ILE A 1 83  ? -3.698  -13.151 1.837   1.00 12.12 ? 83  ILE A O   1 
ATOM   579  C  CB  . ILE A 1 83  ? -4.523  -12.749 -1.071  1.00 14.94 ? 83  ILE A CB  1 
ATOM   580  C  CG1 . ILE A 1 83  ? -4.049  -12.843 -2.532  1.00 16.46 ? 83  ILE A CG1 1 
ATOM   581  C  CG2 . ILE A 1 83  ? -5.905  -12.127 -0.926  1.00 13.81 ? 83  ILE A CG2 1 
ATOM   582  C  CD1 . ILE A 1 83  ? -4.854  -13.809 -3.396  1.00 19.42 ? 83  ILE A CD1 1 
ATOM   583  N  N   . PHE A 1 84  ? -4.170  -10.937 1.845   1.00 11.64 ? 84  PHE A N   1 
ATOM   584  C  CA  . PHE A 1 84  ? -4.168  -10.723 3.299   1.00 11.41 ? 84  PHE A CA  1 
ATOM   585  C  C   . PHE A 1 84  ? -5.567  -10.233 3.682   1.00 11.77 ? 84  PHE A C   1 
ATOM   586  O  O   . PHE A 1 84  ? -6.028  -9.247  3.135   1.00 12.11 ? 84  PHE A O   1 
ATOM   587  C  CB  . PHE A 1 84  ? -3.122  -9.665  3.632   1.00 11.58 ? 84  PHE A CB  1 
ATOM   588  C  CG  . PHE A 1 84  ? -1.685  -10.101 3.447   1.00 11.62 ? 84  PHE A CG  1 
ATOM   589  C  CD1 . PHE A 1 84  ? -1.072  -10.058 2.208   1.00 12.21 ? 84  PHE A CD1 1 
ATOM   590  C  CD2 . PHE A 1 84  ? -0.954  -10.563 4.520   1.00 13.16 ? 84  PHE A CD2 1 
ATOM   591  C  CE1 . PHE A 1 84  ? 0.240   -10.474 2.054   1.00 12.11 ? 84  PHE A CE1 1 
ATOM   592  C  CE2 . PHE A 1 84  ? 0.362   -10.995 4.364   1.00 12.31 ? 84  PHE A CE2 1 
ATOM   593  C  CZ  . PHE A 1 84  ? 0.949   -10.938 3.131   1.00 12.39 ? 84  PHE A CZ  1 
ATOM   594  N  N   . GLU A 1 85  ? -6.183  -10.887 4.628   1.00 12.81 ? 85  GLU A N   1 
ATOM   595  C  CA  . GLU A 1 85  ? -7.528  -10.518 5.113   1.00 15.14 ? 85  GLU A CA  1 
ATOM   596  C  C   . GLU A 1 85  ? -7.407  -9.716  6.385   1.00 14.81 ? 85  GLU A C   1 
ATOM   597  O  O   . GLU A 1 85  ? -6.600  -10.069 7.239   1.00 15.59 ? 85  GLU A O   1 
ATOM   598  C  CB  . GLU A 1 85  ? -8.342  -11.750 5.475   1.00 18.85 ? 85  GLU A CB  1 
ATOM   599  C  CG  . GLU A 1 85  ? -8.858  -12.421 4.252   1.00 23.96 ? 85  GLU A CG  1 
ATOM   600  C  CD  . GLU A 1 85  ? -9.611  -13.709 4.522   1.00 28.48 ? 85  GLU A CD  1 
ATOM   601  O  OE1 . GLU A 1 85  ? -10.278 -13.811 5.614   1.00 26.04 ? 85  GLU A OE1 1 
ATOM   602  O  OE2 . GLU A 1 85  ? -9.513  -14.586 3.623   1.00 27.52 ? 85  GLU A OE2 1 
ATOM   603  N  N   . ASN A 1 86  ? -8.288  -8.770  6.543   1.00 13.87 ? 86  ASN A N   1 
ATOM   604  C  CA  . ASN A 1 86  ? -8.450  -8.041  7.819   1.00 14.31 ? 86  ASN A CA  1 
ATOM   605  C  C   . ASN A 1 86  ? -9.852  -8.424  8.264   1.00 16.07 ? 86  ASN A C   1 
ATOM   606  O  O   . ASN A 1 86  ? -10.847 -7.930  7.664   1.00 14.45 ? 86  ASN A O   1 
ATOM   607  C  CB  . ASN A 1 86  ? -8.169  -6.562  7.680   1.00 15.47 ? 86  ASN A CB  1 
ATOM   608  C  CG  . ASN A 1 86  ? -8.491  -5.818  8.972   1.00 17.15 ? 86  ASN A CG  1 
ATOM   609  O  OD1 . ASN A 1 86  ? -9.339  -6.266  9.753   1.00 17.25 ? 86  ASN A OD1 1 
ATOM   610  N  ND2 . ASN A 1 86  ? -7.754  -4.746  9.228   1.00 18.06 ? 86  ASN A ND2 1 
ATOM   611  N  N   . GLN A 1 87  ? -9.907  -9.355  9.217   1.00 18.10 ? 87  GLN A N   1 
ATOM   612  C  CA  . GLN A 1 87  ? -11.176 -9.952  9.686   1.00 23.09 ? 87  GLN A CA  1 
ATOM   613  C  C   . GLN A 1 87  ? -12.046 -8.868  10.353  1.00 24.07 ? 87  GLN A C   1 
ATOM   614  O  O   . GLN A 1 87  ? -13.249 -8.864  10.116  1.00 24.34 ? 87  GLN A O   1 
ATOM   615  C  CB  . GLN A 1 87  ? -10.871 -11.132 10.610  1.00 27.95 ? 87  GLN A CB  1 
ATOM   616  C  CG  . GLN A 1 87  ? -12.137 -11.785 11.135  1.00 37.79 ? 87  GLN A CG  1 
ATOM   617  C  CD  . GLN A 1 87  ? -11.874 -12.985 12.008  1.00 46.22 ? 87  GLN A CD  1 
ATOM   618  O  OE1 . GLN A 1 87  ? -10.905 -13.030 12.772  1.00 53.31 ? 87  GLN A OE1 1 
ATOM   619  N  NE2 . GLN A 1 87  ? -12.760 -13.965 11.906  1.00 54.23 ? 87  GLN A NE2 1 
ATOM   620  N  N   . GLU A 1 88  ? -11.456 -7.932  11.082  1.00 24.69 ? 88  GLU A N   1 
ATOM   621  C  CA  . GLU A 1 88  ? -12.216 -6.891  11.829  1.00 27.97 ? 88  GLU A CA  1 
ATOM   622  C  C   . GLU A 1 88  ? -12.870 -5.901  10.857  1.00 25.14 ? 88  GLU A C   1 
ATOM   623  O  O   . GLU A 1 88  ? -14.026 -5.532  11.075  1.00 28.44 ? 88  GLU A O   1 
ATOM   624  C  CB  . GLU A 1 88  ? -11.294 -6.137  12.790  1.00 32.20 ? 88  GLU A CB  1 
ATOM   625  C  CG  . GLU A 1 88  ? -12.084 -5.240  13.731  1.00 41.81 ? 88  GLU A CG  1 
ATOM   626  C  CD  . GLU A 1 88  ? -11.494 -3.876  14.045  1.00 51.59 ? 88  GLU A CD  1 
ATOM   627  O  OE1 . GLU A 1 88  ? -12.295 -2.937  14.308  1.00 57.38 ? 88  GLU A OE1 1 
ATOM   628  O  OE2 . GLU A 1 88  ? -10.246 -3.757  14.058  1.00 58.22 ? 88  GLU A OE2 1 
ATOM   629  N  N   . ARG A 1 89  ? -12.144 -5.479  9.816   1.00 22.51 ? 89  ARG A N   1 
ATOM   630  C  CA  . ARG A 1 89  ? -12.617 -4.479  8.827   1.00 22.82 ? 89  ARG A CA  1 
ATOM   631  C  C   . ARG A 1 89  ? -13.236 -5.180  7.605   1.00 19.79 ? 89  ARG A C   1 
ATOM   632  O  O   . ARG A 1 89  ? -13.732 -4.475  6.739   1.00 18.28 ? 89  ARG A O   1 
ATOM   633  C  CB  . ARG A 1 89  ? -11.472 -3.546  8.404   1.00 26.56 ? 89  ARG A CB  1 
ATOM   634  C  CG  . ARG A 1 89  ? -10.623 -2.996  9.546   1.00 32.47 ? 89  ARG A CG  1 
ATOM   635  C  CD  . ARG A 1 89  ? -11.449 -2.294  10.609  1.00 39.95 ? 89  ARG A CD  1 
ATOM   636  N  NE  . ARG A 1 89  ? -12.340 -1.295  10.046  1.00 46.54 ? 89  ARG A NE  1 
ATOM   637  C  CZ  . ARG A 1 89  ? -13.492 -0.889  10.586  1.00 53.82 ? 89  ARG A CZ  1 
ATOM   638  N  NH1 . ARG A 1 89  ? -13.927 -1.389  11.733  1.00 58.60 ? 89  ARG A NH1 1 
ATOM   639  N  NH2 . ARG A 1 89  ? -14.213 0.028   9.963   1.00 54.85 ? 89  ARG A NH2 1 
ATOM   640  N  N   . LYS A 1 90  ? -13.168 -6.500  7.504   1.00 18.42 ? 90  LYS A N   1 
ATOM   641  C  CA  . LYS A 1 90  ? -13.813 -7.273  6.407   1.00 20.93 ? 90  LYS A CA  1 
ATOM   642  C  C   . LYS A 1 90  ? -13.299 -6.762  5.053   1.00 17.07 ? 90  LYS A C   1 
ATOM   643  O  O   . LYS A 1 90  ? -14.104 -6.410  4.124   1.00 13.04 ? 90  LYS A O   1 
ATOM   644  C  CB  . LYS A 1 90  ? -15.337 -7.226  6.540   1.00 25.92 ? 90  LYS A CB  1 
ATOM   645  C  CG  . LYS A 1 90  ? -15.862 -7.797  7.850   1.00 34.94 ? 90  LYS A CG  1 
ATOM   646  C  CD  . LYS A 1 90  ? -17.309 -7.460  8.116   1.00 44.27 ? 90  LYS A CD  1 
ATOM   647  C  CE  . LYS A 1 90  ? -17.540 -6.007  8.473   1.00 50.42 ? 90  LYS A CE  1 
ATOM   648  N  NZ  . LYS A 1 90  ? -18.948 -5.794  8.890   1.00 56.96 ? 90  LYS A NZ  1 
ATOM   649  N  N   . HIS A 1 91  ? -11.980 -6.798  4.885   1.00 13.29 ? 91  HIS A N   1 
ATOM   650  C  CA  . HIS A 1 91  ? -11.397 -6.586  3.548   1.00 12.11 ? 91  HIS A CA  1 
ATOM   651  C  C   . HIS A 1 91  ? -10.255 -7.551  3.252   1.00 11.18 ? 91  HIS A C   1 
ATOM   652  O  O   . HIS A 1 91  ? -9.722  -8.200  4.151   1.00 11.02 ? 91  HIS A O   1 
ATOM   653  C  CB  . HIS A 1 91  ? -11.077 -5.097  3.370   1.00 13.22 ? 91  HIS A CB  1 
ATOM   654  C  CG  . HIS A 1 91  ? -10.083 -4.475  4.291   1.00 13.97 ? 91  HIS A CG  1 
ATOM   655  N  ND1 . HIS A 1 91  ? -8.777  -4.970  4.436   1.00 13.57 ? 91  HIS A ND1 1 
ATOM   656  C  CD2 . HIS A 1 91  ? -10.172 -3.349  5.053   1.00 14.20 ? 91  HIS A CD2 1 
ATOM   657  C  CE1 . HIS A 1 91  ? -8.103  -4.159  5.244   1.00 15.90 ? 91  HIS A CE1 1 
ATOM   658  N  NE2 . HIS A 1 91  ? -8.935  -3.137  5.636   1.00 14.93 ? 91  HIS A NE2 1 
ATOM   659  N  N   . ARG A 1 92  ? -9.947  -7.688  1.970   1.00 10.86 ? 92  ARG A N   1 
ATOM   660  C  CA  . ARG A 1 92  ? -8.976  -8.695  1.469   1.00 11.97 ? 92  ARG A CA  1 
ATOM   661  C  C   . ARG A 1 92  ? -8.081  -7.999  0.450   1.00 11.84 ? 92  ARG A C   1 
ATOM   662  O  O   . ARG A 1 92  ? -8.637  -7.390  -0.453  1.00 12.52 ? 92  ARG A O   1 
ATOM   663  C  CB  . ARG A 1 92  ? -9.736  -9.860  0.824   1.00 12.67 ? 92  ARG A CB  1 
ATOM   664  C  CG  . ARG A 1 92  ? -8.825  -11.012 0.392   1.00 14.31 ? 92  ARG A CG  1 
ATOM   665  C  CD  . ARG A 1 92  ? -9.576  -12.295 0.003   1.00 16.59 ? 92  ARG A CD  1 
ATOM   666  N  NE  . ARG A 1 92  ? -10.256 -12.916 1.138   1.00 17.86 ? 92  ARG A NE  1 
ATOM   667  C  CZ  . ARG A 1 92  ? -11.572 -12.923 1.395   1.00 19.47 ? 92  ARG A CZ  1 
ATOM   668  N  NH1 . ARG A 1 92  ? -12.426 -12.386 0.557   1.00 17.83 ? 92  ARG A NH1 1 
ATOM   669  N  NH2 . ARG A 1 92  ? -12.038 -13.532 2.475   1.00 19.12 ? 92  ARG A NH2 1 
ATOM   670  N  N   . THR A 1 93  ? -6.781  -7.926  0.704   1.00 11.13 ? 93  THR A N   1 
ATOM   671  C  CA  . THR A 1 93  ? -5.846  -7.073  -0.024  1.00 10.54 ? 93  THR A CA  1 
ATOM   672  C  C   . THR A 1 93  ? -4.819  -7.929  -0.764  1.00 11.11 ? 93  THR A C   1 
ATOM   673  O  O   . THR A 1 93  ? -4.099  -8.704  -0.120  1.00 9.81  ? 93  THR A O   1 
ATOM   674  C  CB  . THR A 1 93  ? -5.147  -6.104  0.945   1.00 10.94 ? 93  THR A CB  1 
ATOM   675  O  OG1 . THR A 1 93  ? -6.147  -5.354  1.643   1.00 11.88 ? 93  THR A OG1 1 
ATOM   676  C  CG2 . THR A 1 93  ? -4.252  -5.136  0.229   1.00 10.88 ? 93  THR A CG2 1 
ATOM   677  N  N   . TYR A 1 94  ? -4.693  -7.728  -2.070  1.00 11.51 ? 94  TYR A N   1 
ATOM   678  C  CA  . TYR A 1 94  ? -3.530  -8.257  -2.838  1.00 12.65 ? 94  TYR A CA  1 
ATOM   679  C  C   . TYR A 1 94  ? -2.327  -7.333  -2.631  1.00 11.32 ? 94  TYR A C   1 
ATOM   680  O  O   . TYR A 1 94  ? -2.414  -6.146  -2.904  1.00 12.71 ? 94  TYR A O   1 
ATOM   681  C  CB  . TYR A 1 94  ? -3.854  -8.261  -4.328  1.00 13.74 ? 94  TYR A CB  1 
ATOM   682  C  CG  . TYR A 1 94  ? -4.787  -9.351  -4.770  1.00 16.79 ? 94  TYR A CG  1 
ATOM   683  C  CD1 . TYR A 1 94  ? -6.129  -9.348  -4.403  1.00 17.74 ? 94  TYR A CD1 1 
ATOM   684  C  CD2 . TYR A 1 94  ? -4.308  -10.386 -5.568  1.00 17.56 ? 94  TYR A CD2 1 
ATOM   685  C  CE1 . TYR A 1 94  ? -6.985  -10.353 -4.846  1.00 23.10 ? 94  TYR A CE1 1 
ATOM   686  C  CE2 . TYR A 1 94  ? -5.142  -11.401 -5.993  1.00 21.55 ? 94  TYR A CE2 1 
ATOM   687  C  CZ  . TYR A 1 94  ? -6.481  -11.369 -5.652  1.00 21.85 ? 94  TYR A CZ  1 
ATOM   688  O  OH  . TYR A 1 94  ? -7.265  -12.380 -6.104  1.00 28.30 ? 94  TYR A OH  1 
ATOM   689  N  N   . VAL A 1 95  ? -1.183  -7.879  -2.262  1.00 10.45 ? 95  VAL A N   1 
ATOM   690  C  CA  . VAL A 1 95  ? 0.008   -7.075  -1.923  1.00 11.30 ? 95  VAL A CA  1 
ATOM   691  C  C   . VAL A 1 95  ? 1.099   -7.441  -2.937  1.00 11.69 ? 95  VAL A C   1 
ATOM   692  O  O   . VAL A 1 95  ? 1.468   -8.642  -2.984  1.00 11.23 ? 95  VAL A O   1 
ATOM   693  C  CB  . VAL A 1 95  ? 0.460   -7.311  -0.475  1.00 11.46 ? 95  VAL A CB  1 
ATOM   694  C  CG1 . VAL A 1 95  ? 1.810   -6.637  -0.162  1.00 13.22 ? 95  VAL A CG1 1 
ATOM   695  C  CG2 . VAL A 1 95  ? -0.597  -6.826  0.515   1.00 12.14 ? 95  VAL A CG2 1 
ATOM   696  N  N   . TYR A 1 96  ? 1.585   -6.444  -3.671  1.00 11.95 ? 96  TYR A N   1 
ATOM   697  C  CA  . TYR A 1 96  ? 2.672   -6.588  -4.679  1.00 13.64 ? 96  TYR A CA  1 
ATOM   698  C  C   . TYR A 1 96  ? 3.928   -5.841  -4.243  1.00 14.46 ? 96  TYR A C   1 
ATOM   699  O  O   . TYR A 1 96  ? 3.877   -4.868  -3.486  1.00 15.49 ? 96  TYR A O   1 
ATOM   700  C  CB  . TYR A 1 96  ? 2.236   -6.058  -6.044  1.00 14.82 ? 96  TYR A CB  1 
ATOM   701  C  CG  . TYR A 1 96  ? 1.130   -6.839  -6.689  1.00 15.04 ? 96  TYR A CG  1 
ATOM   702  C  CD1 . TYR A 1 96  ? -0.191  -6.557  -6.376  1.00 14.64 ? 96  TYR A CD1 1 
ATOM   703  C  CD2 . TYR A 1 96  ? 1.404   -7.831  -7.618  1.00 14.93 ? 96  TYR A CD2 1 
ATOM   704  C  CE1 . TYR A 1 96  ? -1.221  -7.247  -6.984  1.00 14.92 ? 96  TYR A CE1 1 
ATOM   705  C  CE2 . TYR A 1 96  ? 0.389   -8.582  -8.189  1.00 15.78 ? 96  TYR A CE2 1 
ATOM   706  C  CZ  . TYR A 1 96  ? -0.927  -8.267  -7.870  1.00 16.84 ? 96  TYR A CZ  1 
ATOM   707  O  OH  . TYR A 1 96  ? -1.965  -8.956  -8.406  1.00 18.76 ? 96  TYR A OH  1 
ATOM   708  N  N   . VAL A 1 97  ? 5.067   -6.353  -4.697  1.00 14.44 ? 97  VAL A N   1 
ATOM   709  C  CA  . VAL A 1 97  ? 6.360   -5.634  -4.683  1.00 13.98 ? 97  VAL A CA  1 
ATOM   710  C  C   . VAL A 1 97  ? 6.320   -4.570  -5.809  1.00 13.74 ? 97  VAL A C   1 
ATOM   711  O  O   . VAL A 1 97  ? 5.859   -4.857  -6.950  1.00 13.25 ? 97  VAL A O   1 
ATOM   712  C  CB  . VAL A 1 97  ? 7.537   -6.626  -4.843  1.00 16.80 ? 97  VAL A CB  1 
ATOM   713  C  CG1 . VAL A 1 97  ? 8.869   -5.908  -5.027  1.00 16.03 ? 97  VAL A CG1 1 
ATOM   714  C  CG2 . VAL A 1 97  ? 7.628   -7.593  -3.675  1.00 18.44 ? 97  VAL A CG2 1 
ATOM   715  N  N   . LEU A 1 98  ? 6.724   -3.340  -5.505  1.00 14.53 ? 98  LEU A N   1 
ATOM   716  C  CA  A LEU A 1 98  ? 6.985   -2.271  -6.514  0.50 14.28 ? 98  LEU A CA  1 
ATOM   717  C  CA  B LEU A 1 98  ? 6.988   -2.283  -6.515  0.50 14.44 ? 98  LEU A CA  1 
ATOM   718  C  C   . LEU A 1 98  ? 8.368   -1.696  -6.211  1.00 14.21 ? 98  LEU A C   1 
ATOM   719  O  O   . LEU A 1 98  ? 8.600   -1.287  -5.053  1.00 13.69 ? 98  LEU A O   1 
ATOM   720  C  CB  A LEU A 1 98  ? 5.891   -1.193  -6.463  0.50 15.39 ? 98  LEU A CB  1 
ATOM   721  C  CB  B LEU A 1 98  ? 5.867   -1.239  -6.457  0.50 15.79 ? 98  LEU A CB  1 
ATOM   722  C  CG  A LEU A 1 98  ? 5.995   -0.038  -7.464  0.50 15.92 ? 98  LEU A CG  1 
ATOM   723  C  CG  B LEU A 1 98  ? 5.964   -0.072  -7.437  0.50 16.53 ? 98  LEU A CG  1 
ATOM   724  C  CD1 A LEU A 1 98  ? 5.541   -0.479  -8.860  0.50 16.34 ? 98  LEU A CD1 1 
ATOM   725  C  CD1 B LEU A 1 98  ? 6.906   0.988   -6.923  0.50 16.83 ? 98  LEU A CD1 1 
ATOM   726  C  CD2 A LEU A 1 98  ? 5.151   1.150   -7.001  0.50 16.05 ? 98  LEU A CD2 1 
ATOM   727  C  CD2 B LEU A 1 98  ? 6.367   -0.546  -8.829  0.50 16.92 ? 98  LEU A CD2 1 
ATOM   728  N  N   . ILE A 1 99  ? 9.244   -1.694  -7.205  1.00 13.10 ? 99  ILE A N   1 
ATOM   729  C  CA  . ILE A 1 99  ? 10.571  -1.043  -7.077  1.00 13.67 ? 99  ILE A CA  1 
ATOM   730  C  C   . ILE A 1 99  ? 10.438  0.368   -7.637  1.00 13.38 ? 99  ILE A C   1 
ATOM   731  O  O   . ILE A 1 99  ? 10.221  0.549   -8.847  1.00 13.81 ? 99  ILE A O   1 
ATOM   732  C  CB  . ILE A 1 99  ? 11.665  -1.851  -7.786  1.00 14.97 ? 99  ILE A CB  1 
ATOM   733  C  CG1 . ILE A 1 99  ? 11.644  -3.311  -7.329  1.00 15.60 ? 99  ILE A CG1 1 
ATOM   734  C  CG2 . ILE A 1 99  ? 13.008  -1.148  -7.606  1.00 15.56 ? 99  ILE A CG2 1 
ATOM   735  C  CD1 . ILE A 1 99  ? 11.750  -3.485  -5.826  1.00 16.44 ? 99  ILE A CD1 1 
ATOM   736  N  N   . VAL A 1 100 ? 10.505  1.363   -6.758  1.00 14.20 ? 100 VAL A N   1 
ATOM   737  C  CA  . VAL A 1 100 ? 10.211  2.780   -7.101  1.00 12.67 ? 100 VAL A CA  1 
ATOM   738  C  C   . VAL A 1 100 ? 11.291  3.322   -8.032  1.00 12.93 ? 100 VAL A C   1 
ATOM   739  O  O   . VAL A 1 100 ? 12.498  3.162   -7.656  1.00 13.28 ? 100 VAL A O   1 
ATOM   740  C  CB  . VAL A 1 100 ? 10.084  3.618   -5.827  1.00 12.07 ? 100 VAL A CB  1 
ATOM   741  C  CG1 . VAL A 1 100 ? 9.921   5.070   -6.171  1.00 13.07 ? 100 VAL A CG1 1 
ATOM   742  C  CG2 . VAL A 1 100 ? 8.915   3.103   -4.979  1.00 14.18 ? 100 VAL A CG2 1 
ATOM   743  N  N   . THR A 1 101 ? 10.880  3.917   -9.154  1.00 13.36 ? 101 THR A N   1 
ATOM   744  C  CA  . THR A 1 101 ? 11.838  4.567   -10.085 1.00 15.78 ? 101 THR A CA  1 
ATOM   745  C  C   . THR A 1 101 ? 11.531  6.066   -10.271 1.00 17.34 ? 101 THR A C   1 
ATOM   746  O  O   . THR A 1 101 ? 12.350  6.732   -10.843 1.00 16.40 ? 101 THR A O   1 
ATOM   747  C  CB  . THR A 1 101 ? 11.958  3.829   -11.423 1.00 15.99 ? 101 THR A CB  1 
ATOM   748  O  OG1 . THR A 1 101 ? 10.702  3.932   -12.075 1.00 16.33 ? 101 THR A OG1 1 
ATOM   749  C  CG2 . THR A 1 101 ? 12.425  2.403   -11.270 1.00 16.60 ? 101 THR A CG2 1 
ATOM   750  N  N   . GLU A 1 102 ? 10.336  6.510   -9.884  1.00 15.54 ? 102 GLU A N   1 
ATOM   751  C  CA  . GLU A 1 102 ? 9.947   7.928   -10.005 1.00 15.55 ? 102 GLU A CA  1 
ATOM   752  C  C   . GLU A 1 102 ? 9.268   8.409   -8.719  1.00 15.25 ? 102 GLU A C   1 
ATOM   753  O  O   . GLU A 1 102 ? 8.346   7.770   -8.314  1.00 13.71 ? 102 GLU A O   1 
ATOM   754  C  CB  . GLU A 1 102 ? 8.906   8.116   -11.099 1.00 18.28 ? 102 GLU A CB  1 
ATOM   755  C  CG  . GLU A 1 102 ? 9.317   7.474   -12.401 1.00 22.26 ? 102 GLU A CG  1 
ATOM   756  C  CD  . GLU A 1 102 ? 8.556   7.852   -13.655 1.00 25.87 ? 102 GLU A CD  1 
ATOM   757  O  OE1 . GLU A 1 102 ? 9.095   7.555   -14.732 1.00 22.70 ? 102 GLU A OE1 1 
ATOM   758  O  OE2 . GLU A 1 102 ? 7.449   8.414   -13.531 1.00 28.00 ? 102 GLU A OE2 1 
ATOM   759  N  N   . VAL A 1 103 ? 9.708   9.548   -8.190  1.00 14.80 ? 103 VAL A N   1 
ATOM   760  C  CA  . VAL A 1 103 ? 9.061   10.172  -7.005  1.00 14.56 ? 103 VAL A CA  1 
ATOM   761  C  C   . VAL A 1 103 ? 8.551   11.520  -7.480  1.00 15.38 ? 103 VAL A C   1 
ATOM   762  O  O   . VAL A 1 103 ? 9.356   12.337  -7.822  1.00 14.77 ? 103 VAL A O   1 
ATOM   763  C  CB  . VAL A 1 103 ? 10.022  10.330  -5.817  1.00 15.03 ? 103 VAL A CB  1 
ATOM   764  C  CG1 . VAL A 1 103 ? 9.300   10.877  -4.592  1.00 15.01 ? 103 VAL A CG1 1 
ATOM   765  C  CG2 . VAL A 1 103 ? 10.713  9.015   -5.520  1.00 15.26 ? 103 VAL A CG2 1 
ATOM   766  N  N   . LEU A 1 104 ? 7.239   11.672  -7.486  1.00 15.72 ? 104 LEU A N   1 
ATOM   767  C  CA  . LEU A 1 104 ? 6.565   12.872  -8.031  1.00 18.11 ? 104 LEU A CA  1 
ATOM   768  C  C   . LEU A 1 104 ? 6.244   13.825  -6.884  1.00 18.18 ? 104 LEU A C   1 
ATOM   769  O  O   . LEU A 1 104 ? 6.035   13.332  -5.801  1.00 16.80 ? 104 LEU A O   1 
ATOM   770  C  CB  . LEU A 1 104 ? 5.309   12.420  -8.783  1.00 20.48 ? 104 LEU A CB  1 
ATOM   771  C  CG  . LEU A 1 104 ? 5.565   11.295  -9.795  1.00 26.28 ? 104 LEU A CG  1 
ATOM   772  C  CD1 . LEU A 1 104 ? 4.314   10.986  -10.591 1.00 30.28 ? 104 LEU A CD1 1 
ATOM   773  C  CD2 . LEU A 1 104 ? 6.716   11.630  -10.742 1.00 28.22 ? 104 LEU A CD2 1 
ATOM   774  N  N   . GLU A 1 105 ? 6.278   15.142  -7.122  1.00 17.90 ? 105 GLU A N   1 
ATOM   775  C  CA  . GLU A 1 105 ? 6.180   16.157  -6.052  1.00 23.89 ? 105 GLU A CA  1 
ATOM   776  C  C   . GLU A 1 105 ? 4.759   16.554  -5.689  1.00 25.88 ? 105 GLU A C   1 
ATOM   777  O  O   . GLU A 1 105 ? 4.591   17.022  -4.557  1.00 34.90 ? 105 GLU A O   1 
ATOM   778  C  CB  . GLU A 1 105 ? 6.879   17.466  -6.405  1.00 26.81 ? 105 GLU A CB  1 
ATOM   779  C  CG  . GLU A 1 105 ? 8.317   17.421  -6.007  1.00 29.33 ? 105 GLU A CG  1 
ATOM   780  C  CD  . GLU A 1 105 ? 8.462   16.889  -4.591  1.00 35.54 ? 105 GLU A CD  1 
ATOM   781  O  OE1 . GLU A 1 105 ? 8.826   15.694  -4.447  1.00 32.78 ? 105 GLU A OE1 1 
ATOM   782  O  OE2 . GLU A 1 105 ? 8.168   17.660  -3.652  1.00 39.46 ? 105 GLU A OE2 1 
ATOM   783  N  N   . ASP A 1 106 ? 3.801   16.544  -6.574  1.00 28.72 ? 106 ASP A N   1 
ATOM   784  C  CA  . ASP A 1 106 ? 2.535   17.207  -6.130  1.00 34.60 ? 106 ASP A CA  1 
ATOM   785  C  C   . ASP A 1 106 ? 1.403   16.259  -6.416  1.00 33.63 ? 106 ASP A C   1 
ATOM   786  O  O   . ASP A 1 106 ? 0.619   16.546  -7.336  1.00 37.70 ? 106 ASP A O   1 
ATOM   787  C  CB  . ASP A 1 106 ? 2.301   18.553  -6.809  1.00 37.31 ? 106 ASP A CB  1 
ATOM   788  C  CG  . ASP A 1 106 ? 3.222   19.620  -6.264  1.00 40.89 ? 106 ASP A CG  1 
ATOM   789  O  OD1 . ASP A 1 106 ? 3.222   19.792  -5.021  1.00 45.31 ? 106 ASP A OD1 1 
ATOM   790  O  OD2 . ASP A 1 106 ? 3.954   20.241  -7.083  1.00 52.00 ? 106 ASP A OD2 1 
ATOM   791  N  N   . TRP A 1 107 ? 1.387   15.151  -5.675  1.00 28.30 ? 107 TRP A N   1 
ATOM   792  C  CA  . TRP A 1 107 ? 0.534   13.984  -5.996  1.00 26.87 ? 107 TRP A CA  1 
ATOM   793  C  C   . TRP A 1 107 ? -0.863  14.216  -5.393  1.00 25.82 ? 107 TRP A C   1 
ATOM   794  O  O   . TRP A 1 107 ? -1.016  15.139  -4.566  1.00 27.28 ? 107 TRP A O   1 
ATOM   795  C  CB  . TRP A 1 107 ? 1.241   12.687  -5.574  1.00 25.23 ? 107 TRP A CB  1 
ATOM   796  C  CG  . TRP A 1 107 ? 1.327   12.427  -4.101  1.00 22.89 ? 107 TRP A CG  1 
ATOM   797  C  CD1 . TRP A 1 107 ? 0.507   11.598  -3.393  1.00 23.72 ? 107 TRP A CD1 1 
ATOM   798  C  CD2 . TRP A 1 107 ? 2.314   12.906  -3.166  1.00 23.01 ? 107 TRP A CD2 1 
ATOM   799  N  NE1 . TRP A 1 107 ? 0.881   11.573  -2.080  1.00 22.47 ? 107 TRP A NE1 1 
ATOM   800  C  CE2 . TRP A 1 107 ? 1.979   12.366  -1.904  1.00 22.90 ? 107 TRP A CE2 1 
ATOM   801  C  CE3 . TRP A 1 107 ? 3.422   13.760  -3.248  1.00 23.90 ? 107 TRP A CE3 1 
ATOM   802  C  CZ2 . TRP A 1 107 ? 2.716   12.650  -0.752  1.00 23.33 ? 107 TRP A CZ2 1 
ATOM   803  C  CZ3 . TRP A 1 107 ? 4.153   14.037  -2.110  1.00 24.63 ? 107 TRP A CZ3 1 
ATOM   804  C  CH2 . TRP A 1 107 ? 3.797   13.497  -0.876  1.00 24.66 ? 107 TRP A CH2 1 
ATOM   805  N  N   . GLU A 1 108 ? -1.834  13.424  -5.837  1.00 26.34 ? 108 GLU A N   1 
ATOM   806  C  CA  . GLU A 1 108 ? -3.283  13.639  -5.606  1.00 28.43 ? 108 GLU A CA  1 
ATOM   807  C  C   . GLU A 1 108 ? -3.507  13.934  -4.116  1.00 27.84 ? 108 GLU A C   1 
ATOM   808  O  O   . GLU A 1 108 ? -4.039  15.014  -3.785  1.00 28.07 ? 108 GLU A O   1 
ATOM   809  C  CB  . GLU A 1 108 ? -4.031  12.420  -6.147  1.00 29.67 ? 108 GLU A CB  1 
ATOM   810  C  CG  . GLU A 1 108 ? -5.549  12.477  -6.017  1.00 34.57 ? 108 GLU A CG  1 
ATOM   811  C  CD  . GLU A 1 108 ? -6.243  11.333  -6.753  1.00 38.08 ? 108 GLU A CD  1 
ATOM   812  O  OE1 . GLU A 1 108 ? -5.946  11.138  -7.945  1.00 44.28 ? 108 GLU A OE1 1 
ATOM   813  O  OE2 . GLU A 1 108 ? -7.040  10.601  -6.138  1.00 36.42 ? 108 GLU A OE2 1 
ATOM   814  N  N   . ASP A 1 109 ? -3.070  13.024  -3.239  1.00 26.89 ? 109 ASP A N   1 
ATOM   815  C  CA  . ASP A 1 109 ? -3.368  13.081  -1.782  1.00 25.81 ? 109 ASP A CA  1 
ATOM   816  C  C   . ASP A 1 109 ? -2.503  14.151  -1.099  1.00 25.92 ? 109 ASP A C   1 
ATOM   817  O  O   . ASP A 1 109 ? -2.939  14.701  -0.049  1.00 23.33 ? 109 ASP A O   1 
ATOM   818  C  CB  . ASP A 1 109 ? -3.211  11.696  -1.138  1.00 25.71 ? 109 ASP A CB  1 
ATOM   819  C  CG  . ASP A 1 109 ? -4.352  10.738  -1.416  1.00 25.11 ? 109 ASP A CG  1 
ATOM   820  O  OD1 . ASP A 1 109 ? -5.307  11.121  -2.136  1.00 25.65 ? 109 ASP A OD1 1 
ATOM   821  O  OD2 . ASP A 1 109 ? -4.271  9.618   -0.953  1.00 22.87 ? 109 ASP A OD2 1 
ATOM   822  N  N   . SER A 1 110 ? -1.310  14.430  -1.621  1.00 28.55 ? 110 SER A N   1 
ATOM   823  C  CA  . SER A 1 110 ? -0.491  15.562  -1.113  1.00 29.70 ? 110 SER A CA  1 
ATOM   824  C  C   . SER A 1 110 ? -1.335  16.838  -1.213  1.00 31.52 ? 110 SER A C   1 
ATOM   825  O  O   . SER A 1 110 ? -1.527  17.537  -0.196  1.00 32.20 ? 110 SER A O   1 
ATOM   826  C  CB  . SER A 1 110 ? 0.791   15.717  -1.869  1.00 31.62 ? 110 SER A CB  1 
ATOM   827  O  OG  . SER A 1 110 ? 1.550   16.758  -1.278  1.00 31.64 ? 110 SER A OG  1 
ATOM   828  N  N   . VAL A 1 111 ? -1.861  17.051  -2.414  1.00 32.12 ? 111 VAL A N   1 
ATOM   829  C  CA  . VAL A 1 111 ? -2.637  18.244  -2.853  1.00 36.04 ? 111 VAL A CA  1 
ATOM   830  C  C   . VAL A 1 111 ? -3.966  18.263  -2.081  1.00 34.00 ? 111 VAL A C   1 
ATOM   831  O  O   . VAL A 1 111 ? -4.230  19.256  -1.383  1.00 31.46 ? 111 VAL A O   1 
ATOM   832  C  CB  . VAL A 1 111 ? -2.825  18.199  -4.385  1.00 38.70 ? 111 VAL A CB  1 
ATOM   833  C  CG1 . VAL A 1 111 ? -3.894  19.180  -4.871  1.00 43.79 ? 111 VAL A CG1 1 
ATOM   834  C  CG2 . VAL A 1 111 ? -1.504  18.416  -5.122  1.00 40.21 ? 111 VAL A CG2 1 
ATOM   835  N  N   . ASN A 1 112 ? -4.704  17.152  -2.127  1.00 34.17 ? 112 ASN A N   1 
ATOM   836  C  CA  . ASN A 1 112 ? -6.107  17.023  -1.652  1.00 36.32 ? 112 ASN A CA  1 
ATOM   837  C  C   . ASN A 1 112 ? -6.182  16.986  -0.122  1.00 36.10 ? 112 ASN A C   1 
ATOM   838  O  O   . ASN A 1 112 ? -7.055  17.686  0.422   1.00 33.93 ? 112 ASN A O   1 
ATOM   839  C  CB  . ASN A 1 112 ? -6.764  15.791  -2.276  1.00 37.93 ? 112 ASN A CB  1 
ATOM   840  C  CG  . ASN A 1 112 ? -6.988  15.957  -3.760  1.00 40.71 ? 112 ASN A CG  1 
ATOM   841  O  OD1 . ASN A 1 112 ? -6.673  17.009  -4.326  1.00 43.92 ? 112 ASN A OD1 1 
ATOM   842  N  ND2 . ASN A 1 112 ? -7.549  14.940  -4.392  1.00 42.57 ? 112 ASN A ND2 1 
ATOM   843  N  N   . ILE A 1 113 ? -5.357  16.180  0.560   1.00 31.87 ? 113 ILE A N   1 
ATOM   844  C  CA  . ILE A 1 113 ? -5.556  15.917  2.022   1.00 32.17 ? 113 ILE A CA  1 
ATOM   845  C  C   . ILE A 1 113 ? -4.247  16.066  2.806   1.00 31.33 ? 113 ILE A C   1 
ATOM   846  O  O   . ILE A 1 113 ? -4.258  15.782  4.015   1.00 33.23 ? 113 ILE A O   1 
ATOM   847  C  CB  . ILE A 1 113 ? -6.239  14.546  2.239   1.00 33.26 ? 113 ILE A CB  1 
ATOM   848  C  CG1 . ILE A 1 113 ? -5.382  13.372  1.762   1.00 31.95 ? 113 ILE A CG1 1 
ATOM   849  C  CG2 . ILE A 1 113 ? -7.606  14.514  1.569   1.00 37.79 ? 113 ILE A CG2 1 
ATOM   850  C  CD1 . ILE A 1 113 ? -5.909  12.042  2.200   1.00 31.21 ? 113 ILE A CD1 1 
ATOM   851  N  N   . GLY A 1 114 ? -3.173  16.560  2.180   1.00 29.85 ? 114 GLY A N   1 
ATOM   852  C  CA  . GLY A 1 114 ? -1.865  16.739  2.844   1.00 30.16 ? 114 GLY A CA  1 
ATOM   853  C  C   . GLY A 1 114 ? -1.293  15.421  3.351   1.00 28.19 ? 114 GLY A C   1 
ATOM   854  O  O   . GLY A 1 114 ? -0.591  15.429  4.368   1.00 27.22 ? 114 GLY A O   1 
ATOM   855  N  N   . ARG A 1 115 ? -1.559  14.305  2.671   1.00 26.12 ? 115 ARG A N   1 
ATOM   856  C  CA  . ARG A 1 115 ? -0.945  13.003  3.064   1.00 23.43 ? 115 ARG A CA  1 
ATOM   857  C  C   . ARG A 1 115 ? 0.588   13.114  2.980   1.00 21.78 ? 115 ARG A C   1 
ATOM   858  O  O   . ARG A 1 115 ? 1.093   13.672  1.995   1.00 22.81 ? 115 ARG A O   1 
ATOM   859  C  CB  . ARG A 1 115 ? -1.493  11.847  2.213   1.00 23.28 ? 115 ARG A CB  1 
ATOM   860  C  CG  . ARG A 1 115 ? -1.471  10.502  2.933   1.00 22.92 ? 115 ARG A CG  1 
ATOM   861  C  CD  . ARG A 1 115 ? -1.696  9.256   2.095   1.00 22.14 ? 115 ARG A CD  1 
ATOM   862  N  NE  . ARG A 1 115 ? -3.060  9.085   1.612   1.00 21.50 ? 115 ARG A NE  1 
ATOM   863  C  CZ  . ARG A 1 115 ? -4.018  8.388   2.213   1.00 20.55 ? 115 ARG A CZ  1 
ATOM   864  N  NH1 . ARG A 1 115 ? -3.795  7.837   3.397   1.00 18.72 ? 115 ARG A NH1 1 
ATOM   865  N  NH2 . ARG A 1 115 ? -5.221  8.302   1.646   1.00 19.87 ? 115 ARG A NH2 1 
ATOM   866  N  N   . LYS A 1 116 ? 1.303   12.568  3.960   1.00 20.04 ? 116 LYS A N   1 
ATOM   867  C  CA  . LYS A 1 116 ? 2.785   12.542  4.019   1.00 18.87 ? 116 LYS A CA  1 
ATOM   868  C  C   . LYS A 1 116 ? 3.331   11.190  3.547   1.00 17.35 ? 116 LYS A C   1 
ATOM   869  O  O   . LYS A 1 116 ? 2.598   10.223  3.608   1.00 17.87 ? 116 LYS A O   1 
ATOM   870  C  CB  . LYS A 1 116 ? 3.279   12.686  5.456   1.00 25.46 ? 116 LYS A CB  1 
ATOM   871  C  CG  . LYS A 1 116 ? 3.071   14.037  6.116   1.00 33.97 ? 116 LYS A CG  1 
ATOM   872  C  CD  . LYS A 1 116 ? 3.848   14.150  7.421   1.00 40.15 ? 116 LYS A CD  1 
ATOM   873  C  CE  . LYS A 1 116 ? 3.451   13.108  8.452   1.00 44.00 ? 116 LYS A CE  1 
ATOM   874  N  NZ  . LYS A 1 116 ? 2.081   13.362  8.970   1.00 49.22 ? 116 LYS A NZ  1 
ATOM   875  N  N   . ARG A 1 117 ? 4.636   11.104  3.287   1.00 15.47 ? 117 ARG A N   1 
ATOM   876  C  CA  . ARG A 1 117 ? 5.310   9.839   2.907   1.00 15.31 ? 117 ARG A CA  1 
ATOM   877  C  C   . ARG A 1 117 ? 6.740   9.865   3.442   1.00 15.53 ? 117 ARG A C   1 
ATOM   878  O  O   . ARG A 1 117 ? 7.277   10.939  3.578   1.00 15.69 ? 117 ARG A O   1 
ATOM   879  C  CB  . ARG A 1 117 ? 5.286   9.657   1.387   1.00 14.27 ? 117 ARG A CB  1 
ATOM   880  C  CG  . ARG A 1 117 ? 6.017   10.738  0.615   1.00 15.87 ? 117 ARG A CG  1 
ATOM   881  C  CD  . ARG A 1 117 ? 5.881   10.621  -0.897  1.00 17.18 ? 117 ARG A CD  1 
ATOM   882  N  NE  . ARG A 1 117 ? 6.579   11.747  -1.512  1.00 17.57 ? 117 ARG A NE  1 
ATOM   883  C  CZ  . ARG A 1 117 ? 6.539   12.066  -2.806  1.00 16.69 ? 117 ARG A CZ  1 
ATOM   884  N  NH1 . ARG A 1 117 ? 5.836   11.340  -3.658  1.00 14.31 ? 117 ARG A NH1 1 
ATOM   885  N  NH2 . ARG A 1 117 ? 7.225   13.122  -3.225  1.00 17.09 ? 117 ARG A NH2 1 
ATOM   886  N  N   . GLU A 1 118 ? 7.292   8.707   3.776   1.00 16.32 ? 118 GLU A N   1 
ATOM   887  C  CA  . GLU A 1 118 ? 8.623   8.575   4.380   1.00 17.21 ? 118 GLU A CA  1 
ATOM   888  C  C   . GLU A 1 118 ? 9.169   7.185   4.104   1.00 15.13 ? 118 GLU A C   1 
ATOM   889  O  O   . GLU A 1 118 ? 8.393   6.231   4.107   1.00 13.21 ? 118 GLU A O   1 
ATOM   890  C  CB  . GLU A 1 118 ? 8.451   8.837   5.866   1.00 19.69 ? 118 GLU A CB  1 
ATOM   891  C  CG  . GLU A 1 118 ? 9.733   8.953   6.629   1.00 23.15 ? 118 GLU A CG  1 
ATOM   892  C  CD  . GLU A 1 118 ? 9.436   9.564   7.986   1.00 29.51 ? 118 GLU A CD  1 
ATOM   893  O  OE1 . GLU A 1 118 ? 8.829   10.675  8.000   1.00 33.40 ? 118 GLU A OE1 1 
ATOM   894  O  OE2 . GLU A 1 118 ? 9.740   8.911   9.020   1.00 33.87 ? 118 GLU A OE2 1 
ATOM   895  N  N   . TRP A 1 119 ? 10.457  7.108   3.839   1.00 15.25 ? 119 TRP A N   1 
ATOM   896  C  CA  . TRP A 1 119 ? 11.206  5.835   3.732   1.00 15.14 ? 119 TRP A CA  1 
ATOM   897  C  C   . TRP A 1 119 ? 11.448  5.278   5.142   1.00 14.82 ? 119 TRP A C   1 
ATOM   898  O  O   . TRP A 1 119 ? 11.900  6.063   6.052   1.00 15.17 ? 119 TRP A O   1 
ATOM   899  C  CB  . TRP A 1 119 ? 12.539  6.074   3.021   1.00 15.64 ? 119 TRP A CB  1 
ATOM   900  C  CG  . TRP A 1 119 ? 12.427  6.423   1.567   1.00 16.72 ? 119 TRP A CG  1 
ATOM   901  C  CD1 . TRP A 1 119 ? 12.858  7.574   0.969   1.00 20.70 ? 119 TRP A CD1 1 
ATOM   902  C  CD2 . TRP A 1 119 ? 11.922  5.594   0.500   1.00 17.33 ? 119 TRP A CD2 1 
ATOM   903  N  NE1 . TRP A 1 119 ? 12.605  7.541   -0.380  1.00 20.68 ? 119 TRP A NE1 1 
ATOM   904  C  CE2 . TRP A 1 119 ? 12.052  6.326   -0.699  1.00 18.51 ? 119 TRP A CE2 1 
ATOM   905  C  CE3 . TRP A 1 119 ? 11.348  4.319   0.448   1.00 16.69 ? 119 TRP A CE3 1 
ATOM   906  C  CZ2 . TRP A 1 119 ? 11.611  5.833   -1.926  1.00 16.65 ? 119 TRP A CZ2 1 
ATOM   907  C  CZ3 . TRP A 1 119 ? 11.003  3.791   -0.779  1.00 16.01 ? 119 TRP A CZ3 1 
ATOM   908  C  CH2 . TRP A 1 119 ? 11.049  4.574   -1.929  1.00 17.50 ? 119 TRP A CH2 1 
ATOM   909  N  N   . PHE A 1 120 ? 11.201  3.989   5.325   1.00 13.52 ? 120 PHE A N   1 
ATOM   910  C  CA  . PHE A 1 120 ? 11.521  3.231   6.560   1.00 13.46 ? 120 PHE A CA  1 
ATOM   911  C  C   . PHE A 1 120 ? 12.382  2.042   6.198   1.00 14.28 ? 120 PHE A C   1 
ATOM   912  O  O   . PHE A 1 120 ? 12.123  1.354   5.185   1.00 13.99 ? 120 PHE A O   1 
ATOM   913  C  CB  . PHE A 1 120 ? 10.247  2.797   7.258   1.00 12.70 ? 120 PHE A CB  1 
ATOM   914  C  CG  . PHE A 1 120 ? 9.403   3.908   7.853   1.00 13.35 ? 120 PHE A CG  1 
ATOM   915  C  CD1 . PHE A 1 120 ? 8.542   4.673   7.086   1.00 14.19 ? 120 PHE A CD1 1 
ATOM   916  C  CD2 . PHE A 1 120 ? 9.373   4.109   9.222   1.00 15.49 ? 120 PHE A CD2 1 
ATOM   917  C  CE1 . PHE A 1 120 ? 7.721   5.649   7.671   1.00 13.90 ? 120 PHE A CE1 1 
ATOM   918  C  CE2 . PHE A 1 120 ? 8.605   5.119   9.790   1.00 15.18 ? 120 PHE A CE2 1 
ATOM   919  C  CZ  . PHE A 1 120 ? 7.763   5.869   9.017   1.00 14.82 ? 120 PHE A CZ  1 
ATOM   920  N  N   . LYS A 1 121 ? 13.398  1.768   7.019   1.00 15.08 ? 121 LYS A N   1 
ATOM   921  C  CA  . LYS A 1 121 ? 13.985  0.415   7.015   1.00 18.57 ? 121 LYS A CA  1 
ATOM   922  C  C   . LYS A 1 121 ? 12.895  -0.595  7.349   1.00 17.19 ? 121 LYS A C   1 
ATOM   923  O  O   . LYS A 1 121 ? 11.966  -0.278  8.188   1.00 16.03 ? 121 LYS A O   1 
ATOM   924  C  CB  . LYS A 1 121 ? 15.144  0.297   8.006   1.00 20.82 ? 121 LYS A CB  1 
ATOM   925  C  CG  . LYS A 1 121 ? 16.384  1.057   7.596   1.00 27.84 ? 121 LYS A CG  1 
ATOM   926  C  CD  . LYS A 1 121 ? 17.449  1.004   8.698   1.00 35.95 ? 121 LYS A CD  1 
ATOM   927  C  CE  . LYS A 1 121 ? 17.875  2.378   9.164   1.00 41.63 ? 121 LYS A CE  1 
ATOM   928  N  NZ  . LYS A 1 121 ? 18.893  2.293   10.241  1.00 50.14 ? 121 LYS A NZ  1 
ATOM   929  N  N   . ILE A 1 122 ? 12.990  -1.792  6.777   1.00 16.52 ? 122 ILE A N   1 
ATOM   930  C  CA  . ILE A 1 122 ? 11.925  -2.820  6.980   1.00 19.23 ? 122 ILE A CA  1 
ATOM   931  C  C   . ILE A 1 122 ? 11.612  -2.986  8.474   1.00 19.66 ? 122 ILE A C   1 
ATOM   932  O  O   . ILE A 1 122 ? 10.425  -3.038  8.842   1.00 15.30 ? 122 ILE A O   1 
ATOM   933  C  CB  . ILE A 1 122 ? 12.308  -4.190  6.420   1.00 21.65 ? 122 ILE A CB  1 
ATOM   934  C  CG1 . ILE A 1 122 ? 12.734  -4.124  4.959   1.00 23.20 ? 122 ILE A CG1 1 
ATOM   935  C  CG2 . ILE A 1 122 ? 11.160  -5.165  6.633   1.00 22.18 ? 122 ILE A CG2 1 
ATOM   936  C  CD1 . ILE A 1 122 ? 11.874  -3.244  4.096   1.00 23.27 ? 122 ILE A CD1 1 
ATOM   937  N  N   . GLU A 1 123 ? 12.633  -3.223  9.291   1.00 19.67 ? 123 GLU A N   1 
ATOM   938  C  CA  . GLU A 1 123 ? 12.401  -3.423  10.748  1.00 21.03 ? 123 GLU A CA  1 
ATOM   939  C  C   . GLU A 1 123 ? 11.572  -2.279  11.345  1.00 16.73 ? 123 GLU A C   1 
ATOM   940  O  O   . GLU A 1 123 ? 10.711  -2.561  12.183  1.00 16.86 ? 123 GLU A O   1 
ATOM   941  C  CB  . GLU A 1 123 ? 13.731  -3.604  11.482  1.00 26.01 ? 123 GLU A CB  1 
ATOM   942  C  CG  . GLU A 1 123 ? 14.304  -5.010  11.295  1.00 36.08 ? 123 GLU A CG  1 
ATOM   943  C  CD  . GLU A 1 123 ? 13.323  -6.188  11.134  1.00 47.00 ? 123 GLU A CD  1 
ATOM   944  O  OE1 . GLU A 1 123 ? 12.518  -6.451  12.089  1.00 54.01 ? 123 GLU A OE1 1 
ATOM   945  O  OE2 . GLU A 1 123 ? 13.334  -6.851  10.043  1.00 49.49 ? 123 GLU A OE2 1 
ATOM   946  N  N   . ASP A 1 124 ? 11.829  -1.040  10.959  1.00 15.80 ? 124 ASP A N   1 
ATOM   947  C  CA  . ASP A 1 124 ? 11.155  0.174   11.496  1.00 16.53 ? 124 ASP A CA  1 
ATOM   948  C  C   . ASP A 1 124 ? 9.731   0.291   10.931  1.00 14.94 ? 124 ASP A C   1 
ATOM   949  O  O   . ASP A 1 124 ? 8.825   0.764   11.650  1.00 13.97 ? 124 ASP A O   1 
ATOM   950  C  CB  . ASP A 1 124 ? 12.000  1.425   11.235  1.00 19.08 ? 124 ASP A CB  1 
ATOM   951  C  CG  . ASP A 1 124 ? 13.315  1.445   12.002  1.00 24.37 ? 124 ASP A CG  1 
ATOM   952  O  OD1 . ASP A 1 124 ? 13.271  1.095   13.185  1.00 25.46 ? 124 ASP A OD1 1 
ATOM   953  O  OD2 . ASP A 1 124 ? 14.388  1.758   11.397  1.00 24.64 ? 124 ASP A OD2 1 
ATOM   954  N  N   . ALA A 1 125 ? 9.527   -0.079  9.676   1.00 14.59 ? 125 ALA A N   1 
ATOM   955  C  CA  . ALA A 1 125 ? 8.177   -0.118  9.070   1.00 14.33 ? 125 ALA A CA  1 
ATOM   956  C  C   . ALA A 1 125 ? 7.310   -1.076  9.887   1.00 14.29 ? 125 ALA A C   1 
ATOM   957  O  O   . ALA A 1 125 ? 6.138   -0.734  10.239  1.00 14.90 ? 125 ALA A O   1 
ATOM   958  C  CB  . ALA A 1 125 ? 8.241   -0.557  7.634   1.00 14.30 ? 125 ALA A CB  1 
ATOM   959  N  N   . ILE A 1 126 ? 7.799   -2.295  10.105  1.00 14.18 ? 126 ILE A N   1 
ATOM   960  C  CA  . ILE A 1 126 ? 7.040   -3.282  10.936  1.00 15.34 ? 126 ILE A CA  1 
ATOM   961  C  C   . ILE A 1 126 ? 6.689   -2.653  12.295  1.00 14.33 ? 126 ILE A C   1 
ATOM   962  O  O   . ILE A 1 126 ? 5.504   -2.763  12.739  1.00 13.88 ? 126 ILE A O   1 
ATOM   963  C  CB  . ILE A 1 126 ? 7.820   -4.593  11.082  1.00 15.96 ? 126 ILE A CB  1 
ATOM   964  C  CG1 . ILE A 1 126 ? 7.934   -5.310  9.731   1.00 17.29 ? 126 ILE A CG1 1 
ATOM   965  C  CG2 . ILE A 1 126 ? 7.149   -5.442  12.153  1.00 16.92 ? 126 ILE A CG2 1 
ATOM   966  C  CD1 . ILE A 1 126 ? 9.052   -6.340  9.645   1.00 18.52 ? 126 ILE A CD1 1 
ATOM   967  N  N   . LYS A 1 127 ? 7.647   -1.990  12.949  1.00 14.49 ? 127 LYS A N   1 
ATOM   968  C  CA  . LYS A 1 127 ? 7.413   -1.380  14.291  1.00 14.48 ? 127 LYS A CA  1 
ATOM   969  C  C   . LYS A 1 127 ? 6.280   -0.346  14.245  1.00 13.54 ? 127 LYS A C   1 
ATOM   970  O  O   . LYS A 1 127 ? 5.392   -0.412  15.102  1.00 13.06 ? 127 LYS A O   1 
ATOM   971  C  CB  . LYS A 1 127 ? 8.702   -0.761  14.806  1.00 16.61 ? 127 LYS A CB  1 
ATOM   972  C  CG  . LYS A 1 127 ? 9.722   -1.795  15.261  1.00 20.17 ? 127 LYS A CG  1 
ATOM   973  C  CD  . LYS A 1 127 ? 10.937  -1.164  15.876  1.00 22.24 ? 127 LYS A CD  1 
ATOM   974  C  CE  . LYS A 1 127 ? 11.907  -2.248  16.265  1.00 25.13 ? 127 LYS A CE  1 
ATOM   975  N  NZ  . LYS A 1 127 ? 13.090  -1.650  16.906  1.00 28.83 ? 127 LYS A NZ  1 
ATOM   976  N  N   . VAL A 1 128 ? 6.268   0.544   13.259  1.00 13.39 ? 128 VAL A N   1 
ATOM   977  C  CA  . VAL A 1 128 ? 5.270   1.651   13.275  1.00 13.90 ? 128 VAL A CA  1 
ATOM   978  C  C   . VAL A 1 128 ? 3.919   1.108   12.842  1.00 12.10 ? 128 VAL A C   1 
ATOM   979  O  O   . VAL A 1 128 ? 2.914   1.695   13.220  1.00 13.11 ? 128 VAL A O   1 
ATOM   980  C  CB  . VAL A 1 128 ? 5.708   2.895   12.475  1.00 15.19 ? 128 VAL A CB  1 
ATOM   981  C  CG1 . VAL A 1 128 ? 6.960   3.502   13.096  1.00 15.97 ? 128 VAL A CG1 1 
ATOM   982  C  CG2 . VAL A 1 128 ? 5.890   2.644   10.975  1.00 15.57 ? 128 VAL A CG2 1 
ATOM   983  N  N   . LEU A 1 129 ? 3.867   0.021   12.075  1.00 12.04 ? 129 LEU A N   1 
ATOM   984  C  CA  . LEU A 1 129 ? 2.556   -0.549  11.628  1.00 11.97 ? 129 LEU A CA  1 
ATOM   985  C  C   . LEU A 1 129 ? 1.874   -1.400  12.724  1.00 12.26 ? 129 LEU A C   1 
ATOM   986  O  O   . LEU A 1 129 ? 0.630   -1.590  12.654  1.00 12.19 ? 129 LEU A O   1 
ATOM   987  C  CB  . LEU A 1 129 ? 2.797   -1.397  10.363  1.00 11.55 ? 129 LEU A CB  1 
ATOM   988  C  CG  . LEU A 1 129 ? 3.208   -0.599  9.125   1.00 11.88 ? 129 LEU A CG  1 
ATOM   989  C  CD1 . LEU A 1 129 ? 3.811   -1.505  8.028   1.00 11.97 ? 129 LEU A CD1 1 
ATOM   990  C  CD2 . LEU A 1 129 ? 2.027   0.231   8.569   1.00 12.24 ? 129 LEU A CD2 1 
ATOM   991  N  N   . GLN A 1 130 ? 2.644   -1.981  13.660  1.00 12.15 ? 130 GLN A N   1 
ATOM   992  C  CA  . GLN A 1 130 ? 2.179   -3.037  14.584  1.00 13.51 ? 130 GLN A CA  1 
ATOM   993  C  C   . GLN A 1 130 ? 0.903   -2.629  15.357  1.00 12.32 ? 130 GLN A C   1 
ATOM   994  O  O   . GLN A 1 130 ? -0.007  -3.465  15.483  1.00 12.79 ? 130 GLN A O   1 
ATOM   995  C  CB  . GLN A 1 130 ? 3.302   -3.421  15.541  1.00 14.68 ? 130 GLN A CB  1 
ATOM   996  C  CG  . GLN A 1 130 ? 3.069   -4.788  16.149  1.00 19.45 ? 130 GLN A CG  1 
ATOM   997  C  CD  . GLN A 1 130 ? 3.243   -5.885  15.130  1.00 19.82 ? 130 GLN A CD  1 
ATOM   998  O  OE1 . GLN A 1 130 ? 4.344   -6.129  14.643  1.00 23.81 ? 130 GLN A OE1 1 
ATOM   999  N  NE2 . GLN A 1 130 ? 2.133   -6.515  14.788  1.00 21.55 ? 130 GLN A NE2 1 
ATOM   1000 N  N   . TYR A 1 131 ? 0.835   -1.435  15.901  1.00 11.65 ? 131 TYR A N   1 
ATOM   1001 C  CA  . TYR A 1 131 ? -0.227  -1.094  16.877  1.00 12.45 ? 131 TYR A CA  1 
ATOM   1002 C  C   . TYR A 1 131 ? -1.609  -1.036  16.233  1.00 13.00 ? 131 TYR A C   1 
ATOM   1003 O  O   . TYR A 1 131 ? -2.487  -1.704  16.740  1.00 15.68 ? 131 TYR A O   1 
ATOM   1004 C  CB  . TYR A 1 131 ? 0.011   0.232   17.581  1.00 13.02 ? 131 TYR A CB  1 
ATOM   1005 C  CG  . TYR A 1 131 ? -1.033  0.497   18.645  1.00 13.75 ? 131 TYR A CG  1 
ATOM   1006 C  CD1 . TYR A 1 131 ? -1.094  -0.278  19.784  1.00 14.83 ? 131 TYR A CD1 1 
ATOM   1007 C  CD2 . TYR A 1 131 ? -1.931  1.532   18.532  1.00 15.33 ? 131 TYR A CD2 1 
ATOM   1008 C  CE1 . TYR A 1 131 ? -2.027  -0.038  20.779  1.00 13.80 ? 131 TYR A CE1 1 
ATOM   1009 C  CE2 . TYR A 1 131 ? -2.906  1.781   19.500  1.00 16.31 ? 131 TYR A CE2 1 
ATOM   1010 C  CZ  . TYR A 1 131 ? -2.955  0.974   20.620  1.00 15.78 ? 131 TYR A CZ  1 
ATOM   1011 O  OH  . TYR A 1 131 ? -3.902  1.171   21.575  1.00 18.37 ? 131 TYR A OH  1 
ATOM   1012 N  N   . HIS A 1 132 ? -1.793  -0.296  15.153  1.00 13.41 ? 132 HIS A N   1 
ATOM   1013 C  CA  . HIS A 1 132 ? -3.112  -0.059  14.515  1.00 15.72 ? 132 HIS A CA  1 
ATOM   1014 C  C   . HIS A 1 132 ? -3.243  -0.903  13.253  1.00 15.20 ? 132 HIS A C   1 
ATOM   1015 O  O   . HIS A 1 132 ? -4.393  -1.066  12.825  1.00 14.51 ? 132 HIS A O   1 
ATOM   1016 C  CB  . HIS A 1 132 ? -3.281  1.388   14.117  1.00 20.41 ? 132 HIS A CB  1 
ATOM   1017 C  CG  . HIS A 1 132 ? -3.503  2.319   15.245  1.00 25.21 ? 132 HIS A CG  1 
ATOM   1018 N  ND1 . HIS A 1 132 ? -4.648  2.265   16.007  1.00 28.39 ? 132 HIS A ND1 1 
ATOM   1019 C  CD2 . HIS A 1 132 ? -2.747  3.334   15.727  1.00 29.32 ? 132 HIS A CD2 1 
ATOM   1020 C  CE1 . HIS A 1 132 ? -4.612  3.238   16.902  1.00 29.43 ? 132 HIS A CE1 1 
ATOM   1021 N  NE2 . HIS A 1 132 ? -3.451  3.904   16.762  1.00 27.95 ? 132 HIS A NE2 1 
ATOM   1022 N  N   . LYS A 1 133 ? -2.138  -1.379  12.675  1.00 12.45 ? 133 LYS A N   1 
ATOM   1023 C  CA  . LYS A 1 133 ? -2.213  -2.116  11.372  1.00 13.66 ? 133 LYS A CA  1 
ATOM   1024 C  C   . LYS A 1 133 ? -1.368  -3.377  11.409  1.00 13.82 ? 133 LYS A C   1 
ATOM   1025 O  O   . LYS A 1 133 ? -0.471  -3.569  10.587  1.00 12.31 ? 133 LYS A O   1 
ATOM   1026 C  CB  . LYS A 1 133 ? -1.725  -1.211  10.239  1.00 15.38 ? 133 LYS A CB  1 
ATOM   1027 C  CG  . LYS A 1 133 ? -2.551  0.031   9.989   1.00 17.70 ? 133 LYS A CG  1 
ATOM   1028 C  CD  . LYS A 1 133 ? -3.957  -0.311  9.514   1.00 20.14 ? 133 LYS A CD  1 
ATOM   1029 C  CE  . LYS A 1 133 ? -4.455  0.649   8.460   1.00 25.39 ? 133 LYS A CE  1 
ATOM   1030 N  NZ  . LYS A 1 133 ? -5.361  1.652   9.049   1.00 28.26 ? 133 LYS A NZ  1 
ATOM   1031 N  N   . PRO A 1 134 ? -1.658  -4.314  12.347  1.00 14.55 ? 134 PRO A N   1 
ATOM   1032 C  CA  . PRO A 1 134 ? -0.849  -5.515  12.469  1.00 13.53 ? 134 PRO A CA  1 
ATOM   1033 C  C   . PRO A 1 134 ? -0.903  -6.407  11.230  1.00 12.71 ? 134 PRO A C   1 
ATOM   1034 O  O   . PRO A 1 134 ? 0.084   -7.036  10.936  1.00 11.47 ? 134 PRO A O   1 
ATOM   1035 C  CB  . PRO A 1 134 ? -1.458  -6.267  13.660  1.00 14.71 ? 134 PRO A CB  1 
ATOM   1036 C  CG  . PRO A 1 134 ? -2.848  -5.655  13.814  1.00 15.52 ? 134 PRO A CG  1 
ATOM   1037 C  CD  . PRO A 1 134 ? -2.697  -4.210  13.389  1.00 15.05 ? 134 PRO A CD  1 
ATOM   1038 N  N   . VAL A 1 135 ? -1.986  -6.341  10.461  1.00 12.98 ? 135 VAL A N   1 
ATOM   1039 C  CA  . VAL A 1 135 ? -2.050  -7.147  9.202   1.00 14.14 ? 135 VAL A CA  1 
ATOM   1040 C  C   . VAL A 1 135 ? -1.042  -6.581  8.195   1.00 14.33 ? 135 VAL A C   1 
ATOM   1041 O  O   . VAL A 1 135 ? -0.343  -7.371  7.489   1.00 13.96 ? 135 VAL A O   1 
ATOM   1042 C  CB  . VAL A 1 135 ? -3.478  -7.235  8.618   1.00 15.08 ? 135 VAL A CB  1 
ATOM   1043 C  CG1 . VAL A 1 135 ? -3.480  -8.046  7.321   1.00 15.45 ? 135 VAL A CG1 1 
ATOM   1044 C  CG2 . VAL A 1 135 ? -4.445  -7.867  9.609   1.00 15.42 ? 135 VAL A CG2 1 
ATOM   1045 N  N   . GLN A 1 136 ? -0.922  -5.264  8.154   1.00 13.57 ? 136 GLN A N   1 
ATOM   1046 C  CA  . GLN A 1 136 ? 0.025   -4.580  7.254   1.00 12.52 ? 136 GLN A CA  1 
ATOM   1047 C  C   . GLN A 1 136 ? 1.450   -4.866  7.744   1.00 12.80 ? 136 GLN A C   1 
ATOM   1048 O  O   . GLN A 1 136 ? 2.313   -5.150  6.869   1.00 12.24 ? 136 GLN A O   1 
ATOM   1049 C  CB  . GLN A 1 136 ? -0.282  -3.098  7.138   1.00 13.26 ? 136 GLN A CB  1 
ATOM   1050 C  CG  . GLN A 1 136 ? -1.674  -2.828  6.602   1.00 13.33 ? 136 GLN A CG  1 
ATOM   1051 C  CD  . GLN A 1 136 ? -1.967  -1.392  6.280   1.00 14.76 ? 136 GLN A CD  1 
ATOM   1052 O  OE1 . GLN A 1 136 ? -1.116  -0.528  6.406   1.00 15.10 ? 136 GLN A OE1 1 
ATOM   1053 N  NE2 . GLN A 1 136 ? -3.239  -1.102  6.009   1.00 15.69 ? 136 GLN A NE2 1 
ATOM   1054 N  N   . ALA A 1 137 ? 1.684   -4.889  9.050   1.00 12.43 ? 137 ALA A N   1 
ATOM   1055 C  CA  . ALA A 1 137 ? 2.995   -5.366  9.572   1.00 12.89 ? 137 ALA A CA  1 
ATOM   1056 C  C   . ALA A 1 137 ? 3.290   -6.768  9.036   1.00 14.10 ? 137 ALA A C   1 
ATOM   1057 O  O   . ALA A 1 137 ? 4.463   -7.046  8.697   1.00 14.64 ? 137 ALA A O   1 
ATOM   1058 C  CB  . ALA A 1 137 ? 3.051   -5.311  11.067  1.00 12.98 ? 137 ALA A CB  1 
ATOM   1059 N  N   . SER A 1 138 ? 2.280   -7.648  8.957   1.00 14.24 ? 138 SER A N   1 
ATOM   1060 C  CA  . SER A 1 138 ? 2.468   -9.049  8.517   1.00 14.59 ? 138 SER A CA  1 
ATOM   1061 C  C   . SER A 1 138 ? 2.872   -9.105  7.036   1.00 13.79 ? 138 SER A C   1 
ATOM   1062 O  O   . SER A 1 138 ? 3.396   -10.164 6.588   1.00 16.15 ? 138 SER A O   1 
ATOM   1063 C  CB  . SER A 1 138 ? 1.251   -9.908  8.847   1.00 15.85 ? 138 SER A CB  1 
ATOM   1064 O  OG  . SER A 1 138 ? 0.152   -9.657  7.970   1.00 17.89 ? 138 SER A OG  1 
ATOM   1065 N  N   . TYR A 1 139 ? 2.589   -8.073  6.250   1.00 13.72 ? 139 TYR A N   1 
ATOM   1066 C  CA  . TYR A 1 139 ? 2.931   -8.074  4.803   1.00 12.18 ? 139 TYR A CA  1 
ATOM   1067 C  C   . TYR A 1 139 ? 4.430   -8.416  4.668   1.00 13.78 ? 139 TYR A C   1 
ATOM   1068 O  O   . TYR A 1 139 ? 4.832   -8.896  3.608   1.00 12.33 ? 139 TYR A O   1 
ATOM   1069 C  CB  . TYR A 1 139 ? 2.689   -6.734  4.112   1.00 11.66 ? 139 TYR A CB  1 
ATOM   1070 C  CG  . TYR A 1 139 ? 1.268   -6.216  3.964   1.00 10.42 ? 139 TYR A CG  1 
ATOM   1071 C  CD1 . TYR A 1 139 ? 0.143   -6.971  4.266   1.00 11.60 ? 139 TYR A CD1 1 
ATOM   1072 C  CD2 . TYR A 1 139 ? 1.063   -4.935  3.489   1.00 10.68 ? 139 TYR A CD2 1 
ATOM   1073 C  CE1 . TYR A 1 139 ? -1.147  -6.430  4.152   1.00 11.66 ? 139 TYR A CE1 1 
ATOM   1074 C  CE2 . TYR A 1 139 ? -0.213  -4.394  3.332   1.00 11.46 ? 139 TYR A CE2 1 
ATOM   1075 C  CZ  . TYR A 1 139 ? -1.327  -5.141  3.670   1.00 11.44 ? 139 TYR A CZ  1 
ATOM   1076 O  OH  . TYR A 1 139 ? -2.594  -4.607  3.495   1.00 12.28 ? 139 TYR A OH  1 
ATOM   1077 N  N   . PHE A 1 140 ? 5.237   -8.042  5.667   1.00 15.28 ? 140 PHE A N   1 
ATOM   1078 C  CA  . PHE A 1 140 ? 6.723   -8.029  5.582   1.00 17.24 ? 140 PHE A CA  1 
ATOM   1079 C  C   . PHE A 1 140 ? 7.281   -9.323  6.161   1.00 21.79 ? 140 PHE A C   1 
ATOM   1080 O  O   . PHE A 1 140 ? 8.527   -9.483  6.077   1.00 24.13 ? 140 PHE A O   1 
ATOM   1081 C  CB  . PHE A 1 140 ? 7.338   -6.834  6.315   1.00 17.52 ? 140 PHE A CB  1 
ATOM   1082 C  CG  . PHE A 1 140 ? 6.975   -5.501  5.720   1.00 17.32 ? 140 PHE A CG  1 
ATOM   1083 C  CD1 . PHE A 1 140 ? 7.715   -4.962  4.673   1.00 18.30 ? 140 PHE A CD1 1 
ATOM   1084 C  CD2 . PHE A 1 140 ? 5.853   -4.820  6.172   1.00 17.11 ? 140 PHE A CD2 1 
ATOM   1085 C  CE1 . PHE A 1 140 ? 7.356   -3.746  4.113   1.00 19.28 ? 140 PHE A CE1 1 
ATOM   1086 C  CE2 . PHE A 1 140 ? 5.484   -3.606  5.599   1.00 17.36 ? 140 PHE A CE2 1 
ATOM   1087 C  CZ  . PHE A 1 140 ? 6.244   -3.071  4.582   1.00 18.73 ? 140 PHE A CZ  1 
ATOM   1088 N  N   . GLU A 1 141 ? 6.425   -10.207 6.683   1.00 24.76 ? 141 GLU A N   1 
ATOM   1089 C  CA  . GLU A 1 141 ? 6.888   -11.395 7.458   1.00 35.05 ? 141 GLU A CA  1 
ATOM   1090 C  C   . GLU A 1 141 ? 7.801   -12.281 6.588   1.00 39.53 ? 141 GLU A C   1 
ATOM   1091 O  O   . GLU A 1 141 ? 8.800   -12.787 7.145   1.00 46.75 ? 141 GLU A O   1 
ATOM   1092 C  CB  . GLU A 1 141 ? 5.709   -12.167 8.056   1.00 40.59 ? 141 GLU A CB  1 
ATOM   1093 C  CG  . GLU A 1 141 ? 5.791   -12.344 9.564   1.00 46.55 ? 141 GLU A CG  1 
ATOM   1094 C  CD  . GLU A 1 141 ? 4.676   -13.176 10.201  1.00 55.41 ? 141 GLU A CD  1 
ATOM   1095 O  OE1 . GLU A 1 141 ? 3.466   -12.769 10.131  1.00 49.82 ? 141 GLU A OE1 1 
ATOM   1096 O  OE2 . GLU A 1 141 ? 5.010   -14.249 10.773  1.00 58.12 ? 141 GLU A OE2 1 
ATOM   1097 N  N   . THR A 1 142 ? 7.556   -12.423 5.280   1.00 41.59 ? 142 THR A N   1 
ATOM   1098 C  CA  . THR A 1 142 ? 8.357   -13.319 4.391   1.00 48.08 ? 142 THR A CA  1 
ATOM   1099 C  C   . THR A 1 142 ? 9.242   -12.527 3.414   1.00 47.90 ? 142 THR A C   1 
ATOM   1100 O  O   . THR A 1 142 ? 9.858   -11.522 3.732   1.00 49.48 ? 142 THR A O   1 
ATOM   1101 C  CB  . THR A 1 142 ? 7.442   -14.234 3.574   1.00 50.34 ? 142 THR A CB  1 
ATOM   1102 O  OG1 . THR A 1 142 ? 6.702   -13.345 2.738   1.00 54.29 ? 142 THR A OG1 1 
ATOM   1103 C  CG2 . THR A 1 142 ? 6.514   -15.074 4.424   1.00 52.34 ? 142 THR A CG2 1 
HETATM 1104 MG MG  . MG  B 2 .   ? -6.366  3.666   0.611   1.00 13.79 ? 501 MG  A MG  1 
HETATM 1105 MG MG  . MG  C 2 .   ? -6.865  5.442   -2.117  1.00 16.62 ? 502 MG  A MG  1 
HETATM 1106 MG MG  . MG  D 2 .   ? -9.493  4.224   -4.226  1.00 18.74 ? 503 MG  A MG  1 
HETATM 1107 CL CL  . CL  E 3 .   ? -5.151  -3.774  7.369   1.00 18.52 ? 504 CL  A CL  1 
HETATM 1108 CL CL  . CL  F 3 .   ? 15.865  -0.611  -0.835  1.00 21.61 ? 505 CL  A CL  1 
HETATM 1109 F  F   . F   G 4 .   ? -8.716  5.384   -3.037  1.00 19.55 ? 506 F   A F   1 
HETATM 1110 O  O34 . ZM2 H 5 .   ? -14.294 4.154   2.965   1.00 28.15 ? 507 ZM2 A O34 1 
HETATM 1111 P  PA4 . ZM2 H 5 .   ? -13.143 3.415   2.081   1.00 31.11 ? 507 ZM2 A PA4 1 
HETATM 1112 O  O24 . ZM2 H 5 .   ? -12.439 4.421   1.192   1.00 28.45 ? 507 ZM2 A O24 1 
HETATM 1113 O  O44 . ZM2 H 5 .   ? -13.737 2.077   1.408   1.00 29.80 ? 507 ZM2 A O44 1 
HETATM 1114 O  O14 . ZM2 H 5 .   ? -12.127 2.860   3.281   1.00 28.39 ? 507 ZM2 A O14 1 
HETATM 1115 C  C4  . ZM2 H 5 .   ? -11.177 3.698   3.945   1.00 25.83 ? 507 ZM2 A C4  1 
HETATM 1116 C  C5  . ZM2 H 5 .   ? -11.469 3.679   5.422   1.00 26.79 ? 507 ZM2 A C5  1 
HETATM 1117 O  O15 . ZM2 H 5 .   ? -12.762 4.357   5.699   1.00 36.95 ? 507 ZM2 A O15 1 
HETATM 1118 P  PA5 . ZM2 H 5 .   ? -14.009 3.516   6.354   1.00 42.42 ? 507 ZM2 A PA5 1 
HETATM 1119 O  O35 . ZM2 H 5 .   ? -13.342 2.091   6.730   1.00 44.99 ? 507 ZM2 A O35 1 
HETATM 1120 O  O45 . ZM2 H 5 .   ? -14.985 3.506   5.236   1.00 41.46 ? 507 ZM2 A O45 1 
HETATM 1121 O  O25 . ZM2 H 5 .   ? -14.405 4.507   7.606   1.00 46.18 ? 507 ZM2 A O25 1 
HETATM 1122 C  C6  . ZM2 H 5 .   ? -10.376 4.491   6.132   1.00 25.26 ? 507 ZM2 A C6  1 
HETATM 1123 O  O16 . ZM2 H 5 .   ? -10.649 4.435   7.483   1.00 27.35 ? 507 ZM2 A O16 1 
HETATM 1124 C  C1  . ZM2 H 5 .   ? -8.952  3.948   5.903   1.00 23.19 ? 507 ZM2 A C1  1 
HETATM 1125 O  O11 . ZM2 H 5 .   ? -8.127  4.917   6.481   1.00 19.97 ? 507 ZM2 A O11 1 
HETATM 1126 P  PA1 . ZM2 H 5 .   ? -6.549  4.681   6.992   1.00 22.55 ? 507 ZM2 A PA1 1 
HETATM 1127 O  O31 . ZM2 H 5 .   ? -6.652  5.251   8.457   1.00 24.30 ? 507 ZM2 A O31 1 
HETATM 1128 O  O41 . ZM2 H 5 .   ? -6.208  3.279   6.806   1.00 20.01 ? 507 ZM2 A O41 1 
HETATM 1129 O  O21 . ZM2 H 5 .   ? -5.678  5.667   6.041   1.00 19.77 ? 507 ZM2 A O21 1 
HETATM 1130 C  C2  . ZM2 H 5 .   ? -8.655  3.809   4.400   1.00 20.56 ? 507 ZM2 A C2  1 
HETATM 1131 O  O12 . ZM2 H 5 .   ? -8.596  5.130   3.787   1.00 26.15 ? 507 ZM2 A O12 1 
HETATM 1132 P  PA2 . ZM2 H 5 .   ? -7.359  5.747   2.921   1.00 20.30 ? 507 ZM2 A PA2 1 
HETATM 1133 O  O32 . ZM2 H 5 .   ? -7.907  7.156   3.074   1.00 22.72 ? 507 ZM2 A O32 1 
HETATM 1134 O  O42 . ZM2 H 5 .   ? -7.397  5.186   1.589   1.00 16.75 ? 507 ZM2 A O42 1 
HETATM 1135 O  O22 . ZM2 H 5 .   ? -6.029  5.488   3.677   1.00 20.49 ? 507 ZM2 A O22 1 
HETATM 1136 C  C3  . ZM2 H 5 .   ? -9.799  3.052   3.688   1.00 20.66 ? 507 ZM2 A C3  1 
HETATM 1137 O  O13 . ZM2 H 5 .   ? -9.705  3.137   2.336   1.00 19.08 ? 507 ZM2 A O13 1 
HETATM 1138 P  PA3 . ZM2 H 5 .   ? -8.984  2.009   1.452   1.00 18.77 ? 507 ZM2 A PA3 1 
HETATM 1139 O  O33 . ZM2 H 5 .   ? -9.465  0.617   1.902   1.00 18.37 ? 507 ZM2 A O33 1 
HETATM 1140 O  O43 . ZM2 H 5 .   ? -7.475  2.228   1.375   1.00 18.40 ? 507 ZM2 A O43 1 
HETATM 1141 O  O23 . ZM2 H 5 .   ? -9.688  2.344   0.037   1.00 22.26 ? 507 ZM2 A O23 1 
HETATM 1142 P  PB3 . ZM2 H 5 .   ? -9.381  3.757   -0.975  1.00 29.28 ? 507 ZM2 A PB3 1 
HETATM 1143 O  O63 . ZM2 H 5 .   ? -9.853  3.164   -2.463  1.00 21.24 ? 507 ZM2 A O63 1 
HETATM 1144 O  O73 . ZM2 H 5 .   ? -10.134 4.978   -0.245  1.00 22.58 ? 507 ZM2 A O73 1 
HETATM 1145 O  O53 . ZM2 H 5 .   ? -7.644  3.963   -0.825  1.00 15.31 ? 507 ZM2 A O53 1 
HETATM 1146 O  O   . HOH I 6 .   ? -12.408 5.598   8.440   1.00 41.92 ? 601 HOH A O   1 
HETATM 1147 O  O   . HOH I 6 .   ? -9.760  6.881   -1.564  1.00 16.92 ? 602 HOH A O   1 
HETATM 1148 O  O   . HOH I 6 .   ? -19.527 -13.699 4.093   1.00 41.61 ? 603 HOH A O   1 
HETATM 1149 O  O   . HOH I 6 .   ? -9.190  3.036   -13.315 1.00 37.60 ? 604 HOH A O   1 
HETATM 1150 O  O   . HOH I 6 .   ? -12.158 0.168   7.446   1.00 33.32 ? 605 HOH A O   1 
HETATM 1151 O  O   . HOH I 6 .   ? 15.175  -5.954  8.820   1.00 41.83 ? 606 HOH A O   1 
HETATM 1152 O  O   . HOH I 6 .   ? -10.997 -12.829 7.677   1.00 27.78 ? 607 HOH A O   1 
HETATM 1153 O  O   . HOH I 6 .   ? 20.068  -1.425  -3.402  1.00 22.48 ? 608 HOH A O   1 
HETATM 1154 O  O   . HOH I 6 .   ? 7.033   -5.284  -13.912 1.00 38.94 ? 609 HOH A O   1 
HETATM 1155 O  O   . HOH I 6 .   ? 10.253  14.415  -5.905  1.00 26.97 ? 610 HOH A O   1 
HETATM 1156 O  O   . HOH I 6 .   ? -20.027 -6.747  2.265   1.00 28.65 ? 611 HOH A O   1 
HETATM 1157 O  O   . HOH I 6 .   ? -7.231  1.181   -13.562 1.00 25.01 ? 612 HOH A O   1 
HETATM 1158 O  O   . HOH I 6 .   ? -4.364  -5.584  5.017   1.00 16.00 ? 613 HOH A O   1 
HETATM 1159 O  O   . HOH I 6 .   ? -5.918  7.538   -10.370 1.00 26.25 ? 614 HOH A O   1 
HETATM 1160 O  O   . HOH I 6 .   ? -17.349 -1.230  1.983   1.00 31.22 ? 615 HOH A O   1 
HETATM 1161 O  O   . HOH I 6 .   ? 16.325  -2.795  5.948   1.00 26.88 ? 616 HOH A O   1 
HETATM 1162 O  O   . HOH I 6 .   ? 13.312  -6.680  -5.746  1.00 33.03 ? 617 HOH A O   1 
HETATM 1163 O  O   . HOH I 6 .   ? -4.954  3.836   2.051   1.00 11.31 ? 618 HOH A O   1 
HETATM 1164 O  O   . HOH I 6 .   ? 12.990  0.475   18.329  1.00 38.93 ? 619 HOH A O   1 
HETATM 1165 O  O   . HOH I 6 .   ? 11.501  7.115   8.539   1.00 21.60 ? 620 HOH A O   1 
HETATM 1166 O  O   . HOH I 6 .   ? -21.458 -12.832 0.665   1.00 20.05 ? 621 HOH A O   1 
HETATM 1167 O  O   . HOH I 6 .   ? -5.305  1.353   5.355   1.00 17.60 ? 622 HOH A O   1 
HETATM 1168 O  O   . HOH I 6 .   ? -3.692  1.235   3.002   1.00 14.61 ? 623 HOH A O   1 
HETATM 1169 O  O   . HOH I 6 .   ? 8.798   9.122   11.416  1.00 34.55 ? 624 HOH A O   1 
HETATM 1170 O  O   . HOH I 6 .   ? -0.443  -5.136  -14.296 1.00 23.52 ? 625 HOH A O   1 
HETATM 1171 O  O   . HOH I 6 .   ? 3.158   0.233   16.248  1.00 11.17 ? 626 HOH A O   1 
HETATM 1172 O  O   . HOH I 6 .   ? -2.720  11.883  6.308   1.00 25.33 ? 627 HOH A O   1 
HETATM 1173 O  O   . HOH I 6 .   ? -3.245  8.497   16.533  1.00 37.05 ? 628 HOH A O   1 
HETATM 1174 O  O   . HOH I 6 .   ? -9.019  5.658   -5.737  1.00 19.64 ? 629 HOH A O   1 
HETATM 1175 O  O   . HOH I 6 .   ? -3.315  11.821  14.149  1.00 39.23 ? 630 HOH A O   1 
HETATM 1176 O  O   . HOH I 6 .   ? -6.803  -6.618  3.950   1.00 9.33  ? 631 HOH A O   1 
HETATM 1177 O  O   . HOH I 6 .   ? 5.332   -14.138 -0.649  1.00 29.34 ? 632 HOH A O   1 
HETATM 1178 O  O   . HOH I 6 .   ? -13.573 -3.052  4.522   1.00 33.82 ? 633 HOH A O   1 
HETATM 1179 O  O   . HOH I 6 .   ? -13.809 -16.465 2.133   1.00 41.18 ? 634 HOH A O   1 
HETATM 1180 O  O   . HOH I 6 .   ? 3.811   10.097  14.608  1.00 34.55 ? 635 HOH A O   1 
HETATM 1181 O  O   . HOH I 6 .   ? -16.634 -5.750  3.690   1.00 25.85 ? 636 HOH A O   1 
HETATM 1182 O  O   . HOH I 6 .   ? 1.572   -8.277  12.745  1.00 24.27 ? 637 HOH A O   1 
HETATM 1183 O  O   . HOH I 6 .   ? -6.682  9.375   -3.620  1.00 24.04 ? 638 HOH A O   1 
HETATM 1184 O  O   . HOH I 6 .   ? 0.368   1.604   14.082  1.00 11.39 ? 639 HOH A O   1 
HETATM 1185 O  O   . HOH I 6 .   ? -15.575 -15.205 4.534   1.00 24.57 ? 640 HOH A O   1 
HETATM 1186 O  O   . HOH I 6 .   ? -9.624  -11.961 -3.233  1.00 41.30 ? 641 HOH A O   1 
HETATM 1187 O  O   . HOH I 6 .   ? -19.153 -6.391  -17.845 1.00 33.94 ? 642 HOH A O   1 
HETATM 1188 O  O   . HOH I 6 .   ? 0.782   -12.911 10.459  1.00 41.04 ? 643 HOH A O   1 
HETATM 1189 O  O   . HOH I 6 .   ? 14.844  1.901   -8.238  1.00 25.10 ? 644 HOH A O   1 
HETATM 1190 O  O   . HOH I 6 .   ? -12.008 1.142   -0.740  1.00 31.51 ? 645 HOH A O   1 
HETATM 1191 O  O   . HOH I 6 .   ? 3.435   -9.229  -10.840 1.00 34.85 ? 646 HOH A O   1 
HETATM 1192 O  O   . HOH I 6 .   ? 4.760   0.600   0.594   1.00 14.17 ? 647 HOH A O   1 
HETATM 1193 O  O   . HOH I 6 .   ? 10.149  1.742   -13.623 1.00 31.39 ? 648 HOH A O   1 
HETATM 1194 O  O   . HOH I 6 .   ? 17.512  -1.487  -7.672  1.00 28.96 ? 649 HOH A O   1 
HETATM 1195 O  O   . HOH I 6 .   ? -2.655  1.168   -12.877 1.00 16.60 ? 650 HOH A O   1 
HETATM 1196 O  O   . HOH I 6 .   ? -0.912  2.802   11.780  1.00 14.18 ? 651 HOH A O   1 
HETATM 1197 O  O   . HOH I 6 .   ? -15.310 -14.359 -4.503  1.00 34.10 ? 652 HOH A O   1 
HETATM 1198 O  O   . HOH I 6 .   ? -1.019  -11.117 -9.815  1.00 40.85 ? 653 HOH A O   1 
HETATM 1199 O  O   . HOH I 6 .   ? 12.958  -3.813  -10.720 1.00 26.50 ? 654 HOH A O   1 
HETATM 1200 O  O   . HOH I 6 .   ? 9.351   15.003  -1.817  1.00 42.58 ? 655 HOH A O   1 
HETATM 1201 O  O   . HOH I 6 .   ? -20.228 -0.100  -1.432  1.00 26.81 ? 656 HOH A O   1 
HETATM 1202 O  O   . HOH I 6 .   ? 4.346   -0.372  -12.006 1.00 27.28 ? 657 HOH A O   1 
HETATM 1203 O  O   . HOH I 6 .   ? 6.004   -8.846  10.154  1.00 36.66 ? 658 HOH A O   1 
HETATM 1204 O  O   . HOH I 6 .   ? 10.540  -4.891  13.701  1.00 19.48 ? 659 HOH A O   1 
HETATM 1205 O  O   . HOH I 6 .   ? -10.416 2.871   -5.496  1.00 23.38 ? 660 HOH A O   1 
HETATM 1206 O  O   . HOH I 6 .   ? -3.047  -1.986  2.543   1.00 16.36 ? 661 HOH A O   1 
HETATM 1207 O  O   . HOH I 6 .   ? -20.525 -2.433  -5.287  1.00 32.85 ? 662 HOH A O   1 
HETATM 1208 O  O   . HOH I 6 .   ? -6.288  6.917   -3.253  1.00 18.46 ? 663 HOH A O   1 
HETATM 1209 O  O   . HOH I 6 .   ? 2.449   3.722   -9.345  1.00 16.67 ? 664 HOH A O   1 
HETATM 1210 O  O   . HOH I 6 .   ? -10.076 -15.383 11.504  1.00 41.09 ? 665 HOH A O   1 
HETATM 1211 O  O   . HOH I 6 .   ? 2.807   -12.870 7.013   1.00 22.70 ? 666 HOH A O   1 
HETATM 1212 O  O   . HOH I 6 .   ? 9.753   -6.896  -11.881 1.00 32.15 ? 667 HOH A O   1 
HETATM 1213 O  O   . HOH I 6 .   ? -13.119 -1.999  -3.805  1.00 16.76 ? 668 HOH A O   1 
HETATM 1214 O  O   . HOH I 6 .   ? 2.526   9.937   9.919   1.00 21.52 ? 669 HOH A O   1 
HETATM 1215 O  O   . HOH I 6 .   ? 10.120  -4.997  -9.920  1.00 27.87 ? 670 HOH A O   1 
HETATM 1216 O  O   . HOH I 6 .   ? 13.893  9.166   -2.304  1.00 35.47 ? 671 HOH A O   1 
HETATM 1217 O  O   . HOH I 6 .   ? -7.629  6.845   -0.702  1.00 13.56 ? 672 HOH A O   1 
HETATM 1218 O  O   . HOH I 6 .   ? -14.038 -12.202 -6.477  1.00 19.07 ? 673 HOH A O   1 
HETATM 1219 O  O   . HOH I 6 .   ? 13.954  3.613   9.282   1.00 13.60 ? 674 HOH A O   1 
HETATM 1220 O  O   . HOH I 6 .   ? 13.885  4.861   -5.580  1.00 22.69 ? 675 HOH A O   1 
HETATM 1221 O  O   . HOH I 6 .   ? 4.241   2.349   -11.188 1.00 16.99 ? 676 HOH A O   1 
HETATM 1222 O  O   . HOH I 6 .   ? -16.554 -11.042 -6.599  1.00 18.74 ? 677 HOH A O   1 
HETATM 1223 O  O   . HOH I 6 .   ? -8.557  -7.744  12.099  1.00 43.03 ? 678 HOH A O   1 
HETATM 1224 O  O   . HOH I 6 .   ? 6.924   -13.367 -2.782  1.00 31.30 ? 679 HOH A O   1 
HETATM 1225 O  O   . HOH I 6 .   ? -9.564  -10.476 -7.670  1.00 36.68 ? 680 HOH A O   1 
HETATM 1226 O  O   . HOH I 6 .   ? 6.101   -2.287  -14.207 1.00 23.66 ? 681 HOH A O   1 
HETATM 1227 O  O   . HOH I 6 .   ? -0.947  11.293  -7.629  1.00 22.79 ? 682 HOH A O   1 
HETATM 1228 O  O   . HOH I 6 .   ? -4.185  -4.441  10.287  1.00 17.50 ? 683 HOH A O   1 
HETATM 1229 O  O   . HOH I 6 .   ? -3.850  14.176  6.413   1.00 37.72 ? 684 HOH A O   1 
HETATM 1230 O  O   . HOH I 6 .   ? 3.682   -12.970 -8.715  1.00 23.61 ? 685 HOH A O   1 
HETATM 1231 O  O   . HOH I 6 .   ? 2.208   4.549   12.977  1.00 16.04 ? 686 HOH A O   1 
HETATM 1232 O  O   . HOH I 6 .   ? -9.338  -9.012  -3.057  1.00 21.74 ? 687 HOH A O   1 
HETATM 1233 O  O   . HOH I 6 .   ? -7.165  9.403   -0.371  1.00 29.75 ? 688 HOH A O   1 
HETATM 1234 O  O   . HOH I 6 .   ? -3.246  -8.700  -11.578 1.00 23.64 ? 689 HOH A O   1 
HETATM 1235 O  O   . HOH I 6 .   ? -11.470 5.134   -3.999  1.00 17.37 ? 690 HOH A O   1 
HETATM 1236 O  O   . HOH I 6 .   ? 9.568   -9.163  -7.241  1.00 17.74 ? 691 HOH A O   1 
HETATM 1237 O  O   . HOH I 6 .   ? 5.697   13.873  2.896   1.00 19.11 ? 692 HOH A O   1 
HETATM 1238 O  O   . HOH I 6 .   ? -7.211  -10.471 10.143  1.00 25.67 ? 693 HOH A O   1 
HETATM 1239 O  O   . HOH I 6 .   ? 15.484  -3.594  8.449   1.00 18.58 ? 694 HOH A O   1 
HETATM 1240 O  O   . HOH I 6 .   ? 12.010  9.690   4.019   1.00 18.95 ? 695 HOH A O   1 
HETATM 1241 O  O   . HOH I 6 .   ? -7.486  -3.871  -15.361 1.00 21.50 ? 696 HOH A O   1 
HETATM 1242 O  O   . HOH I 6 .   ? 1.075   4.615   -12.034 1.00 33.09 ? 697 HOH A O   1 
HETATM 1243 O  O   . HOH I 6 .   ? -19.098 2.263   -3.380  1.00 24.52 ? 698 HOH A O   1 
HETATM 1244 O  O   . HOH I 6 .   ? 17.092  6.773   -3.743  1.00 30.44 ? 699 HOH A O   1 
HETATM 1245 O  O   . HOH I 6 .   ? -12.473 -0.384  5.156   1.00 30.25 ? 700 HOH A O   1 
HETATM 1246 O  O   . HOH I 6 .   ? 7.783   14.013  0.154   1.00 28.89 ? 701 HOH A O   1 
HETATM 1247 O  O   . HOH I 6 .   ? -6.551  -14.270 1.984   1.00 27.06 ? 702 HOH A O   1 
HETATM 1248 O  O   . HOH I 6 .   ? -2.396  6.183   18.618  1.00 29.69 ? 703 HOH A O   1 
HETATM 1249 O  O   . HOH I 6 .   ? -11.278 -15.009 9.361   1.00 29.61 ? 704 HOH A O   1 
HETATM 1250 O  O   . HOH I 6 .   ? -16.127 4.420   -4.296  1.00 38.92 ? 705 HOH A O   1 
HETATM 1251 O  O   . HOH I 6 .   ? 0.032   -2.534  -13.277 1.00 23.88 ? 706 HOH A O   1 
HETATM 1252 O  O   . HOH I 6 .   ? -15.105 -15.052 -1.444  1.00 33.00 ? 707 HOH A O   1 
HETATM 1253 O  O   . HOH I 6 .   ? 10.505  2.576   14.029  1.00 36.37 ? 708 HOH A O   1 
HETATM 1254 O  O   . HOH I 6 .   ? -20.048 -16.758 -0.037  1.00 25.12 ? 709 HOH A O   1 
HETATM 1255 O  O   . HOH I 6 .   ? -3.070  10.234  -9.434  1.00 36.69 ? 710 HOH A O   1 
HETATM 1256 O  O   . HOH I 6 .   ? -7.769  0.114   4.821   1.00 28.34 ? 711 HOH A O   1 
HETATM 1257 O  O   . HOH I 6 .   ? 17.829  1.445   -0.004  1.00 29.06 ? 712 HOH A O   1 
HETATM 1258 O  O   . HOH I 6 .   ? -3.492  3.638   11.382  1.00 19.45 ? 713 HOH A O   1 
HETATM 1259 O  O   . HOH I 6 .   ? -1.473  3.813   -12.585 1.00 24.72 ? 714 HOH A O   1 
HETATM 1260 O  O   . HOH I 6 .   ? 12.382  5.159   10.666  1.00 22.37 ? 715 HOH A O   1 
HETATM 1261 O  O   . HOH I 6 .   ? 18.846  2.747   -2.104  1.00 32.66 ? 716 HOH A O   1 
HETATM 1262 O  O   . HOH I 6 .   ? 14.423  7.300   -4.129  1.00 30.63 ? 717 HOH A O   1 
HETATM 1263 O  O   . HOH I 6 .   ? -10.358 8.063   -5.384  1.00 33.29 ? 718 HOH A O   1 
HETATM 1264 O  O   . HOH I 6 .   ? -4.916  2.232   -13.996 1.00 25.76 ? 719 HOH A O   1 
HETATM 1265 O  O   . HOH I 6 .   ? -8.542  -14.487 -2.579  1.00 33.25 ? 720 HOH A O   1 
HETATM 1266 O  O   . HOH I 6 .   ? 11.029  -6.841  -7.976  1.00 29.63 ? 721 HOH A O   1 
HETATM 1267 O  O   . HOH I 6 .   ? -2.557  6.004   -12.044 1.00 42.63 ? 722 HOH A O   1 
HETATM 1268 O  O   . HOH I 6 .   ? -6.770  6.382   -12.557 1.00 38.71 ? 723 HOH A O   1 
HETATM 1269 O  O   . HOH I 6 .   ? -7.193  -15.625 -0.393  1.00 34.46 ? 724 HOH A O   1 
HETATM 1270 O  O   . HOH I 6 .   ? 16.794  -5.623  4.996   1.00 40.70 ? 725 HOH A O   1 
HETATM 1271 O  O   . HOH I 6 .   ? 2.878   3.457   -13.809 1.00 34.58 ? 726 HOH A O   1 
HETATM 1272 O  O   . HOH I 6 .   ? -7.913  -0.665  -15.587 1.00 41.29 ? 727 HOH A O   1 
HETATM 1273 O  O   . HOH I 6 .   ? -0.959  -0.242  -14.412 1.00 25.04 ? 728 HOH A O   1 
HETATM 1274 O  O   . HOH I 6 .   ? 10.870  4.833   13.028  1.00 20.81 ? 729 HOH A O   1 
HETATM 1275 O  O   . HOH I 6 .   ? -9.384  8.601   -2.896  1.00 32.62 ? 730 HOH A O   1 
HETATM 1276 O  O   . HOH I 6 .   ? 8.868   -5.256  15.801  1.00 35.84 ? 731 HOH A O   1 
HETATM 1277 O  O   . HOH I 6 .   ? 2.614   -1.536  -13.695 1.00 25.91 ? 732 HOH A O   1 
HETATM 1278 O  O   . HOH I 6 .   ? -5.056  5.071   -13.752 1.00 33.09 ? 733 HOH A O   1 
HETATM 1279 O  O   . HOH I 6 .   ? -4.560  1.506   -16.662 1.00 42.97 ? 734 HOH A O   1 
# 
loop_
_pdbx_poly_seq_scheme.asym_id 
_pdbx_poly_seq_scheme.entity_id 
_pdbx_poly_seq_scheme.seq_id 
_pdbx_poly_seq_scheme.mon_id 
_pdbx_poly_seq_scheme.ndb_seq_num 
_pdbx_poly_seq_scheme.pdb_seq_num 
_pdbx_poly_seq_scheme.auth_seq_num 
_pdbx_poly_seq_scheme.pdb_mon_id 
_pdbx_poly_seq_scheme.auth_mon_id 
_pdbx_poly_seq_scheme.pdb_strand_id 
_pdbx_poly_seq_scheme.pdb_ins_code 
_pdbx_poly_seq_scheme.hetero 
A 1 1   MET 1   1   ?   ?   ?   A . n 
A 1 2   MET 2   2   ?   ?   ?   A . n 
A 1 3   LYS 3   3   ?   ?   ?   A . n 
A 1 4   LEU 4   4   ?   ?   ?   A . n 
A 1 5   LYS 5   5   ?   ?   ?   A . n 
A 1 6   SER 6   6   ?   ?   ?   A . n 
A 1 7   ASN 7   7   ?   ?   ?   A . n 
A 1 8   GLN 8   8   ?   ?   ?   A . n 
A 1 9   THR 9   9   9   THR THR A . n 
A 1 10  ARG 10  10  10  ARG ARG A . n 
A 1 11  THR 11  11  11  THR THR A . n 
A 1 12  TYR 12  12  12  TYR TYR A . n 
A 1 13  ASP 13  13  13  ASP ASP A . n 
A 1 14  GLY 14  14  14  GLY GLY A . n 
A 1 15  ASP 15  15  15  ASP ASP A . n 
A 1 16  GLY 16  16  16  GLY GLY A . n 
A 1 17  TYR 17  17  17  TYR TYR A . n 
A 1 18  LYS 18  18  18  LYS LYS A . n 
A 1 19  LYS 19  19  19  LYS LYS A . n 
A 1 20  ARG 20  20  20  ARG ARG A . n 
A 1 21  ALA 21  21  21  ALA ALA A . n 
A 1 22  ALA 22  22  22  ALA ALA A . n 
A 1 23  CYS 23  23  23  CYS CYS A . n 
A 1 24  LEU 24  24  24  LEU LEU A . n 
A 1 25  CYS 25  25  25  CYS CYS A . n 
A 1 26  PHE 26  26  26  PHE PHE A . n 
A 1 27  ARG 27  27  27  ARG ARG A . n 
A 1 28  SER 28  28  28  SER SER A . n 
A 1 29  GLU 29  29  29  GLU GLU A . n 
A 1 30  SER 30  30  30  SER SER A . n 
A 1 31  GLU 31  31  31  GLU GLU A . n 
A 1 32  GLU 32  32  32  GLU GLU A . n 
A 1 33  GLU 33  33  33  GLU GLU A . n 
A 1 34  VAL 34  34  34  VAL VAL A . n 
A 1 35  LEU 35  35  35  LEU LEU A . n 
A 1 36  LEU 36  36  36  LEU LEU A . n 
A 1 37  VAL 37  37  37  VAL VAL A . n 
A 1 38  SER 38  38  38  SER SER A . n 
A 1 39  SER 39  39  39  SER SER A . n 
A 1 40  SER 40  40  40  SER SER A . n 
A 1 41  ARG 41  41  41  ARG ARG A . n 
A 1 42  HIS 42  42  42  HIS HIS A . n 
A 1 43  PRO 43  43  43  PRO PRO A . n 
A 1 44  ASP 44  44  44  ASP ASP A . n 
A 1 45  ARG 45  45  45  ARG ARG A . n 
A 1 46  TRP 46  46  46  TRP TRP A . n 
A 1 47  ILE 47  47  47  ILE ILE A . n 
A 1 48  VAL 48  48  48  VAL VAL A . n 
A 1 49  PRO 49  49  49  PRO PRO A . n 
A 1 50  GLY 50  50  50  GLY GLY A . n 
A 1 51  GLY 51  51  51  GLY GLY A . n 
A 1 52  GLY 52  52  52  GLY GLY A . n 
A 1 53  MET 53  53  53  MET MET A . n 
A 1 54  GLU 54  54  54  GLU GLU A . n 
A 1 55  PRO 55  55  55  PRO PRO A . n 
A 1 56  GLU 56  56  56  GLU GLU A . n 
A 1 57  GLU 57  57  57  GLU GLU A . n 
A 1 58  GLU 58  58  58  GLU GLU A . n 
A 1 59  PRO 59  59  59  PRO PRO A . n 
A 1 60  SER 60  60  60  SER SER A . n 
A 1 61  VAL 61  61  61  VAL VAL A . n 
A 1 62  ALA 62  62  62  ALA ALA A . n 
A 1 63  ALA 63  63  63  ALA ALA A . n 
A 1 64  VAL 64  64  64  VAL VAL A . n 
A 1 65  ARG 65  65  65  ARG ARG A . n 
A 1 66  GLU 66  66  66  GLU GLU A . n 
A 1 67  VAL 67  67  67  VAL VAL A . n 
A 1 68  CYS 68  68  68  CYS CYS A . n 
A 1 69  GLU 69  69  69  GLU GLU A . n 
A 1 70  GLU 70  70  70  GLU GLU A . n 
A 1 71  ALA 71  71  71  ALA ALA A . n 
A 1 72  GLY 72  72  72  GLY GLY A . n 
A 1 73  VAL 73  73  73  VAL VAL A . n 
A 1 74  LYS 74  74  74  LYS LYS A . n 
A 1 75  GLY 75  75  75  GLY GLY A . n 
A 1 76  THR 76  76  76  THR THR A . n 
A 1 77  LEU 77  77  77  LEU LEU A . n 
A 1 78  GLY 78  78  78  GLY GLY A . n 
A 1 79  ARG 79  79  79  ARG ARG A . n 
A 1 80  LEU 80  80  80  LEU LEU A . n 
A 1 81  VAL 81  81  81  VAL VAL A . n 
A 1 82  GLY 82  82  82  GLY GLY A . n 
A 1 83  ILE 83  83  83  ILE ILE A . n 
A 1 84  PHE 84  84  84  PHE PHE A . n 
A 1 85  GLU 85  85  85  GLU GLU A . n 
A 1 86  ASN 86  86  86  ASN ASN A . n 
A 1 87  GLN 87  87  87  GLN GLN A . n 
A 1 88  GLU 88  88  88  GLU GLU A . n 
A 1 89  ARG 89  89  89  ARG ARG A . n 
A 1 90  LYS 90  90  90  LYS LYS A . n 
A 1 91  HIS 91  91  91  HIS HIS A . n 
A 1 92  ARG 92  92  92  ARG ARG A . n 
A 1 93  THR 93  93  93  THR THR A . n 
A 1 94  TYR 94  94  94  TYR TYR A . n 
A 1 95  VAL 95  95  95  VAL VAL A . n 
A 1 96  TYR 96  96  96  TYR TYR A . n 
A 1 97  VAL 97  97  97  VAL VAL A . n 
A 1 98  LEU 98  98  98  LEU LEU A . n 
A 1 99  ILE 99  99  99  ILE ILE A . n 
A 1 100 VAL 100 100 100 VAL VAL A . n 
A 1 101 THR 101 101 101 THR THR A . n 
A 1 102 GLU 102 102 102 GLU GLU A . n 
A 1 103 VAL 103 103 103 VAL VAL A . n 
A 1 104 LEU 104 104 104 LEU LEU A . n 
A 1 105 GLU 105 105 105 GLU GLU A . n 
A 1 106 ASP 106 106 106 ASP ASP A . n 
A 1 107 TRP 107 107 107 TRP TRP A . n 
A 1 108 GLU 108 108 108 GLU GLU A . n 
A 1 109 ASP 109 109 109 ASP ASP A . n 
A 1 110 SER 110 110 110 SER SER A . n 
A 1 111 VAL 111 111 111 VAL VAL A . n 
A 1 112 ASN 112 112 112 ASN ASN A . n 
A 1 113 ILE 113 113 113 ILE ILE A . n 
A 1 114 GLY 114 114 114 GLY GLY A . n 
A 1 115 ARG 115 115 115 ARG ARG A . n 
A 1 116 LYS 116 116 116 LYS LYS A . n 
A 1 117 ARG 117 117 117 ARG ARG A . n 
A 1 118 GLU 118 118 118 GLU GLU A . n 
A 1 119 TRP 119 119 119 TRP TRP A . n 
A 1 120 PHE 120 120 120 PHE PHE A . n 
A 1 121 LYS 121 121 121 LYS LYS A . n 
A 1 122 ILE 122 122 122 ILE ILE A . n 
A 1 123 GLU 123 123 123 GLU GLU A . n 
A 1 124 ASP 124 124 124 ASP ASP A . n 
A 1 125 ALA 125 125 125 ALA ALA A . n 
A 1 126 ILE 126 126 126 ILE ILE A . n 
A 1 127 LYS 127 127 127 LYS LYS A . n 
A 1 128 VAL 128 128 128 VAL VAL A . n 
A 1 129 LEU 129 129 129 LEU LEU A . n 
A 1 130 GLN 130 130 130 GLN GLN A . n 
A 1 131 TYR 131 131 131 TYR TYR A . n 
A 1 132 HIS 132 132 132 HIS HIS A . n 
A 1 133 LYS 133 133 133 LYS LYS A . n 
A 1 134 PRO 134 134 134 PRO PRO A . n 
A 1 135 VAL 135 135 135 VAL VAL A . n 
A 1 136 GLN 136 136 136 GLN GLN A . n 
A 1 137 ALA 137 137 137 ALA ALA A . n 
A 1 138 SER 138 138 138 SER SER A . n 
A 1 139 TYR 139 139 139 TYR TYR A . n 
A 1 140 PHE 140 140 140 PHE PHE A . n 
A 1 141 GLU 141 141 141 GLU GLU A . n 
A 1 142 THR 142 142 142 THR THR A . n 
A 1 143 LEU 143 143 ?   ?   ?   A . n 
A 1 144 ARG 144 144 ?   ?   ?   A . n 
A 1 145 GLN 145 145 ?   ?   ?   A . n 
A 1 146 GLY 146 146 ?   ?   ?   A . n 
A 1 147 TYR 147 147 ?   ?   ?   A . n 
A 1 148 SER 148 148 ?   ?   ?   A . n 
A 1 149 ALA 149 149 ?   ?   ?   A . n 
A 1 150 ASN 150 150 ?   ?   ?   A . n 
A 1 151 ASN 151 151 ?   ?   ?   A . n 
A 1 152 GLY 152 152 ?   ?   ?   A . n 
A 1 153 THR 153 153 ?   ?   ?   A . n 
A 1 154 PRO 154 154 ?   ?   ?   A . n 
A 1 155 VAL 155 155 ?   ?   ?   A . n 
A 1 156 VAL 156 156 ?   ?   ?   A . n 
A 1 157 ALA 157 157 ?   ?   ?   A . n 
A 1 158 THR 158 158 ?   ?   ?   A . n 
A 1 159 THR 159 159 ?   ?   ?   A . n 
A 1 160 TYR 160 160 ?   ?   ?   A . n 
A 1 161 SER 161 161 ?   ?   ?   A . n 
A 1 162 VAL 162 162 ?   ?   ?   A . n 
A 1 163 SER 163 163 ?   ?   ?   A . n 
A 1 164 ALA 164 164 ?   ?   ?   A . n 
A 1 165 GLN 165 165 ?   ?   ?   A . n 
A 1 166 SER 166 166 ?   ?   ?   A . n 
A 1 167 SER 167 167 ?   ?   ?   A . n 
A 1 168 MET 168 168 ?   ?   ?   A . n 
A 1 169 SER 169 169 ?   ?   ?   A . n 
A 1 170 GLY 170 170 ?   ?   ?   A . n 
A 1 171 ILE 171 171 ?   ?   ?   A . n 
A 1 172 ARG 172 172 ?   ?   ?   A . n 
# 
loop_
_pdbx_contact_author.id 
_pdbx_contact_author.email 
_pdbx_contact_author.name_first 
_pdbx_contact_author.name_last 
_pdbx_contact_author.name_mi 
_pdbx_contact_author.role 
_pdbx_contact_author.identifier_ORCID 
2 huanchen.wang@nih.gov Huanchen Wang   ? 'principal investigator/group leader' 0000-0003-2701-7155 
3 shears@niehs.nih.gov  Stephen  Shears B 'principal investigator/group leader' 0000-0001-7309-8916 
# 
loop_
_pdbx_nonpoly_scheme.asym_id 
_pdbx_nonpoly_scheme.entity_id 
_pdbx_nonpoly_scheme.mon_id 
_pdbx_nonpoly_scheme.ndb_seq_num 
_pdbx_nonpoly_scheme.pdb_seq_num 
_pdbx_nonpoly_scheme.auth_seq_num 
_pdbx_nonpoly_scheme.pdb_mon_id 
_pdbx_nonpoly_scheme.auth_mon_id 
_pdbx_nonpoly_scheme.pdb_strand_id 
_pdbx_nonpoly_scheme.pdb_ins_code 
B 2 MG  1   501 501 MG  MG  A . 
C 2 MG  1   502 502 MG  MG  A . 
D 2 MG  1   503 503 MG  MG  A . 
E 3 CL  1   504 601 CL  CL  A . 
F 3 CL  1   505 602 CL  CL  A . 
G 4 F   1   506 801 F   F   A . 
H 5 ZM2 1   507 401 ZM2 ZM2 A . 
I 6 HOH 1   601 131 HOH HOH A . 
I 6 HOH 2   602 114 HOH HOH A . 
I 6 HOH 3   603 85  HOH HOH A . 
I 6 HOH 4   604 99  HOH HOH A . 
I 6 HOH 5   605 134 HOH HOH A . 
I 6 HOH 6   606 73  HOH HOH A . 
I 6 HOH 7   607 52  HOH HOH A . 
I 6 HOH 8   608 81  HOH HOH A . 
I 6 HOH 9   609 104 HOH HOH A . 
I 6 HOH 10  610 96  HOH HOH A . 
I 6 HOH 11  611 78  HOH HOH A . 
I 6 HOH 12  612 33  HOH HOH A . 
I 6 HOH 13  613 8   HOH HOH A . 
I 6 HOH 14  614 45  HOH HOH A . 
I 6 HOH 15  615 64  HOH HOH A . 
I 6 HOH 16  616 22  HOH HOH A . 
I 6 HOH 17  617 62  HOH HOH A . 
I 6 HOH 18  618 109 HOH HOH A . 
I 6 HOH 19  619 86  HOH HOH A . 
I 6 HOH 20  620 95  HOH HOH A . 
I 6 HOH 21  621 51  HOH HOH A . 
I 6 HOH 22  622 30  HOH HOH A . 
I 6 HOH 23  623 11  HOH HOH A . 
I 6 HOH 24  624 48  HOH HOH A . 
I 6 HOH 25  625 37  HOH HOH A . 
I 6 HOH 26  626 5   HOH HOH A . 
I 6 HOH 27  627 24  HOH HOH A . 
I 6 HOH 28  628 71  HOH HOH A . 
I 6 HOH 29  629 112 HOH HOH A . 
I 6 HOH 30  630 133 HOH HOH A . 
I 6 HOH 31  631 1   HOH HOH A . 
I 6 HOH 32  632 23  HOH HOH A . 
I 6 HOH 33  633 67  HOH HOH A . 
I 6 HOH 34  634 125 HOH HOH A . 
I 6 HOH 35  635 69  HOH HOH A . 
I 6 HOH 36  636 65  HOH HOH A . 
I 6 HOH 37  637 20  HOH HOH A . 
I 6 HOH 38  638 77  HOH HOH A . 
I 6 HOH 39  639 2   HOH HOH A . 
I 6 HOH 40  640 97  HOH HOH A . 
I 6 HOH 41  641 76  HOH HOH A . 
I 6 HOH 42  642 82  HOH HOH A . 
I 6 HOH 43  643 79  HOH HOH A . 
I 6 HOH 44  644 101 HOH HOH A . 
I 6 HOH 45  645 132 HOH HOH A . 
I 6 HOH 46  646 55  HOH HOH A . 
I 6 HOH 47  647 3   HOH HOH A . 
I 6 HOH 48  648 75  HOH HOH A . 
I 6 HOH 49  649 68  HOH HOH A . 
I 6 HOH 50  650 16  HOH HOH A . 
I 6 HOH 51  651 6   HOH HOH A . 
I 6 HOH 52  652 38  HOH HOH A . 
I 6 HOH 53  653 70  HOH HOH A . 
I 6 HOH 54  654 50  HOH HOH A . 
I 6 HOH 55  655 103 HOH HOH A . 
I 6 HOH 56  656 63  HOH HOH A . 
I 6 HOH 57  657 46  HOH HOH A . 
I 6 HOH 58  658 118 HOH HOH A . 
I 6 HOH 59  659 26  HOH HOH A . 
I 6 HOH 60  660 113 HOH HOH A . 
I 6 HOH 61  661 10  HOH HOH A . 
I 6 HOH 62  662 84  HOH HOH A . 
I 6 HOH 63  663 111 HOH HOH A . 
I 6 HOH 64  664 9   HOH HOH A . 
I 6 HOH 65  665 90  HOH HOH A . 
I 6 HOH 66  666 53  HOH HOH A . 
I 6 HOH 67  667 72  HOH HOH A . 
I 6 HOH 68  668 12  HOH HOH A . 
I 6 HOH 69  669 29  HOH HOH A . 
I 6 HOH 70  670 39  HOH HOH A . 
I 6 HOH 71  671 100 HOH HOH A . 
I 6 HOH 72  672 110 HOH HOH A . 
I 6 HOH 73  673 19  HOH HOH A . 
I 6 HOH 74  674 14  HOH HOH A . 
I 6 HOH 75  675 58  HOH HOH A . 
I 6 HOH 76  676 7   HOH HOH A . 
I 6 HOH 77  677 15  HOH HOH A . 
I 6 HOH 78  678 129 HOH HOH A . 
I 6 HOH 79  679 106 HOH HOH A . 
I 6 HOH 80  680 66  HOH HOH A . 
I 6 HOH 81  681 57  HOH HOH A . 
I 6 HOH 82  682 17  HOH HOH A . 
I 6 HOH 83  683 13  HOH HOH A . 
I 6 HOH 84  684 74  HOH HOH A . 
I 6 HOH 85  685 115 HOH HOH A . 
I 6 HOH 86  686 4   HOH HOH A . 
I 6 HOH 87  687 28  HOH HOH A . 
I 6 HOH 88  688 116 HOH HOH A . 
I 6 HOH 89  689 49  HOH HOH A . 
I 6 HOH 90  690 83  HOH HOH A . 
I 6 HOH 91  691 18  HOH HOH A . 
I 6 HOH 92  692 31  HOH HOH A . 
I 6 HOH 93  693 43  HOH HOH A . 
I 6 HOH 94  694 36  HOH HOH A . 
I 6 HOH 95  695 27  HOH HOH A . 
I 6 HOH 96  696 25  HOH HOH A . 
I 6 HOH 97  697 44  HOH HOH A . 
I 6 HOH 98  698 98  HOH HOH A . 
I 6 HOH 99  699 128 HOH HOH A . 
I 6 HOH 100 700 130 HOH HOH A . 
I 6 HOH 101 701 107 HOH HOH A . 
I 6 HOH 102 702 21  HOH HOH A . 
I 6 HOH 103 703 92  HOH HOH A . 
I 6 HOH 104 704 93  HOH HOH A . 
I 6 HOH 105 705 80  HOH HOH A . 
I 6 HOH 106 706 42  HOH HOH A . 
I 6 HOH 107 707 121 HOH HOH A . 
I 6 HOH 108 708 124 HOH HOH A . 
I 6 HOH 109 709 102 HOH HOH A . 
I 6 HOH 110 710 88  HOH HOH A . 
I 6 HOH 111 711 40  HOH HOH A . 
I 6 HOH 112 712 61  HOH HOH A . 
I 6 HOH 113 713 47  HOH HOH A . 
I 6 HOH 114 714 41  HOH HOH A . 
I 6 HOH 115 715 91  HOH HOH A . 
I 6 HOH 116 716 122 HOH HOH A . 
I 6 HOH 117 717 105 HOH HOH A . 
I 6 HOH 118 718 127 HOH HOH A . 
I 6 HOH 119 719 35  HOH HOH A . 
I 6 HOH 120 720 120 HOH HOH A . 
I 6 HOH 121 721 32  HOH HOH A . 
I 6 HOH 122 722 117 HOH HOH A . 
I 6 HOH 123 723 119 HOH HOH A . 
I 6 HOH 124 724 89  HOH HOH A . 
I 6 HOH 125 725 126 HOH HOH A . 
I 6 HOH 126 726 59  HOH HOH A . 
I 6 HOH 127 727 56  HOH HOH A . 
I 6 HOH 128 728 34  HOH HOH A . 
I 6 HOH 129 729 94  HOH HOH A . 
I 6 HOH 130 730 123 HOH HOH A . 
I 6 HOH 131 731 87  HOH HOH A . 
I 6 HOH 132 732 54  HOH HOH A . 
I 6 HOH 133 733 60  HOH HOH A . 
I 6 HOH 134 734 108 HOH HOH A . 
# 
_pdbx_struct_assembly.id                   1 
_pdbx_struct_assembly.details              author_and_software_defined_assembly 
_pdbx_struct_assembly.method_details       PISA 
_pdbx_struct_assembly.oligomeric_details   monomeric 
_pdbx_struct_assembly.oligomeric_count     1 
# 
_pdbx_struct_assembly_gen.assembly_id       1 
_pdbx_struct_assembly_gen.oper_expression   1 
_pdbx_struct_assembly_gen.asym_id_list      A,B,C,D,E,F,G,H,I 
# 
loop_
_pdbx_struct_assembly_prop.biol_id 
_pdbx_struct_assembly_prop.type 
_pdbx_struct_assembly_prop.value 
_pdbx_struct_assembly_prop.details 
1 'ABSA (A^2)' 760  ? 
1 MORE         -51  ? 
1 'SSA (A^2)'  7410 ? 
# 
_pdbx_struct_oper_list.id                   1 
_pdbx_struct_oper_list.type                 'identity operation' 
_pdbx_struct_oper_list.name                 1_555 
_pdbx_struct_oper_list.symmetry_operation   x,y,z 
_pdbx_struct_oper_list.matrix[1][1]         1.0000000000 
_pdbx_struct_oper_list.matrix[1][2]         0.0000000000 
_pdbx_struct_oper_list.matrix[1][3]         0.0000000000 
_pdbx_struct_oper_list.vector[1]            0.0000000000 
_pdbx_struct_oper_list.matrix[2][1]         0.0000000000 
_pdbx_struct_oper_list.matrix[2][2]         1.0000000000 
_pdbx_struct_oper_list.matrix[2][3]         0.0000000000 
_pdbx_struct_oper_list.vector[2]            0.0000000000 
_pdbx_struct_oper_list.matrix[3][1]         0.0000000000 
_pdbx_struct_oper_list.matrix[3][2]         0.0000000000 
_pdbx_struct_oper_list.matrix[3][3]         1.0000000000 
_pdbx_struct_oper_list.vector[3]            0.0000000000 
# 
loop_
_pdbx_struct_conn_angle.id 
_pdbx_struct_conn_angle.ptnr1_label_atom_id 
_pdbx_struct_conn_angle.ptnr1_label_alt_id 
_pdbx_struct_conn_angle.ptnr1_label_asym_id 
_pdbx_struct_conn_angle.ptnr1_label_comp_id 
_pdbx_struct_conn_angle.ptnr1_label_seq_id 
_pdbx_struct_conn_angle.ptnr1_auth_atom_id 
_pdbx_struct_conn_angle.ptnr1_auth_asym_id 
_pdbx_struct_conn_angle.ptnr1_auth_comp_id 
_pdbx_struct_conn_angle.ptnr1_auth_seq_id 
_pdbx_struct_conn_angle.ptnr1_PDB_ins_code 
_pdbx_struct_conn_angle.ptnr1_symmetry 
_pdbx_struct_conn_angle.ptnr2_label_atom_id 
_pdbx_struct_conn_angle.ptnr2_label_alt_id 
_pdbx_struct_conn_angle.ptnr2_label_asym_id 
_pdbx_struct_conn_angle.ptnr2_label_comp_id 
_pdbx_struct_conn_angle.ptnr2_label_seq_id 
_pdbx_struct_conn_angle.ptnr2_auth_atom_id 
_pdbx_struct_conn_angle.ptnr2_auth_asym_id 
_pdbx_struct_conn_angle.ptnr2_auth_comp_id 
_pdbx_struct_conn_angle.ptnr2_auth_seq_id 
_pdbx_struct_conn_angle.ptnr2_PDB_ins_code 
_pdbx_struct_conn_angle.ptnr2_symmetry 
_pdbx_struct_conn_angle.ptnr3_label_atom_id 
_pdbx_struct_conn_angle.ptnr3_label_alt_id 
_pdbx_struct_conn_angle.ptnr3_label_asym_id 
_pdbx_struct_conn_angle.ptnr3_label_comp_id 
_pdbx_struct_conn_angle.ptnr3_label_seq_id 
_pdbx_struct_conn_angle.ptnr3_auth_atom_id 
_pdbx_struct_conn_angle.ptnr3_auth_asym_id 
_pdbx_struct_conn_angle.ptnr3_auth_comp_id 
_pdbx_struct_conn_angle.ptnr3_auth_seq_id 
_pdbx_struct_conn_angle.ptnr3_PDB_ins_code 
_pdbx_struct_conn_angle.ptnr3_symmetry 
_pdbx_struct_conn_angle.value 
_pdbx_struct_conn_angle.value_esd 
1  O   ? A GLY 50 ? A GLY 50  ? 1_555 MG ? B MG . ? A MG 501 ? 1_555 OE1 ? A GLU 70 ? A GLU 70  ? 1_555 82.6  ? 
2  O   ? A GLY 50 ? A GLY 50  ? 1_555 MG ? B MG . ? A MG 501 ? 1_555 O42 ? H ZM2 .  ? A ZM2 507 ? 1_555 172.2 ? 
3  OE1 ? A GLU 70 ? A GLU 70  ? 1_555 MG ? B MG . ? A MG 501 ? 1_555 O42 ? H ZM2 .  ? A ZM2 507 ? 1_555 91.9  ? 
4  O   ? A GLY 50 ? A GLY 50  ? 1_555 MG ? B MG . ? A MG 501 ? 1_555 O43 ? H ZM2 .  ? A ZM2 507 ? 1_555 92.4  ? 
5  OE1 ? A GLU 70 ? A GLU 70  ? 1_555 MG ? B MG . ? A MG 501 ? 1_555 O43 ? H ZM2 .  ? A ZM2 507 ? 1_555 167.4 ? 
6  O42 ? H ZM2 .  ? A ZM2 507 ? 1_555 MG ? B MG . ? A MG 501 ? 1_555 O43 ? H ZM2 .  ? A ZM2 507 ? 1_555 94.1  ? 
7  O   ? A GLY 50 ? A GLY 50  ? 1_555 MG ? B MG . ? A MG 501 ? 1_555 O53 ? H ZM2 .  ? A ZM2 507 ? 1_555 99.3  ? 
8  OE1 ? A GLU 70 ? A GLU 70  ? 1_555 MG ? B MG . ? A MG 501 ? 1_555 O53 ? H ZM2 .  ? A ZM2 507 ? 1_555 77.9  ? 
9  O42 ? H ZM2 .  ? A ZM2 507 ? 1_555 MG ? B MG . ? A MG 501 ? 1_555 O53 ? H ZM2 .  ? A ZM2 507 ? 1_555 84.8  ? 
10 O43 ? H ZM2 .  ? A ZM2 507 ? 1_555 MG ? B MG . ? A MG 501 ? 1_555 O53 ? H ZM2 .  ? A ZM2 507 ? 1_555 91.6  ? 
11 O   ? A GLY 50 ? A GLY 50  ? 1_555 MG ? B MG . ? A MG 501 ? 1_555 O   ? I HOH .  ? A HOH 618 ? 1_555 87.5  ? 
12 OE1 ? A GLU 70 ? A GLU 70  ? 1_555 MG ? B MG . ? A MG 501 ? 1_555 O   ? I HOH .  ? A HOH 618 ? 1_555 91.1  ? 
13 O42 ? H ZM2 .  ? A ZM2 507 ? 1_555 MG ? B MG . ? A MG 501 ? 1_555 O   ? I HOH .  ? A HOH 618 ? 1_555 87.1  ? 
14 O43 ? H ZM2 .  ? A ZM2 507 ? 1_555 MG ? B MG . ? A MG 501 ? 1_555 O   ? I HOH .  ? A HOH 618 ? 1_555 100.3 ? 
15 O53 ? H ZM2 .  ? A ZM2 507 ? 1_555 MG ? B MG . ? A MG 501 ? 1_555 O   ? I HOH .  ? A HOH 618 ? 1_555 166.1 ? 
16 OE2 ? A GLU 66 ? A GLU 66  ? 1_555 MG ? C MG . ? A MG 502 ? 1_555 OE1 ? A GLU 70 ? A GLU 70  ? 1_555 94.1  ? 
17 OE2 ? A GLU 66 ? A GLU 66  ? 1_555 MG ? C MG . ? A MG 502 ? 1_555 O53 ? H ZM2 .  ? A ZM2 507 ? 1_555 92.7  ? 
18 OE1 ? A GLU 70 ? A GLU 70  ? 1_555 MG ? C MG . ? A MG 502 ? 1_555 O53 ? H ZM2 .  ? A ZM2 507 ? 1_555 72.6  ? 
19 OE2 ? A GLU 66 ? A GLU 66  ? 1_555 MG ? C MG . ? A MG 502 ? 1_555 O   ? I HOH .  ? A HOH 663 ? 1_555 92.1  ? 
20 OE1 ? A GLU 70 ? A GLU 70  ? 1_555 MG ? C MG . ? A MG 502 ? 1_555 O   ? I HOH .  ? A HOH 663 ? 1_555 109.9 ? 
21 O53 ? H ZM2 .  ? A ZM2 507 ? 1_555 MG ? C MG . ? A MG 502 ? 1_555 O   ? I HOH .  ? A HOH 663 ? 1_555 174.5 ? 
22 OE2 ? A GLU 66 ? A GLU 66  ? 1_555 MG ? C MG . ? A MG 502 ? 1_555 O   ? I HOH .  ? A HOH 672 ? 1_555 178.1 ? 
23 OE1 ? A GLU 70 ? A GLU 70  ? 1_555 MG ? C MG . ? A MG 502 ? 1_555 O   ? I HOH .  ? A HOH 672 ? 1_555 84.8  ? 
24 O53 ? H ZM2 .  ? A ZM2 507 ? 1_555 MG ? C MG . ? A MG 502 ? 1_555 O   ? I HOH .  ? A HOH 672 ? 1_555 85.6  ? 
25 O   ? I HOH .  ? A HOH 663 ? 1_555 MG ? C MG . ? A MG 502 ? 1_555 O   ? I HOH .  ? A HOH 672 ? 1_555 89.7  ? 
26 OE1 ? A GLU 66 ? A GLU 66  ? 1_555 MG ? D MG . ? A MG 503 ? 1_555 O63 ? H ZM2 .  ? A ZM2 507 ? 1_555 95.5  ? 
27 OE1 ? A GLU 66 ? A GLU 66  ? 1_555 MG ? D MG . ? A MG 503 ? 1_555 O   ? I HOH .  ? A HOH 629 ? 1_555 88.6  ? 
28 O63 ? H ZM2 .  ? A ZM2 507 ? 1_555 MG ? D MG . ? A MG 503 ? 1_555 O   ? I HOH .  ? A HOH 629 ? 1_555 167.4 ? 
29 OE1 ? A GLU 66 ? A GLU 66  ? 1_555 MG ? D MG . ? A MG 503 ? 1_555 O   ? I HOH .  ? A HOH 660 ? 1_555 84.9  ? 
30 O63 ? H ZM2 .  ? A ZM2 507 ? 1_555 MG ? D MG . ? A MG 503 ? 1_555 O   ? I HOH .  ? A HOH 660 ? 1_555 96.3  ? 
31 O   ? I HOH .  ? A HOH 629 ? 1_555 MG ? D MG . ? A MG 503 ? 1_555 O   ? I HOH .  ? A HOH 660 ? 1_555 95.9  ? 
32 OE1 ? A GLU 66 ? A GLU 66  ? 1_555 MG ? D MG . ? A MG 503 ? 1_555 O   ? I HOH .  ? A HOH 690 ? 1_555 170.6 ? 
33 O63 ? H ZM2 .  ? A ZM2 507 ? 1_555 MG ? D MG . ? A MG 503 ? 1_555 O   ? I HOH .  ? A HOH 690 ? 1_555 88.2  ? 
34 O   ? I HOH .  ? A HOH 629 ? 1_555 MG ? D MG . ? A MG 503 ? 1_555 O   ? I HOH .  ? A HOH 690 ? 1_555 89.7  ? 
35 O   ? I HOH .  ? A HOH 660 ? 1_555 MG ? D MG . ? A MG 503 ? 1_555 O   ? I HOH .  ? A HOH 690 ? 1_555 86.1  ? 
# 
loop_
_pdbx_audit_revision_history.ordinal 
_pdbx_audit_revision_history.data_content_type 
_pdbx_audit_revision_history.major_revision 
_pdbx_audit_revision_history.minor_revision 
_pdbx_audit_revision_history.revision_date 
1 'Structure model' 1 0 2022-06-15 
2 'Structure model' 1 1 2023-10-18 
# 
_pdbx_audit_revision_details.ordinal             1 
_pdbx_audit_revision_details.revision_ordinal    1 
_pdbx_audit_revision_details.data_content_type   'Structure model' 
_pdbx_audit_revision_details.provider            repository 
_pdbx_audit_revision_details.type                'Initial release' 
_pdbx_audit_revision_details.description         ? 
_pdbx_audit_revision_details.details             ? 
# 
loop_
_pdbx_audit_revision_group.ordinal 
_pdbx_audit_revision_group.revision_ordinal 
_pdbx_audit_revision_group.data_content_type 
_pdbx_audit_revision_group.group 
1 2 'Structure model' 'Data collection'        
2 2 'Structure model' 'Refinement description' 
# 
loop_
_pdbx_audit_revision_category.ordinal 
_pdbx_audit_revision_category.revision_ordinal 
_pdbx_audit_revision_category.data_content_type 
_pdbx_audit_revision_category.category 
1 2 'Structure model' chem_comp_atom                
2 2 'Structure model' chem_comp_bond                
3 2 'Structure model' pdbx_initial_refinement_model 
# 
loop_
_software.citation_id 
_software.classification 
_software.compiler_name 
_software.compiler_version 
_software.contact_author 
_software.contact_author_email 
_software.date 
_software.description 
_software.dependencies 
_software.hardware 
_software.language 
_software.location 
_software.mods 
_software.name 
_software.os 
_software.os_version 
_software.type 
_software.version 
_software.pdbx_ordinal 
? refinement        ? ? ? ? ? ? ? ? ? ? ? REFMAC      ? ? ? 5.8.0238 1 
? 'data scaling'    ? ? ? ? ? ? ? ? ? ? ? SCALEPACK   ? ? ? .        2 
? 'data extraction' ? ? ? ? ? ? ? ? ? ? ? PDB_EXTRACT ? ? ? 3.27     3 
? 'data reduction'  ? ? ? ? ? ? ? ? ? ? ? xia2        ? ? ? .        4 
? phasing           ? ? ? ? ? ? ? ? ? ? ? PHASER      ? ? ? .        5 
# 
_pdbx_entry_details.entry_id                 7TN4 
_pdbx_entry_details.has_ligand_of_interest   Y 
_pdbx_entry_details.compound_details         ? 
_pdbx_entry_details.source_details           ? 
_pdbx_entry_details.nonpolymer_details       ? 
_pdbx_entry_details.sequence_details         ? 
# 
_pdbx_distant_solvent_atoms.id                                1 
_pdbx_distant_solvent_atoms.PDB_model_num                     1 
_pdbx_distant_solvent_atoms.auth_atom_id                      O 
_pdbx_distant_solvent_atoms.label_alt_id                      ? 
_pdbx_distant_solvent_atoms.auth_asym_id                      A 
_pdbx_distant_solvent_atoms.auth_comp_id                      HOH 
_pdbx_distant_solvent_atoms.auth_seq_id                       734 
_pdbx_distant_solvent_atoms.PDB_ins_code                      ? 
_pdbx_distant_solvent_atoms.neighbor_macromolecule_distance   6.26 
_pdbx_distant_solvent_atoms.neighbor_ligand_distance          . 
# 
loop_
_pdbx_unobs_or_zero_occ_residues.id 
_pdbx_unobs_or_zero_occ_residues.PDB_model_num 
_pdbx_unobs_or_zero_occ_residues.polymer_flag 
_pdbx_unobs_or_zero_occ_residues.occupancy_flag 
_pdbx_unobs_or_zero_occ_residues.auth_asym_id 
_pdbx_unobs_or_zero_occ_residues.auth_comp_id 
_pdbx_unobs_or_zero_occ_residues.auth_seq_id 
_pdbx_unobs_or_zero_occ_residues.PDB_ins_code 
_pdbx_unobs_or_zero_occ_residues.label_asym_id 
_pdbx_unobs_or_zero_occ_residues.label_comp_id 
_pdbx_unobs_or_zero_occ_residues.label_seq_id 
1  1 Y 1 A MET 1   ? A MET 1   
2  1 Y 1 A MET 2   ? A MET 2   
3  1 Y 1 A LYS 3   ? A LYS 3   
4  1 Y 1 A LEU 4   ? A LEU 4   
5  1 Y 1 A LYS 5   ? A LYS 5   
6  1 Y 1 A SER 6   ? A SER 6   
7  1 Y 1 A ASN 7   ? A ASN 7   
8  1 Y 1 A GLN 8   ? A GLN 8   
9  1 Y 1 A LEU 143 ? A LEU 143 
10 1 Y 1 A ARG 144 ? A ARG 144 
11 1 Y 1 A GLN 145 ? A GLN 145 
12 1 Y 1 A GLY 146 ? A GLY 146 
13 1 Y 1 A TYR 147 ? A TYR 147 
14 1 Y 1 A SER 148 ? A SER 148 
15 1 Y 1 A ALA 149 ? A ALA 149 
16 1 Y 1 A ASN 150 ? A ASN 150 
17 1 Y 1 A ASN 151 ? A ASN 151 
18 1 Y 1 A GLY 152 ? A GLY 152 
19 1 Y 1 A THR 153 ? A THR 153 
20 1 Y 1 A PRO 154 ? A PRO 154 
21 1 Y 1 A VAL 155 ? A VAL 155 
22 1 Y 1 A VAL 156 ? A VAL 156 
23 1 Y 1 A ALA 157 ? A ALA 157 
24 1 Y 1 A THR 158 ? A THR 158 
25 1 Y 1 A THR 159 ? A THR 159 
26 1 Y 1 A TYR 160 ? A TYR 160 
27 1 Y 1 A SER 161 ? A SER 161 
28 1 Y 1 A VAL 162 ? A VAL 162 
29 1 Y 1 A SER 163 ? A SER 163 
30 1 Y 1 A ALA 164 ? A ALA 164 
31 1 Y 1 A GLN 165 ? A GLN 165 
32 1 Y 1 A SER 166 ? A SER 166 
33 1 Y 1 A SER 167 ? A SER 167 
34 1 Y 1 A MET 168 ? A MET 168 
35 1 Y 1 A SER 169 ? A SER 169 
36 1 Y 1 A GLY 170 ? A GLY 170 
37 1 Y 1 A ILE 171 ? A ILE 171 
38 1 Y 1 A ARG 172 ? A ARG 172 
# 
loop_
_chem_comp_atom.comp_id 
_chem_comp_atom.atom_id 
_chem_comp_atom.type_symbol 
_chem_comp_atom.pdbx_aromatic_flag 
_chem_comp_atom.pdbx_stereo_config 
_chem_comp_atom.pdbx_ordinal 
ALA N    N  N N 1   
ALA CA   C  N S 2   
ALA C    C  N N 3   
ALA O    O  N N 4   
ALA CB   C  N N 5   
ALA OXT  O  N N 6   
ALA H    H  N N 7   
ALA H2   H  N N 8   
ALA HA   H  N N 9   
ALA HB1  H  N N 10  
ALA HB2  H  N N 11  
ALA HB3  H  N N 12  
ALA HXT  H  N N 13  
ARG N    N  N N 14  
ARG CA   C  N S 15  
ARG C    C  N N 16  
ARG O    O  N N 17  
ARG CB   C  N N 18  
ARG CG   C  N N 19  
ARG CD   C  N N 20  
ARG NE   N  N N 21  
ARG CZ   C  N N 22  
ARG NH1  N  N N 23  
ARG NH2  N  N N 24  
ARG OXT  O  N N 25  
ARG H    H  N N 26  
ARG H2   H  N N 27  
ARG HA   H  N N 28  
ARG HB2  H  N N 29  
ARG HB3  H  N N 30  
ARG HG2  H  N N 31  
ARG HG3  H  N N 32  
ARG HD2  H  N N 33  
ARG HD3  H  N N 34  
ARG HE   H  N N 35  
ARG HH11 H  N N 36  
ARG HH12 H  N N 37  
ARG HH21 H  N N 38  
ARG HH22 H  N N 39  
ARG HXT  H  N N 40  
ASN N    N  N N 41  
ASN CA   C  N S 42  
ASN C    C  N N 43  
ASN O    O  N N 44  
ASN CB   C  N N 45  
ASN CG   C  N N 46  
ASN OD1  O  N N 47  
ASN ND2  N  N N 48  
ASN OXT  O  N N 49  
ASN H    H  N N 50  
ASN H2   H  N N 51  
ASN HA   H  N N 52  
ASN HB2  H  N N 53  
ASN HB3  H  N N 54  
ASN HD21 H  N N 55  
ASN HD22 H  N N 56  
ASN HXT  H  N N 57  
ASP N    N  N N 58  
ASP CA   C  N S 59  
ASP C    C  N N 60  
ASP O    O  N N 61  
ASP CB   C  N N 62  
ASP CG   C  N N 63  
ASP OD1  O  N N 64  
ASP OD2  O  N N 65  
ASP OXT  O  N N 66  
ASP H    H  N N 67  
ASP H2   H  N N 68  
ASP HA   H  N N 69  
ASP HB2  H  N N 70  
ASP HB3  H  N N 71  
ASP HD2  H  N N 72  
ASP HXT  H  N N 73  
CL  CL   CL N N 74  
CYS N    N  N N 75  
CYS CA   C  N R 76  
CYS C    C  N N 77  
CYS O    O  N N 78  
CYS CB   C  N N 79  
CYS SG   S  N N 80  
CYS OXT  O  N N 81  
CYS H    H  N N 82  
CYS H2   H  N N 83  
CYS HA   H  N N 84  
CYS HB2  H  N N 85  
CYS HB3  H  N N 86  
CYS HG   H  N N 87  
CYS HXT  H  N N 88  
F   F    F  N N 89  
GLN N    N  N N 90  
GLN CA   C  N S 91  
GLN C    C  N N 92  
GLN O    O  N N 93  
GLN CB   C  N N 94  
GLN CG   C  N N 95  
GLN CD   C  N N 96  
GLN OE1  O  N N 97  
GLN NE2  N  N N 98  
GLN OXT  O  N N 99  
GLN H    H  N N 100 
GLN H2   H  N N 101 
GLN HA   H  N N 102 
GLN HB2  H  N N 103 
GLN HB3  H  N N 104 
GLN HG2  H  N N 105 
GLN HG3  H  N N 106 
GLN HE21 H  N N 107 
GLN HE22 H  N N 108 
GLN HXT  H  N N 109 
GLU N    N  N N 110 
GLU CA   C  N S 111 
GLU C    C  N N 112 
GLU O    O  N N 113 
GLU CB   C  N N 114 
GLU CG   C  N N 115 
GLU CD   C  N N 116 
GLU OE1  O  N N 117 
GLU OE2  O  N N 118 
GLU OXT  O  N N 119 
GLU H    H  N N 120 
GLU H2   H  N N 121 
GLU HA   H  N N 122 
GLU HB2  H  N N 123 
GLU HB3  H  N N 124 
GLU HG2  H  N N 125 
GLU HG3  H  N N 126 
GLU HE2  H  N N 127 
GLU HXT  H  N N 128 
GLY N    N  N N 129 
GLY CA   C  N N 130 
GLY C    C  N N 131 
GLY O    O  N N 132 
GLY OXT  O  N N 133 
GLY H    H  N N 134 
GLY H2   H  N N 135 
GLY HA2  H  N N 136 
GLY HA3  H  N N 137 
GLY HXT  H  N N 138 
HIS N    N  N N 139 
HIS CA   C  N S 140 
HIS C    C  N N 141 
HIS O    O  N N 142 
HIS CB   C  N N 143 
HIS CG   C  Y N 144 
HIS ND1  N  Y N 145 
HIS CD2  C  Y N 146 
HIS CE1  C  Y N 147 
HIS NE2  N  Y N 148 
HIS OXT  O  N N 149 
HIS H    H  N N 150 
HIS H2   H  N N 151 
HIS HA   H  N N 152 
HIS HB2  H  N N 153 
HIS HB3  H  N N 154 
HIS HD1  H  N N 155 
HIS HD2  H  N N 156 
HIS HE1  H  N N 157 
HIS HE2  H  N N 158 
HIS HXT  H  N N 159 
HOH O    O  N N 160 
HOH H1   H  N N 161 
HOH H2   H  N N 162 
ILE N    N  N N 163 
ILE CA   C  N S 164 
ILE C    C  N N 165 
ILE O    O  N N 166 
ILE CB   C  N S 167 
ILE CG1  C  N N 168 
ILE CG2  C  N N 169 
ILE CD1  C  N N 170 
ILE OXT  O  N N 171 
ILE H    H  N N 172 
ILE H2   H  N N 173 
ILE HA   H  N N 174 
ILE HB   H  N N 175 
ILE HG12 H  N N 176 
ILE HG13 H  N N 177 
ILE HG21 H  N N 178 
ILE HG22 H  N N 179 
ILE HG23 H  N N 180 
ILE HD11 H  N N 181 
ILE HD12 H  N N 182 
ILE HD13 H  N N 183 
ILE HXT  H  N N 184 
LEU N    N  N N 185 
LEU CA   C  N S 186 
LEU C    C  N N 187 
LEU O    O  N N 188 
LEU CB   C  N N 189 
LEU CG   C  N N 190 
LEU CD1  C  N N 191 
LEU CD2  C  N N 192 
LEU OXT  O  N N 193 
LEU H    H  N N 194 
LEU H2   H  N N 195 
LEU HA   H  N N 196 
LEU HB2  H  N N 197 
LEU HB3  H  N N 198 
LEU HG   H  N N 199 
LEU HD11 H  N N 200 
LEU HD12 H  N N 201 
LEU HD13 H  N N 202 
LEU HD21 H  N N 203 
LEU HD22 H  N N 204 
LEU HD23 H  N N 205 
LEU HXT  H  N N 206 
LYS N    N  N N 207 
LYS CA   C  N S 208 
LYS C    C  N N 209 
LYS O    O  N N 210 
LYS CB   C  N N 211 
LYS CG   C  N N 212 
LYS CD   C  N N 213 
LYS CE   C  N N 214 
LYS NZ   N  N N 215 
LYS OXT  O  N N 216 
LYS H    H  N N 217 
LYS H2   H  N N 218 
LYS HA   H  N N 219 
LYS HB2  H  N N 220 
LYS HB3  H  N N 221 
LYS HG2  H  N N 222 
LYS HG3  H  N N 223 
LYS HD2  H  N N 224 
LYS HD3  H  N N 225 
LYS HE2  H  N N 226 
LYS HE3  H  N N 227 
LYS HZ1  H  N N 228 
LYS HZ2  H  N N 229 
LYS HZ3  H  N N 230 
LYS HXT  H  N N 231 
MET N    N  N N 232 
MET CA   C  N S 233 
MET C    C  N N 234 
MET O    O  N N 235 
MET CB   C  N N 236 
MET CG   C  N N 237 
MET SD   S  N N 238 
MET CE   C  N N 239 
MET OXT  O  N N 240 
MET H    H  N N 241 
MET H2   H  N N 242 
MET HA   H  N N 243 
MET HB2  H  N N 244 
MET HB3  H  N N 245 
MET HG2  H  N N 246 
MET HG3  H  N N 247 
MET HE1  H  N N 248 
MET HE2  H  N N 249 
MET HE3  H  N N 250 
MET HXT  H  N N 251 
MG  MG   MG N N 252 
PHE N    N  N N 253 
PHE CA   C  N S 254 
PHE C    C  N N 255 
PHE O    O  N N 256 
PHE CB   C  N N 257 
PHE CG   C  Y N 258 
PHE CD1  C  Y N 259 
PHE CD2  C  Y N 260 
PHE CE1  C  Y N 261 
PHE CE2  C  Y N 262 
PHE CZ   C  Y N 263 
PHE OXT  O  N N 264 
PHE H    H  N N 265 
PHE H2   H  N N 266 
PHE HA   H  N N 267 
PHE HB2  H  N N 268 
PHE HB3  H  N N 269 
PHE HD1  H  N N 270 
PHE HD2  H  N N 271 
PHE HE1  H  N N 272 
PHE HE2  H  N N 273 
PHE HZ   H  N N 274 
PHE HXT  H  N N 275 
PRO N    N  N N 276 
PRO CA   C  N S 277 
PRO C    C  N N 278 
PRO O    O  N N 279 
PRO CB   C  N N 280 
PRO CG   C  N N 281 
PRO CD   C  N N 282 
PRO OXT  O  N N 283 
PRO H    H  N N 284 
PRO HA   H  N N 285 
PRO HB2  H  N N 286 
PRO HB3  H  N N 287 
PRO HG2  H  N N 288 
PRO HG3  H  N N 289 
PRO HD2  H  N N 290 
PRO HD3  H  N N 291 
PRO HXT  H  N N 292 
SER N    N  N N 293 
SER CA   C  N S 294 
SER C    C  N N 295 
SER O    O  N N 296 
SER CB   C  N N 297 
SER OG   O  N N 298 
SER OXT  O  N N 299 
SER H    H  N N 300 
SER H2   H  N N 301 
SER HA   H  N N 302 
SER HB2  H  N N 303 
SER HB3  H  N N 304 
SER HG   H  N N 305 
SER HXT  H  N N 306 
THR N    N  N N 307 
THR CA   C  N S 308 
THR C    C  N N 309 
THR O    O  N N 310 
THR CB   C  N R 311 
THR OG1  O  N N 312 
THR CG2  C  N N 313 
THR OXT  O  N N 314 
THR H    H  N N 315 
THR H2   H  N N 316 
THR HA   H  N N 317 
THR HB   H  N N 318 
THR HG1  H  N N 319 
THR HG21 H  N N 320 
THR HG22 H  N N 321 
THR HG23 H  N N 322 
THR HXT  H  N N 323 
TRP N    N  N N 324 
TRP CA   C  N S 325 
TRP C    C  N N 326 
TRP O    O  N N 327 
TRP CB   C  N N 328 
TRP CG   C  Y N 329 
TRP CD1  C  Y N 330 
TRP CD2  C  Y N 331 
TRP NE1  N  Y N 332 
TRP CE2  C  Y N 333 
TRP CE3  C  Y N 334 
TRP CZ2  C  Y N 335 
TRP CZ3  C  Y N 336 
TRP CH2  C  Y N 337 
TRP OXT  O  N N 338 
TRP H    H  N N 339 
TRP H2   H  N N 340 
TRP HA   H  N N 341 
TRP HB2  H  N N 342 
TRP HB3  H  N N 343 
TRP HD1  H  N N 344 
TRP HE1  H  N N 345 
TRP HE3  H  N N 346 
TRP HZ2  H  N N 347 
TRP HZ3  H  N N 348 
TRP HH2  H  N N 349 
TRP HXT  H  N N 350 
TYR N    N  N N 351 
TYR CA   C  N S 352 
TYR C    C  N N 353 
TYR O    O  N N 354 
TYR CB   C  N N 355 
TYR CG   C  Y N 356 
TYR CD1  C  Y N 357 
TYR CD2  C  Y N 358 
TYR CE1  C  Y N 359 
TYR CE2  C  Y N 360 
TYR CZ   C  Y N 361 
TYR OH   O  N N 362 
TYR OXT  O  N N 363 
TYR H    H  N N 364 
TYR H2   H  N N 365 
TYR HA   H  N N 366 
TYR HB2  H  N N 367 
TYR HB3  H  N N 368 
TYR HD1  H  N N 369 
TYR HD2  H  N N 370 
TYR HE1  H  N N 371 
TYR HE2  H  N N 372 
TYR HH   H  N N 373 
TYR HXT  H  N N 374 
VAL N    N  N N 375 
VAL CA   C  N S 376 
VAL C    C  N N 377 
VAL O    O  N N 378 
VAL CB   C  N N 379 
VAL CG1  C  N N 380 
VAL CG2  C  N N 381 
VAL OXT  O  N N 382 
VAL H    H  N N 383 
VAL H2   H  N N 384 
VAL HA   H  N N 385 
VAL HB   H  N N 386 
VAL HG11 H  N N 387 
VAL HG12 H  N N 388 
VAL HG13 H  N N 389 
VAL HG21 H  N N 390 
VAL HG22 H  N N 391 
VAL HG23 H  N N 392 
VAL HXT  H  N N 393 
ZM2 O34  O  N N 394 
ZM2 PA4  P  N N 395 
ZM2 O24  O  N N 396 
ZM2 O44  O  N N 397 
ZM2 O14  O  N N 398 
ZM2 C4   C  N S 399 
ZM2 C5   C  N R 400 
ZM2 O15  O  N N 401 
ZM2 PA5  P  N N 402 
ZM2 O35  O  N N 403 
ZM2 O45  O  N N 404 
ZM2 O25  O  N N 405 
ZM2 C6   C  N N 406 
ZM2 O16  O  N N 407 
ZM2 C1   C  N S 408 
ZM2 O11  O  N N 409 
ZM2 PA1  P  N N 410 
ZM2 O31  O  N N 411 
ZM2 O41  O  N N 412 
ZM2 O21  O  N N 413 
ZM2 C2   C  N S 414 
ZM2 O12  O  N N 415 
ZM2 PA2  P  N N 416 
ZM2 O32  O  N N 417 
ZM2 O42  O  N N 418 
ZM2 O22  O  N N 419 
ZM2 C3   C  N N 420 
ZM2 O13  O  N N 421 
ZM2 PA3  P  N N 422 
ZM2 O33  O  N N 423 
ZM2 O43  O  N N 424 
ZM2 O23  O  N N 425 
ZM2 PB3  P  N N 426 
ZM2 O63  O  N N 427 
ZM2 O73  O  N N 428 
ZM2 O53  O  N N 429 
ZM2 H1   H  N N 430 
ZM2 H2   H  N N 431 
ZM2 H3   H  N N 432 
ZM2 H4   H  N N 433 
ZM2 H5   H  N N 434 
ZM2 H6   H  N N 435 
ZM2 H7   H  N N 436 
ZM2 H8   H  N N 437 
ZM2 H9   H  N N 438 
ZM2 H10  H  N N 439 
ZM2 H11  H  N N 440 
ZM2 H12  H  N N 441 
ZM2 H13  H  N N 442 
ZM2 H14  H  N N 443 
ZM2 H15  H  N N 444 
ZM2 H16  H  N N 445 
ZM2 H17  H  N N 446 
ZM2 H18  H  N N 447 
# 
loop_
_chem_comp_bond.comp_id 
_chem_comp_bond.atom_id_1 
_chem_comp_bond.atom_id_2 
_chem_comp_bond.value_order 
_chem_comp_bond.pdbx_aromatic_flag 
_chem_comp_bond.pdbx_stereo_config 
_chem_comp_bond.pdbx_ordinal 
ALA N   CA   sing N N 1   
ALA N   H    sing N N 2   
ALA N   H2   sing N N 3   
ALA CA  C    sing N N 4   
ALA CA  CB   sing N N 5   
ALA CA  HA   sing N N 6   
ALA C   O    doub N N 7   
ALA C   OXT  sing N N 8   
ALA CB  HB1  sing N N 9   
ALA CB  HB2  sing N N 10  
ALA CB  HB3  sing N N 11  
ALA OXT HXT  sing N N 12  
ARG N   CA   sing N N 13  
ARG N   H    sing N N 14  
ARG N   H2   sing N N 15  
ARG CA  C    sing N N 16  
ARG CA  CB   sing N N 17  
ARG CA  HA   sing N N 18  
ARG C   O    doub N N 19  
ARG C   OXT  sing N N 20  
ARG CB  CG   sing N N 21  
ARG CB  HB2  sing N N 22  
ARG CB  HB3  sing N N 23  
ARG CG  CD   sing N N 24  
ARG CG  HG2  sing N N 25  
ARG CG  HG3  sing N N 26  
ARG CD  NE   sing N N 27  
ARG CD  HD2  sing N N 28  
ARG CD  HD3  sing N N 29  
ARG NE  CZ   sing N N 30  
ARG NE  HE   sing N N 31  
ARG CZ  NH1  sing N N 32  
ARG CZ  NH2  doub N N 33  
ARG NH1 HH11 sing N N 34  
ARG NH1 HH12 sing N N 35  
ARG NH2 HH21 sing N N 36  
ARG NH2 HH22 sing N N 37  
ARG OXT HXT  sing N N 38  
ASN N   CA   sing N N 39  
ASN N   H    sing N N 40  
ASN N   H2   sing N N 41  
ASN CA  C    sing N N 42  
ASN CA  CB   sing N N 43  
ASN CA  HA   sing N N 44  
ASN C   O    doub N N 45  
ASN C   OXT  sing N N 46  
ASN CB  CG   sing N N 47  
ASN CB  HB2  sing N N 48  
ASN CB  HB3  sing N N 49  
ASN CG  OD1  doub N N 50  
ASN CG  ND2  sing N N 51  
ASN ND2 HD21 sing N N 52  
ASN ND2 HD22 sing N N 53  
ASN OXT HXT  sing N N 54  
ASP N   CA   sing N N 55  
ASP N   H    sing N N 56  
ASP N   H2   sing N N 57  
ASP CA  C    sing N N 58  
ASP CA  CB   sing N N 59  
ASP CA  HA   sing N N 60  
ASP C   O    doub N N 61  
ASP C   OXT  sing N N 62  
ASP CB  CG   sing N N 63  
ASP CB  HB2  sing N N 64  
ASP CB  HB3  sing N N 65  
ASP CG  OD1  doub N N 66  
ASP CG  OD2  sing N N 67  
ASP OD2 HD2  sing N N 68  
ASP OXT HXT  sing N N 69  
CYS N   CA   sing N N 70  
CYS N   H    sing N N 71  
CYS N   H2   sing N N 72  
CYS CA  C    sing N N 73  
CYS CA  CB   sing N N 74  
CYS CA  HA   sing N N 75  
CYS C   O    doub N N 76  
CYS C   OXT  sing N N 77  
CYS CB  SG   sing N N 78  
CYS CB  HB2  sing N N 79  
CYS CB  HB3  sing N N 80  
CYS SG  HG   sing N N 81  
CYS OXT HXT  sing N N 82  
GLN N   CA   sing N N 83  
GLN N   H    sing N N 84  
GLN N   H2   sing N N 85  
GLN CA  C    sing N N 86  
GLN CA  CB   sing N N 87  
GLN CA  HA   sing N N 88  
GLN C   O    doub N N 89  
GLN C   OXT  sing N N 90  
GLN CB  CG   sing N N 91  
GLN CB  HB2  sing N N 92  
GLN CB  HB3  sing N N 93  
GLN CG  CD   sing N N 94  
GLN CG  HG2  sing N N 95  
GLN CG  HG3  sing N N 96  
GLN CD  OE1  doub N N 97  
GLN CD  NE2  sing N N 98  
GLN NE2 HE21 sing N N 99  
GLN NE2 HE22 sing N N 100 
GLN OXT HXT  sing N N 101 
GLU N   CA   sing N N 102 
GLU N   H    sing N N 103 
GLU N   H2   sing N N 104 
GLU CA  C    sing N N 105 
GLU CA  CB   sing N N 106 
GLU CA  HA   sing N N 107 
GLU C   O    doub N N 108 
GLU C   OXT  sing N N 109 
GLU CB  CG   sing N N 110 
GLU CB  HB2  sing N N 111 
GLU CB  HB3  sing N N 112 
GLU CG  CD   sing N N 113 
GLU CG  HG2  sing N N 114 
GLU CG  HG3  sing N N 115 
GLU CD  OE1  doub N N 116 
GLU CD  OE2  sing N N 117 
GLU OE2 HE2  sing N N 118 
GLU OXT HXT  sing N N 119 
GLY N   CA   sing N N 120 
GLY N   H    sing N N 121 
GLY N   H2   sing N N 122 
GLY CA  C    sing N N 123 
GLY CA  HA2  sing N N 124 
GLY CA  HA3  sing N N 125 
GLY C   O    doub N N 126 
GLY C   OXT  sing N N 127 
GLY OXT HXT  sing N N 128 
HIS N   CA   sing N N 129 
HIS N   H    sing N N 130 
HIS N   H2   sing N N 131 
HIS CA  C    sing N N 132 
HIS CA  CB   sing N N 133 
HIS CA  HA   sing N N 134 
HIS C   O    doub N N 135 
HIS C   OXT  sing N N 136 
HIS CB  CG   sing N N 137 
HIS CB  HB2  sing N N 138 
HIS CB  HB3  sing N N 139 
HIS CG  ND1  sing Y N 140 
HIS CG  CD2  doub Y N 141 
HIS ND1 CE1  doub Y N 142 
HIS ND1 HD1  sing N N 143 
HIS CD2 NE2  sing Y N 144 
HIS CD2 HD2  sing N N 145 
HIS CE1 NE2  sing Y N 146 
HIS CE1 HE1  sing N N 147 
HIS NE2 HE2  sing N N 148 
HIS OXT HXT  sing N N 149 
HOH O   H1   sing N N 150 
HOH O   H2   sing N N 151 
ILE N   CA   sing N N 152 
ILE N   H    sing N N 153 
ILE N   H2   sing N N 154 
ILE CA  C    sing N N 155 
ILE CA  CB   sing N N 156 
ILE CA  HA   sing N N 157 
ILE C   O    doub N N 158 
ILE C   OXT  sing N N 159 
ILE CB  CG1  sing N N 160 
ILE CB  CG2  sing N N 161 
ILE CB  HB   sing N N 162 
ILE CG1 CD1  sing N N 163 
ILE CG1 HG12 sing N N 164 
ILE CG1 HG13 sing N N 165 
ILE CG2 HG21 sing N N 166 
ILE CG2 HG22 sing N N 167 
ILE CG2 HG23 sing N N 168 
ILE CD1 HD11 sing N N 169 
ILE CD1 HD12 sing N N 170 
ILE CD1 HD13 sing N N 171 
ILE OXT HXT  sing N N 172 
LEU N   CA   sing N N 173 
LEU N   H    sing N N 174 
LEU N   H2   sing N N 175 
LEU CA  C    sing N N 176 
LEU CA  CB   sing N N 177 
LEU CA  HA   sing N N 178 
LEU C   O    doub N N 179 
LEU C   OXT  sing N N 180 
LEU CB  CG   sing N N 181 
LEU CB  HB2  sing N N 182 
LEU CB  HB3  sing N N 183 
LEU CG  CD1  sing N N 184 
LEU CG  CD2  sing N N 185 
LEU CG  HG   sing N N 186 
LEU CD1 HD11 sing N N 187 
LEU CD1 HD12 sing N N 188 
LEU CD1 HD13 sing N N 189 
LEU CD2 HD21 sing N N 190 
LEU CD2 HD22 sing N N 191 
LEU CD2 HD23 sing N N 192 
LEU OXT HXT  sing N N 193 
LYS N   CA   sing N N 194 
LYS N   H    sing N N 195 
LYS N   H2   sing N N 196 
LYS CA  C    sing N N 197 
LYS CA  CB   sing N N 198 
LYS CA  HA   sing N N 199 
LYS C   O    doub N N 200 
LYS C   OXT  sing N N 201 
LYS CB  CG   sing N N 202 
LYS CB  HB2  sing N N 203 
LYS CB  HB3  sing N N 204 
LYS CG  CD   sing N N 205 
LYS CG  HG2  sing N N 206 
LYS CG  HG3  sing N N 207 
LYS CD  CE   sing N N 208 
LYS CD  HD2  sing N N 209 
LYS CD  HD3  sing N N 210 
LYS CE  NZ   sing N N 211 
LYS CE  HE2  sing N N 212 
LYS CE  HE3  sing N N 213 
LYS NZ  HZ1  sing N N 214 
LYS NZ  HZ2  sing N N 215 
LYS NZ  HZ3  sing N N 216 
LYS OXT HXT  sing N N 217 
MET N   CA   sing N N 218 
MET N   H    sing N N 219 
MET N   H2   sing N N 220 
MET CA  C    sing N N 221 
MET CA  CB   sing N N 222 
MET CA  HA   sing N N 223 
MET C   O    doub N N 224 
MET C   OXT  sing N N 225 
MET CB  CG   sing N N 226 
MET CB  HB2  sing N N 227 
MET CB  HB3  sing N N 228 
MET CG  SD   sing N N 229 
MET CG  HG2  sing N N 230 
MET CG  HG3  sing N N 231 
MET SD  CE   sing N N 232 
MET CE  HE1  sing N N 233 
MET CE  HE2  sing N N 234 
MET CE  HE3  sing N N 235 
MET OXT HXT  sing N N 236 
PHE N   CA   sing N N 237 
PHE N   H    sing N N 238 
PHE N   H2   sing N N 239 
PHE CA  C    sing N N 240 
PHE CA  CB   sing N N 241 
PHE CA  HA   sing N N 242 
PHE C   O    doub N N 243 
PHE C   OXT  sing N N 244 
PHE CB  CG   sing N N 245 
PHE CB  HB2  sing N N 246 
PHE CB  HB3  sing N N 247 
PHE CG  CD1  doub Y N 248 
PHE CG  CD2  sing Y N 249 
PHE CD1 CE1  sing Y N 250 
PHE CD1 HD1  sing N N 251 
PHE CD2 CE2  doub Y N 252 
PHE CD2 HD2  sing N N 253 
PHE CE1 CZ   doub Y N 254 
PHE CE1 HE1  sing N N 255 
PHE CE2 CZ   sing Y N 256 
PHE CE2 HE2  sing N N 257 
PHE CZ  HZ   sing N N 258 
PHE OXT HXT  sing N N 259 
PRO N   CA   sing N N 260 
PRO N   CD   sing N N 261 
PRO N   H    sing N N 262 
PRO CA  C    sing N N 263 
PRO CA  CB   sing N N 264 
PRO CA  HA   sing N N 265 
PRO C   O    doub N N 266 
PRO C   OXT  sing N N 267 
PRO CB  CG   sing N N 268 
PRO CB  HB2  sing N N 269 
PRO CB  HB3  sing N N 270 
PRO CG  CD   sing N N 271 
PRO CG  HG2  sing N N 272 
PRO CG  HG3  sing N N 273 
PRO CD  HD2  sing N N 274 
PRO CD  HD3  sing N N 275 
PRO OXT HXT  sing N N 276 
SER N   CA   sing N N 277 
SER N   H    sing N N 278 
SER N   H2   sing N N 279 
SER CA  C    sing N N 280 
SER CA  CB   sing N N 281 
SER CA  HA   sing N N 282 
SER C   O    doub N N 283 
SER C   OXT  sing N N 284 
SER CB  OG   sing N N 285 
SER CB  HB2  sing N N 286 
SER CB  HB3  sing N N 287 
SER OG  HG   sing N N 288 
SER OXT HXT  sing N N 289 
THR N   CA   sing N N 290 
THR N   H    sing N N 291 
THR N   H2   sing N N 292 
THR CA  C    sing N N 293 
THR CA  CB   sing N N 294 
THR CA  HA   sing N N 295 
THR C   O    doub N N 296 
THR C   OXT  sing N N 297 
THR CB  OG1  sing N N 298 
THR CB  CG2  sing N N 299 
THR CB  HB   sing N N 300 
THR OG1 HG1  sing N N 301 
THR CG2 HG21 sing N N 302 
THR CG2 HG22 sing N N 303 
THR CG2 HG23 sing N N 304 
THR OXT HXT  sing N N 305 
TRP N   CA   sing N N 306 
TRP N   H    sing N N 307 
TRP N   H2   sing N N 308 
TRP CA  C    sing N N 309 
TRP CA  CB   sing N N 310 
TRP CA  HA   sing N N 311 
TRP C   O    doub N N 312 
TRP C   OXT  sing N N 313 
TRP CB  CG   sing N N 314 
TRP CB  HB2  sing N N 315 
TRP CB  HB3  sing N N 316 
TRP CG  CD1  doub Y N 317 
TRP CG  CD2  sing Y N 318 
TRP CD1 NE1  sing Y N 319 
TRP CD1 HD1  sing N N 320 
TRP CD2 CE2  doub Y N 321 
TRP CD2 CE3  sing Y N 322 
TRP NE1 CE2  sing Y N 323 
TRP NE1 HE1  sing N N 324 
TRP CE2 CZ2  sing Y N 325 
TRP CE3 CZ3  doub Y N 326 
TRP CE3 HE3  sing N N 327 
TRP CZ2 CH2  doub Y N 328 
TRP CZ2 HZ2  sing N N 329 
TRP CZ3 CH2  sing Y N 330 
TRP CZ3 HZ3  sing N N 331 
TRP CH2 HH2  sing N N 332 
TRP OXT HXT  sing N N 333 
TYR N   CA   sing N N 334 
TYR N   H    sing N N 335 
TYR N   H2   sing N N 336 
TYR CA  C    sing N N 337 
TYR CA  CB   sing N N 338 
TYR CA  HA   sing N N 339 
TYR C   O    doub N N 340 
TYR C   OXT  sing N N 341 
TYR CB  CG   sing N N 342 
TYR CB  HB2  sing N N 343 
TYR CB  HB3  sing N N 344 
TYR CG  CD1  doub Y N 345 
TYR CG  CD2  sing Y N 346 
TYR CD1 CE1  sing Y N 347 
TYR CD1 HD1  sing N N 348 
TYR CD2 CE2  doub Y N 349 
TYR CD2 HD2  sing N N 350 
TYR CE1 CZ   doub Y N 351 
TYR CE1 HE1  sing N N 352 
TYR CE2 CZ   sing Y N 353 
TYR CE2 HE2  sing N N 354 
TYR CZ  OH   sing N N 355 
TYR OH  HH   sing N N 356 
TYR OXT HXT  sing N N 357 
VAL N   CA   sing N N 358 
VAL N   H    sing N N 359 
VAL N   H2   sing N N 360 
VAL CA  C    sing N N 361 
VAL CA  CB   sing N N 362 
VAL CA  HA   sing N N 363 
VAL C   O    doub N N 364 
VAL C   OXT  sing N N 365 
VAL CB  CG1  sing N N 366 
VAL CB  CG2  sing N N 367 
VAL CB  HB   sing N N 368 
VAL CG1 HG11 sing N N 369 
VAL CG1 HG12 sing N N 370 
VAL CG1 HG13 sing N N 371 
VAL CG2 HG21 sing N N 372 
VAL CG2 HG22 sing N N 373 
VAL CG2 HG23 sing N N 374 
VAL OXT HXT  sing N N 375 
ZM2 O31 PA1  doub N N 376 
ZM2 PA1 O21  sing N N 377 
ZM2 PA1 O41  sing N N 378 
ZM2 PA1 O11  sing N N 379 
ZM2 O11 C1   sing N N 380 
ZM2 O16 C6   sing N N 381 
ZM2 O22 PA2  doub N N 382 
ZM2 C1  C6   sing N N 383 
ZM2 C1  C2   sing N N 384 
ZM2 C6  C5   sing N N 385 
ZM2 O32 PA2  sing N N 386 
ZM2 PA2 O12  sing N N 387 
ZM2 PA2 O42  sing N N 388 
ZM2 C2  O12  sing N N 389 
ZM2 C2  C3   sing N N 390 
ZM2 O25 PA5  doub N N 391 
ZM2 C5  O15  sing N N 392 
ZM2 C5  C4   sing N N 393 
ZM2 O15 PA5  sing N N 394 
ZM2 O35 PA5  sing N N 395 
ZM2 C3  C4   sing N N 396 
ZM2 C3  O13  sing N N 397 
ZM2 PA5 O45  sing N N 398 
ZM2 C4  O14  sing N N 399 
ZM2 O43 PA3  doub N N 400 
ZM2 O13 PA3  sing N N 401 
ZM2 PA3 O33  sing N N 402 
ZM2 PA3 O23  sing N N 403 
ZM2 O14 PA4  sing N N 404 
ZM2 O53 PB3  doub N N 405 
ZM2 O34 PA4  doub N N 406 
ZM2 O73 PB3  sing N N 407 
ZM2 PA4 O24  sing N N 408 
ZM2 PA4 O44  sing N N 409 
ZM2 O23 PB3  sing N N 410 
ZM2 PB3 O63  sing N N 411 
ZM2 O24 H1   sing N N 412 
ZM2 O44 H2   sing N N 413 
ZM2 C4  H3   sing N N 414 
ZM2 C5  H4   sing N N 415 
ZM2 O35 H5   sing N N 416 
ZM2 O45 H6   sing N N 417 
ZM2 C6  H7   sing N N 418 
ZM2 O16 H8   sing N N 419 
ZM2 C1  H9   sing N N 420 
ZM2 O41 H10  sing N N 421 
ZM2 O21 H11  sing N N 422 
ZM2 C2  H12  sing N N 423 
ZM2 O32 H13  sing N N 424 
ZM2 O42 H14  sing N N 425 
ZM2 C3  H15  sing N N 426 
ZM2 O33 H16  sing N N 427 
ZM2 O63 H17  sing N N 428 
ZM2 O73 H18  sing N N 429 
# 
_pdbx_audit_support.funding_organization   
'National Institutes of Health/National Institute of Environmental Health Sciences (NIH/NIEHS)' 
_pdbx_audit_support.country                'United States' 
_pdbx_audit_support.grant_number           1ZIAES080046-31 
_pdbx_audit_support.ordinal                1 
# 
loop_
_pdbx_entity_instance_feature.ordinal 
_pdbx_entity_instance_feature.comp_id 
_pdbx_entity_instance_feature.asym_id 
_pdbx_entity_instance_feature.seq_num 
_pdbx_entity_instance_feature.auth_comp_id 
_pdbx_entity_instance_feature.auth_asym_id 
_pdbx_entity_instance_feature.auth_seq_num 
_pdbx_entity_instance_feature.feature_type 
_pdbx_entity_instance_feature.details 
1 CL  ? ? CL  ? ? 'SUBJECT OF INVESTIGATION' ? 
2 F   ? ? F   ? ? 'SUBJECT OF INVESTIGATION' ? 
3 MG  ? ? MG  ? ? 'SUBJECT OF INVESTIGATION' ? 
4 ZM2 ? ? ZM2 ? ? 'SUBJECT OF INVESTIGATION' ? 
# 
loop_
_pdbx_entity_nonpoly.entity_id 
_pdbx_entity_nonpoly.name 
_pdbx_entity_nonpoly.comp_id 
2 'MAGNESIUM ION'                                                                                  MG  
3 'CHLORIDE ION'                                                                                   CL  
4 'FLUORIDE ION'                                                                                   F   
5 '(1R,2S,3R,4R,5S,6S)-4-hydroxy-2,3,5,6-tetrakis(phosphonooxy)cyclohexyl trihydrogen diphosphate' ZM2 
6 water                                                                                            HOH 
# 
_pdbx_initial_refinement_model.id               1 
_pdbx_initial_refinement_model.entity_id_list   ? 
_pdbx_initial_refinement_model.type             'experimental model' 
_pdbx_initial_refinement_model.source_name      PDB 
_pdbx_initial_refinement_model.accession_code   6WO7 
_pdbx_initial_refinement_model.details          'PDB entry 6wo7' 
# 
_pdbx_struct_assembly_auth_evidence.id                     1 
_pdbx_struct_assembly_auth_evidence.assembly_id            1 
_pdbx_struct_assembly_auth_evidence.experimental_support   'gel filtration' 
_pdbx_struct_assembly_auth_evidence.details                SDS-PAGE 
# 
